data_7KIG
# 
_entry.id   7KIG 
# 
_audit_conform.dict_name       mmcif_pdbx.dic 
_audit_conform.dict_version    5.380 
_audit_conform.dict_location   http://mmcif.pdb.org/dictionaries/ascii/mmcif_pdbx.dic 
# 
loop_
_database_2.database_id 
_database_2.database_code 
_database_2.pdbx_database_accession 
_database_2.pdbx_DOI 
PDB   7KIG         pdb_00007kig 10.2210/pdb7kig/pdb 
WWPDB D_1000252500 ?            ?                   
# 
_pdbx_database_status.status_code                     REL 
_pdbx_database_status.status_code_sf                  REL 
_pdbx_database_status.status_code_mr                  ? 
_pdbx_database_status.entry_id                        7KIG 
_pdbx_database_status.recvd_initial_deposition_date   2020-10-23 
_pdbx_database_status.SG_entry                        N 
_pdbx_database_status.deposit_site                    RCSB 
_pdbx_database_status.process_site                    RCSB 
_pdbx_database_status.status_code_cs                  ? 
_pdbx_database_status.status_code_nmr_data            ? 
_pdbx_database_status.methods_development_category    ? 
_pdbx_database_status.pdb_format_compatible           Y 
# 
loop_
_audit_author.name 
_audit_author.pdbx_ordinal 
_audit_author.identifier_ORCID 
'Walton, W.G.'  1 0000-0001-6745-534X 
'Redinbo, M.R.' 2 0000-0003-0814-5346 
'Dangl, J.L.'   3 0000-0003-3199-8654 
# 
_citation.abstract                  ? 
_citation.abstract_id_CAS           ? 
_citation.book_id_ISBN              ? 
_citation.book_publisher            ? 
_citation.book_publisher_city       ? 
_citation.book_title                ? 
_citation.coordinate_linkage        ? 
_citation.country                   UK 
_citation.database_id_Medline       ? 
_citation.details                   ? 
_citation.id                        primary 
_citation.journal_abbrev            'Nat Microbiol' 
_citation.journal_id_ASTM           ? 
_citation.journal_id_CSD            ? 
_citation.journal_id_ISSN           2058-5276 
_citation.journal_full              ? 
_citation.journal_issue             ? 
_citation.journal_volume            7 
_citation.language                  ? 
_citation.page_first                1817 
_citation.page_last                 1833 
_citation.title                     'Diverse MarR bacterial regulators of auxin catabolism in the plant microbiome.' 
_citation.year                      2022 
_citation.database_id_CSD           ? 
_citation.pdbx_database_id_DOI      10.1038/s41564-022-01244-3 
_citation.pdbx_database_id_PubMed   36266335 
_citation.unpublished_flag          ? 
# 
loop_
_citation_author.citation_id 
_citation_author.name 
_citation_author.ordinal 
_citation_author.identifier_ORCID 
primary 'Conway, J.M.'       1  0000-0002-2715-2149 
primary 'Walton, W.G.'       2  ?                   
primary 'Salas-Gonzalez, I.' 3  0000-0002-0347-5058 
primary 'Law, T.F.'          4  ?                   
primary 'Lindberg, C.A.'     5  ?                   
primary 'Crook, L.E.'        6  ?                   
primary 'Kosina, S.M.'       7  0000-0003-2885-1248 
primary 'Fitzpatrick, C.R.'  8  ?                   
primary 'Lietzan, A.D.'      9  0000-0001-6388-2491 
primary 'Northen, T.R.'      10 0000-0001-8404-3259 
primary 'Jones, C.D.'        11 ?                   
primary 'Finkel, O.M.'       12 0000-0003-4770-0402 
primary 'Redinbo, M.R.'      13 0000-0003-0814-5346 
primary 'Dangl, J.L.'        14 0000-0003-3199-8654 
# 
_cell.angle_alpha                  90.000 
_cell.angle_alpha_esd              ? 
_cell.angle_beta                   90.000 
_cell.angle_beta_esd               ? 
_cell.angle_gamma                  90.000 
_cell.angle_gamma_esd              ? 
_cell.entry_id                     7KIG 
_cell.details                      ? 
_cell.formula_units_Z              ? 
_cell.length_a                     55.007 
_cell.length_a_esd                 ? 
_cell.length_b                     114.232 
_cell.length_b_esd                 ? 
_cell.length_c                     116.595 
_cell.length_c_esd                 ? 
_cell.volume                       732631.634 
_cell.volume_esd                   ? 
_cell.Z_PDB                        16 
_cell.reciprocal_angle_alpha       ? 
_cell.reciprocal_angle_beta        ? 
_cell.reciprocal_angle_gamma       ? 
_cell.reciprocal_angle_alpha_esd   ? 
_cell.reciprocal_angle_beta_esd    ? 
_cell.reciprocal_angle_gamma_esd   ? 
_cell.reciprocal_length_a          ? 
_cell.reciprocal_length_b          ? 
_cell.reciprocal_length_c          ? 
_cell.reciprocal_length_a_esd      ? 
_cell.reciprocal_length_b_esd      ? 
_cell.reciprocal_length_c_esd      ? 
_cell.pdbx_unique_axis             ? 
# 
_symmetry.entry_id                         7KIG 
_symmetry.cell_setting                     ? 
_symmetry.Int_Tables_number                22 
_symmetry.space_group_name_Hall            'F 2 2' 
_symmetry.space_group_name_H-M             'F 2 2 2' 
_symmetry.pdbx_full_space_group_name_H-M   ? 
# 
loop_
_entity.id 
_entity.type 
_entity.src_method 
_entity.pdbx_description 
_entity.formula_weight 
_entity.pdbx_number_of_molecules 
_entity.pdbx_ec 
_entity.pdbx_mutation 
_entity.pdbx_fragment 
_entity.details 
1 polymer     man 'Transcriptional regulator, MarR family' 20969.717 1   ? ? ? ? 
2 non-polymer syn '3-INDOLEBUTYRIC ACID'                   203.237   1   ? ? ? ? 
3 non-polymer syn 'SULFATE ION'                            96.063    2   ? ? ? ? 
4 water       nat water                                    18.015    126 ? ? ? ? 
# 
_entity_poly.entity_id                      1 
_entity_poly.type                           'polypeptide(L)' 
_entity_poly.nstd_linkage                   no 
_entity_poly.nstd_monomer                   no 
_entity_poly.pdbx_seq_one_letter_code       
;MHHHHHHSSGVDLGTENLYFQSNAMAEQPPETHRFVDDYLPALLAQASQLISSEFHEVARQHGFSVSEWRVMASLAGSEP
ISIGQLAQVTVTKQPTVTRLLDRMEARGQVERLPHESDRRITLVRITRKGLKAVEHLMELAREHERRVLEPFGLRRAEEL
KQTLRQMIDLHVHVPVEEPEED
;
_entity_poly.pdbx_seq_one_letter_code_can   
;MHHHHHHSSGVDLGTENLYFQSNAMAEQPPETHRFVDDYLPALLAQASQLISSEFHEVARQHGFSVSEWRVMASLAGSEP
ISIGQLAQVTVTKQPTVTRLLDRMEARGQVERLPHESDRRITLVRITRKGLKAVEHLMELAREHERRVLEPFGLRRAEEL
KQTLRQMIDLHVHVPVEEPEED
;
_entity_poly.pdbx_strand_id                 A 
_entity_poly.pdbx_target_identifier         ? 
# 
loop_
_entity_poly_seq.entity_id 
_entity_poly_seq.num 
_entity_poly_seq.mon_id 
_entity_poly_seq.hetero 
1 1   MET n 
1 2   HIS n 
1 3   HIS n 
1 4   HIS n 
1 5   HIS n 
1 6   HIS n 
1 7   HIS n 
1 8   SER n 
1 9   SER n 
1 10  GLY n 
1 11  VAL n 
1 12  ASP n 
1 13  LEU n 
1 14  GLY n 
1 15  THR n 
1 16  GLU n 
1 17  ASN n 
1 18  LEU n 
1 19  TYR n 
1 20  PHE n 
1 21  GLN n 
1 22  SER n 
1 23  ASN n 
1 24  ALA n 
1 25  MET n 
1 26  ALA n 
1 27  GLU n 
1 28  GLN n 
1 29  PRO n 
1 30  PRO n 
1 31  GLU n 
1 32  THR n 
1 33  HIS n 
1 34  ARG n 
1 35  PHE n 
1 36  VAL n 
1 37  ASP n 
1 38  ASP n 
1 39  TYR n 
1 40  LEU n 
1 41  PRO n 
1 42  ALA n 
1 43  LEU n 
1 44  LEU n 
1 45  ALA n 
1 46  GLN n 
1 47  ALA n 
1 48  SER n 
1 49  GLN n 
1 50  LEU n 
1 51  ILE n 
1 52  SER n 
1 53  SER n 
1 54  GLU n 
1 55  PHE n 
1 56  HIS n 
1 57  GLU n 
1 58  VAL n 
1 59  ALA n 
1 60  ARG n 
1 61  GLN n 
1 62  HIS n 
1 63  GLY n 
1 64  PHE n 
1 65  SER n 
1 66  VAL n 
1 67  SER n 
1 68  GLU n 
1 69  TRP n 
1 70  ARG n 
1 71  VAL n 
1 72  MET n 
1 73  ALA n 
1 74  SER n 
1 75  LEU n 
1 76  ALA n 
1 77  GLY n 
1 78  SER n 
1 79  GLU n 
1 80  PRO n 
1 81  ILE n 
1 82  SER n 
1 83  ILE n 
1 84  GLY n 
1 85  GLN n 
1 86  LEU n 
1 87  ALA n 
1 88  GLN n 
1 89  VAL n 
1 90  THR n 
1 91  VAL n 
1 92  THR n 
1 93  LYS n 
1 94  GLN n 
1 95  PRO n 
1 96  THR n 
1 97  VAL n 
1 98  THR n 
1 99  ARG n 
1 100 LEU n 
1 101 LEU n 
1 102 ASP n 
1 103 ARG n 
1 104 MET n 
1 105 GLU n 
1 106 ALA n 
1 107 ARG n 
1 108 GLY n 
1 109 GLN n 
1 110 VAL n 
1 111 GLU n 
1 112 ARG n 
1 113 LEU n 
1 114 PRO n 
1 115 HIS n 
1 116 GLU n 
1 117 SER n 
1 118 ASP n 
1 119 ARG n 
1 120 ARG n 
1 121 ILE n 
1 122 THR n 
1 123 LEU n 
1 124 VAL n 
1 125 ARG n 
1 126 ILE n 
1 127 THR n 
1 128 ARG n 
1 129 LYS n 
1 130 GLY n 
1 131 LEU n 
1 132 LYS n 
1 133 ALA n 
1 134 VAL n 
1 135 GLU n 
1 136 HIS n 
1 137 LEU n 
1 138 MET n 
1 139 GLU n 
1 140 LEU n 
1 141 ALA n 
1 142 ARG n 
1 143 GLU n 
1 144 HIS n 
1 145 GLU n 
1 146 ARG n 
1 147 ARG n 
1 148 VAL n 
1 149 LEU n 
1 150 GLU n 
1 151 PRO n 
1 152 PHE n 
1 153 GLY n 
1 154 LEU n 
1 155 ARG n 
1 156 ARG n 
1 157 ALA n 
1 158 GLU n 
1 159 GLU n 
1 160 LEU n 
1 161 LYS n 
1 162 GLN n 
1 163 THR n 
1 164 LEU n 
1 165 ARG n 
1 166 GLN n 
1 167 MET n 
1 168 ILE n 
1 169 ASP n 
1 170 LEU n 
1 171 HIS n 
1 172 VAL n 
1 173 HIS n 
1 174 VAL n 
1 175 PRO n 
1 176 VAL n 
1 177 GLU n 
1 178 GLU n 
1 179 PRO n 
1 180 GLU n 
1 181 GLU n 
1 182 ASP n 
# 
_entity_src_gen.entity_id                          1 
_entity_src_gen.pdbx_src_id                        1 
_entity_src_gen.pdbx_alt_source_flag               sample 
_entity_src_gen.pdbx_seq_type                      'Biological sequence' 
_entity_src_gen.pdbx_beg_seq_num                   1 
_entity_src_gen.pdbx_end_seq_num                   182 
_entity_src_gen.gene_src_common_name               ? 
_entity_src_gen.gene_src_genus                     ? 
_entity_src_gen.pdbx_gene_src_gene                 Vapar_1489 
_entity_src_gen.gene_src_species                   ? 
_entity_src_gen.gene_src_strain                    ? 
_entity_src_gen.gene_src_tissue                    ? 
_entity_src_gen.gene_src_tissue_fraction           ? 
_entity_src_gen.gene_src_details                   ? 
_entity_src_gen.pdbx_gene_src_fragment             ? 
_entity_src_gen.pdbx_gene_src_scientific_name      'Variovorax paradoxus' 
_entity_src_gen.pdbx_gene_src_ncbi_taxonomy_id     34073 
_entity_src_gen.pdbx_gene_src_variant              ? 
_entity_src_gen.pdbx_gene_src_cell_line            ? 
_entity_src_gen.pdbx_gene_src_atcc                 ? 
_entity_src_gen.pdbx_gene_src_organ                ? 
_entity_src_gen.pdbx_gene_src_organelle            ? 
_entity_src_gen.pdbx_gene_src_cell                 ? 
_entity_src_gen.pdbx_gene_src_cellular_location    ? 
_entity_src_gen.host_org_common_name               ? 
_entity_src_gen.pdbx_host_org_scientific_name      'Escherichia coli' 
_entity_src_gen.pdbx_host_org_ncbi_taxonomy_id     562 
_entity_src_gen.host_org_genus                     ? 
_entity_src_gen.pdbx_host_org_gene                 ? 
_entity_src_gen.pdbx_host_org_organ                ? 
_entity_src_gen.host_org_species                   ? 
_entity_src_gen.pdbx_host_org_tissue               ? 
_entity_src_gen.pdbx_host_org_tissue_fraction      ? 
_entity_src_gen.pdbx_host_org_strain               ? 
_entity_src_gen.pdbx_host_org_variant              ? 
_entity_src_gen.pdbx_host_org_cell_line            ? 
_entity_src_gen.pdbx_host_org_atcc                 ? 
_entity_src_gen.pdbx_host_org_culture_collection   ? 
_entity_src_gen.pdbx_host_org_cell                 ? 
_entity_src_gen.pdbx_host_org_organelle            ? 
_entity_src_gen.pdbx_host_org_cellular_location    ? 
_entity_src_gen.pdbx_host_org_vector_type          ? 
_entity_src_gen.pdbx_host_org_vector               ? 
_entity_src_gen.host_org_details                   ? 
_entity_src_gen.expression_system_id               ? 
_entity_src_gen.plasmid_name                       ? 
_entity_src_gen.plasmid_details                    ? 
_entity_src_gen.pdbx_description                   ? 
# 
_struct_ref.id                         1 
_struct_ref.db_name                    UNP 
_struct_ref.db_code                    C5CSP2_VARPS 
_struct_ref.pdbx_db_accession          C5CSP2 
_struct_ref.pdbx_db_isoform            ? 
_struct_ref.entity_id                  1 
_struct_ref.pdbx_seq_one_letter_code   
;MAEQPPETHRFVDDYLPALLAQASQLISSEFHEVARQHGFSVSEWRVMASLAGSEPISIGQLAQVTVTKQPTVTRLLDRM
EARGQVERLPHESDRRITLVRITRKGLKAVEHLMELAREHERRVLEPFGLRRAEELKQTLRQMIDLHVHVPVEEPEED
;
_struct_ref.pdbx_align_begin           1 
# 
_struct_ref_seq.align_id                      1 
_struct_ref_seq.ref_id                        1 
_struct_ref_seq.pdbx_PDB_id_code              7KIG 
_struct_ref_seq.pdbx_strand_id                A 
_struct_ref_seq.seq_align_beg                 25 
_struct_ref_seq.pdbx_seq_align_beg_ins_code   ? 
_struct_ref_seq.seq_align_end                 182 
_struct_ref_seq.pdbx_seq_align_end_ins_code   ? 
_struct_ref_seq.pdbx_db_accession             C5CSP2 
_struct_ref_seq.db_align_beg                  1 
_struct_ref_seq.pdbx_db_align_beg_ins_code    ? 
_struct_ref_seq.db_align_end                  158 
_struct_ref_seq.pdbx_db_align_end_ins_code    ? 
_struct_ref_seq.pdbx_auth_seq_align_beg       1 
_struct_ref_seq.pdbx_auth_seq_align_end       158 
# 
loop_
_struct_ref_seq_dif.align_id 
_struct_ref_seq_dif.pdbx_pdb_id_code 
_struct_ref_seq_dif.mon_id 
_struct_ref_seq_dif.pdbx_pdb_strand_id 
_struct_ref_seq_dif.seq_num 
_struct_ref_seq_dif.pdbx_pdb_ins_code 
_struct_ref_seq_dif.pdbx_seq_db_name 
_struct_ref_seq_dif.pdbx_seq_db_accession_code 
_struct_ref_seq_dif.db_mon_id 
_struct_ref_seq_dif.pdbx_seq_db_seq_num 
_struct_ref_seq_dif.details 
_struct_ref_seq_dif.pdbx_auth_seq_num 
_struct_ref_seq_dif.pdbx_ordinal 
1 7KIG MET A 1  ? UNP C5CSP2 ? ? 'initiating methionine' -23 1  
1 7KIG HIS A 2  ? UNP C5CSP2 ? ? 'expression tag'        -22 2  
1 7KIG HIS A 3  ? UNP C5CSP2 ? ? 'expression tag'        -21 3  
1 7KIG HIS A 4  ? UNP C5CSP2 ? ? 'expression tag'        -20 4  
1 7KIG HIS A 5  ? UNP C5CSP2 ? ? 'expression tag'        -19 5  
1 7KIG HIS A 6  ? UNP C5CSP2 ? ? 'expression tag'        -18 6  
1 7KIG HIS A 7  ? UNP C5CSP2 ? ? 'expression tag'        -17 7  
1 7KIG SER A 8  ? UNP C5CSP2 ? ? 'expression tag'        -16 8  
1 7KIG SER A 9  ? UNP C5CSP2 ? ? 'expression tag'        -15 9  
1 7KIG GLY A 10 ? UNP C5CSP2 ? ? 'expression tag'        -14 10 
1 7KIG VAL A 11 ? UNP C5CSP2 ? ? 'expression tag'        -13 11 
1 7KIG ASP A 12 ? UNP C5CSP2 ? ? 'expression tag'        -12 12 
1 7KIG LEU A 13 ? UNP C5CSP2 ? ? 'expression tag'        -11 13 
1 7KIG GLY A 14 ? UNP C5CSP2 ? ? 'expression tag'        -10 14 
1 7KIG THR A 15 ? UNP C5CSP2 ? ? 'expression tag'        -9  15 
1 7KIG GLU A 16 ? UNP C5CSP2 ? ? 'expression tag'        -8  16 
1 7KIG ASN A 17 ? UNP C5CSP2 ? ? 'expression tag'        -7  17 
1 7KIG LEU A 18 ? UNP C5CSP2 ? ? 'expression tag'        -6  18 
1 7KIG TYR A 19 ? UNP C5CSP2 ? ? 'expression tag'        -5  19 
1 7KIG PHE A 20 ? UNP C5CSP2 ? ? 'expression tag'        -4  20 
1 7KIG GLN A 21 ? UNP C5CSP2 ? ? 'expression tag'        -3  21 
1 7KIG SER A 22 ? UNP C5CSP2 ? ? 'expression tag'        -2  22 
1 7KIG ASN A 23 ? UNP C5CSP2 ? ? 'expression tag'        -1  23 
1 7KIG ALA A 24 ? UNP C5CSP2 ? ? 'expression tag'        0   24 
# 
loop_
_chem_comp.id 
_chem_comp.type 
_chem_comp.mon_nstd_flag 
_chem_comp.name 
_chem_comp.pdbx_synonyms 
_chem_comp.formula 
_chem_comp.formula_weight 
3IB non-polymer         . '3-INDOLEBUTYRIC ACID' ? 'C12 H13 N O2'   203.237 
ALA 'L-peptide linking' y ALANINE                ? 'C3 H7 N O2'     89.093  
ARG 'L-peptide linking' y ARGININE               ? 'C6 H15 N4 O2 1' 175.209 
ASN 'L-peptide linking' y ASPARAGINE             ? 'C4 H8 N2 O3'    132.118 
ASP 'L-peptide linking' y 'ASPARTIC ACID'        ? 'C4 H7 N O4'     133.103 
GLN 'L-peptide linking' y GLUTAMINE              ? 'C5 H10 N2 O3'   146.144 
GLU 'L-peptide linking' y 'GLUTAMIC ACID'        ? 'C5 H9 N O4'     147.129 
GLY 'peptide linking'   y GLYCINE                ? 'C2 H5 N O2'     75.067  
HIS 'L-peptide linking' y HISTIDINE              ? 'C6 H10 N3 O2 1' 156.162 
HOH non-polymer         . WATER                  ? 'H2 O'           18.015  
ILE 'L-peptide linking' y ISOLEUCINE             ? 'C6 H13 N O2'    131.173 
LEU 'L-peptide linking' y LEUCINE                ? 'C6 H13 N O2'    131.173 
LYS 'L-peptide linking' y LYSINE                 ? 'C6 H15 N2 O2 1' 147.195 
MET 'L-peptide linking' y METHIONINE             ? 'C5 H11 N O2 S'  149.211 
PHE 'L-peptide linking' y PHENYLALANINE          ? 'C9 H11 N O2'    165.189 
PRO 'L-peptide linking' y PROLINE                ? 'C5 H9 N O2'     115.130 
SER 'L-peptide linking' y SERINE                 ? 'C3 H7 N O3'     105.093 
SO4 non-polymer         . 'SULFATE ION'          ? 'O4 S -2'        96.063  
THR 'L-peptide linking' y THREONINE              ? 'C4 H9 N O3'     119.119 
TRP 'L-peptide linking' y TRYPTOPHAN             ? 'C11 H12 N2 O2'  204.225 
TYR 'L-peptide linking' y TYROSINE               ? 'C9 H11 N O3'    181.189 
VAL 'L-peptide linking' y VALINE                 ? 'C5 H11 N O2'    117.146 
# 
_exptl.absorpt_coefficient_mu     ? 
_exptl.absorpt_correction_T_max   ? 
_exptl.absorpt_correction_T_min   ? 
_exptl.absorpt_correction_type    ? 
_exptl.absorpt_process_details    ? 
_exptl.entry_id                   7KIG 
_exptl.crystals_number            1 
_exptl.details                    ? 
_exptl.method                     'X-RAY DIFFRACTION' 
_exptl.method_details             ? 
# 
_exptl_crystal.colour                      ? 
_exptl_crystal.density_diffrn              ? 
_exptl_crystal.density_Matthews            2.18 
_exptl_crystal.density_method              ? 
_exptl_crystal.density_percent_sol         43.67 
_exptl_crystal.description                 ? 
_exptl_crystal.F_000                       ? 
_exptl_crystal.id                          1 
_exptl_crystal.preparation                 ? 
_exptl_crystal.size_max                    ? 
_exptl_crystal.size_mid                    ? 
_exptl_crystal.size_min                    ? 
_exptl_crystal.size_rad                    ? 
_exptl_crystal.colour_lustre               ? 
_exptl_crystal.colour_modifier             ? 
_exptl_crystal.colour_primary              ? 
_exptl_crystal.density_meas                ? 
_exptl_crystal.density_meas_esd            ? 
_exptl_crystal.density_meas_gt             ? 
_exptl_crystal.density_meas_lt             ? 
_exptl_crystal.density_meas_temp           ? 
_exptl_crystal.density_meas_temp_esd       ? 
_exptl_crystal.density_meas_temp_gt        ? 
_exptl_crystal.density_meas_temp_lt        ? 
_exptl_crystal.pdbx_crystal_image_url      ? 
_exptl_crystal.pdbx_crystal_image_format   ? 
_exptl_crystal.pdbx_mosaicity              ? 
_exptl_crystal.pdbx_mosaicity_esd          ? 
# 
_exptl_crystal_grow.apparatus       ? 
_exptl_crystal_grow.atmosphere      ? 
_exptl_crystal_grow.crystal_id      1 
_exptl_crystal_grow.details         ? 
_exptl_crystal_grow.method          'VAPOR DIFFUSION, SITTING DROP' 
_exptl_crystal_grow.method_ref      ? 
_exptl_crystal_grow.pH              7.5 
_exptl_crystal_grow.pressure        ? 
_exptl_crystal_grow.pressure_esd    ? 
_exptl_crystal_grow.seeding         ? 
_exptl_crystal_grow.seeding_ref     ? 
_exptl_crystal_grow.temp            293 
_exptl_crystal_grow.temp_details    ? 
_exptl_crystal_grow.temp_esd        ? 
_exptl_crystal_grow.time            ? 
_exptl_crystal_grow.pdbx_details    '0.2 M Lithium Sulfate, 0.1 M HEPES: NaOH, pH 7.5, 25 % (w/v) PEG 3350' 
_exptl_crystal_grow.pdbx_pH_range   ? 
# 
_diffrn.ambient_environment              ? 
_diffrn.ambient_temp                     100 
_diffrn.ambient_temp_details             ? 
_diffrn.ambient_temp_esd                 ? 
_diffrn.crystal_id                       1 
_diffrn.crystal_support                  ? 
_diffrn.crystal_treatment                ? 
_diffrn.details                          ? 
_diffrn.id                               1 
_diffrn.ambient_pressure                 ? 
_diffrn.ambient_pressure_esd             ? 
_diffrn.ambient_pressure_gt              ? 
_diffrn.ambient_pressure_lt              ? 
_diffrn.ambient_temp_gt                  ? 
_diffrn.ambient_temp_lt                  ? 
_diffrn.pdbx_serial_crystal_experiment   N 
# 
_diffrn_detector.details                      ? 
_diffrn_detector.detector                     PIXEL 
_diffrn_detector.diffrn_id                    1 
_diffrn_detector.type                         'DECTRIS PILATUS 6M' 
_diffrn_detector.area_resol_mean              ? 
_diffrn_detector.dtime                        ? 
_diffrn_detector.pdbx_frames_total            ? 
_diffrn_detector.pdbx_collection_time_total   ? 
_diffrn_detector.pdbx_collection_date         2019-12-16 
_diffrn_detector.pdbx_frequency               ? 
# 
_diffrn_radiation.collimation                      ? 
_diffrn_radiation.diffrn_id                        1 
_diffrn_radiation.filter_edge                      ? 
_diffrn_radiation.inhomogeneity                    ? 
_diffrn_radiation.monochromator                    ? 
_diffrn_radiation.polarisn_norm                    ? 
_diffrn_radiation.polarisn_ratio                   ? 
_diffrn_radiation.probe                            ? 
_diffrn_radiation.type                             ? 
_diffrn_radiation.xray_symbol                      ? 
_diffrn_radiation.wavelength_id                    1 
_diffrn_radiation.pdbx_monochromatic_or_laue_m_l   M 
_diffrn_radiation.pdbx_wavelength_list             ? 
_diffrn_radiation.pdbx_wavelength                  ? 
_diffrn_radiation.pdbx_diffrn_protocol             'SINGLE WAVELENGTH' 
_diffrn_radiation.pdbx_analyzer                    ? 
_diffrn_radiation.pdbx_scattering_type             x-ray 
# 
_diffrn_radiation_wavelength.id           1 
_diffrn_radiation_wavelength.wavelength   1.03320 
_diffrn_radiation_wavelength.wt           1.0 
# 
_diffrn_source.current                     ? 
_diffrn_source.details                     ? 
_diffrn_source.diffrn_id                   1 
_diffrn_source.power                       ? 
_diffrn_source.size                        ? 
_diffrn_source.source                      SYNCHROTRON 
_diffrn_source.target                      ? 
_diffrn_source.type                        'APS BEAMLINE 23-ID-D' 
_diffrn_source.voltage                     ? 
_diffrn_source.take-off_angle              ? 
_diffrn_source.pdbx_wavelength_list        1.03320 
_diffrn_source.pdbx_wavelength             ? 
_diffrn_source.pdbx_synchrotron_beamline   23-ID-D 
_diffrn_source.pdbx_synchrotron_site       APS 
# 
_reflns.B_iso_Wilson_estimate            20.83 
_reflns.entry_id                         7KIG 
_reflns.data_reduction_details           ? 
_reflns.data_reduction_method            ? 
_reflns.d_resolution_high                1.4 
_reflns.d_resolution_low                 45.61 
_reflns.details                          ? 
_reflns.limit_h_max                      ? 
_reflns.limit_h_min                      ? 
_reflns.limit_k_max                      ? 
_reflns.limit_k_min                      ? 
_reflns.limit_l_max                      ? 
_reflns.limit_l_min                      ? 
_reflns.number_all                       ? 
_reflns.number_obs                       36267 
_reflns.observed_criterion               ? 
_reflns.observed_criterion_F_max         ? 
_reflns.observed_criterion_F_min         ? 
_reflns.observed_criterion_I_max         ? 
_reflns.observed_criterion_I_min         ? 
_reflns.observed_criterion_sigma_F       ? 
_reflns.observed_criterion_sigma_I       ? 
_reflns.percent_possible_obs             99.95 
_reflns.R_free_details                   ? 
_reflns.Rmerge_F_all                     ? 
_reflns.Rmerge_F_obs                     ? 
_reflns.Friedel_coverage                 ? 
_reflns.number_gt                        ? 
_reflns.threshold_expression             ? 
_reflns.pdbx_redundancy                  2.0 
_reflns.pdbx_Rmerge_I_obs                ? 
_reflns.pdbx_Rmerge_I_all                ? 
_reflns.pdbx_Rsym_value                  ? 
_reflns.pdbx_netI_over_av_sigmaI         ? 
_reflns.pdbx_netI_over_sigmaI            18.98 
_reflns.pdbx_res_netI_over_av_sigmaI_2   ? 
_reflns.pdbx_res_netI_over_sigmaI_2      ? 
_reflns.pdbx_chi_squared                 ? 
_reflns.pdbx_scaling_rejects             ? 
_reflns.pdbx_d_res_high_opt              ? 
_reflns.pdbx_d_res_low_opt               ? 
_reflns.pdbx_d_res_opt_method            ? 
_reflns.phase_calculation_details        ? 
_reflns.pdbx_Rrim_I_all                  ? 
_reflns.pdbx_Rpim_I_all                  ? 
_reflns.pdbx_d_opt                       ? 
_reflns.pdbx_number_measured_all         ? 
_reflns.pdbx_diffrn_id                   1 
_reflns.pdbx_ordinal                     1 
_reflns.pdbx_CC_half                     1 
_reflns.pdbx_CC_star                     ? 
_reflns.pdbx_R_split                     ? 
# 
_reflns_shell.d_res_high                  1.4 
_reflns_shell.d_res_low                   1.45 
_reflns_shell.meanI_over_sigI_all         ? 
_reflns_shell.meanI_over_sigI_obs         ? 
_reflns_shell.number_measured_all         ? 
_reflns_shell.number_measured_obs         ? 
_reflns_shell.number_possible             ? 
_reflns_shell.number_unique_all           ? 
_reflns_shell.number_unique_obs           3591 
_reflns_shell.percent_possible_all        ? 
_reflns_shell.percent_possible_obs        ? 
_reflns_shell.Rmerge_F_all                ? 
_reflns_shell.Rmerge_F_obs                ? 
_reflns_shell.Rmerge_I_all                ? 
_reflns_shell.Rmerge_I_obs                ? 
_reflns_shell.meanI_over_sigI_gt          ? 
_reflns_shell.meanI_over_uI_all           ? 
_reflns_shell.meanI_over_uI_gt            ? 
_reflns_shell.number_measured_gt          ? 
_reflns_shell.number_unique_gt            ? 
_reflns_shell.percent_possible_gt         ? 
_reflns_shell.Rmerge_F_gt                 ? 
_reflns_shell.Rmerge_I_gt                 ? 
_reflns_shell.pdbx_redundancy             ? 
_reflns_shell.pdbx_Rsym_value             ? 
_reflns_shell.pdbx_chi_squared            ? 
_reflns_shell.pdbx_netI_over_sigmaI_all   ? 
_reflns_shell.pdbx_netI_over_sigmaI_obs   ? 
_reflns_shell.pdbx_Rrim_I_all             ? 
_reflns_shell.pdbx_Rpim_I_all             ? 
_reflns_shell.pdbx_rejects                ? 
_reflns_shell.pdbx_ordinal                1 
_reflns_shell.pdbx_diffrn_id              1 
_reflns_shell.pdbx_CC_half                0.827 
_reflns_shell.pdbx_CC_star                ? 
_reflns_shell.pdbx_R_split                ? 
# 
_refine.aniso_B[1][1]                            ? 
_refine.aniso_B[1][2]                            ? 
_refine.aniso_B[1][3]                            ? 
_refine.aniso_B[2][2]                            ? 
_refine.aniso_B[2][3]                            ? 
_refine.aniso_B[3][3]                            ? 
_refine.B_iso_max                                ? 
_refine.B_iso_mean                               29.28 
_refine.B_iso_min                                ? 
_refine.correlation_coeff_Fo_to_Fc               ? 
_refine.correlation_coeff_Fo_to_Fc_free          ? 
_refine.details                                  ? 
_refine.diff_density_max                         ? 
_refine.diff_density_max_esd                     ? 
_refine.diff_density_min                         ? 
_refine.diff_density_min_esd                     ? 
_refine.diff_density_rms                         ? 
_refine.diff_density_rms_esd                     ? 
_refine.entry_id                                 7KIG 
_refine.pdbx_refine_id                           'X-RAY DIFFRACTION' 
_refine.ls_abs_structure_details                 ? 
_refine.ls_abs_structure_Flack                   ? 
_refine.ls_abs_structure_Flack_esd               ? 
_refine.ls_abs_structure_Rogers                  ? 
_refine.ls_abs_structure_Rogers_esd              ? 
_refine.ls_d_res_high                            1.40 
_refine.ls_d_res_low                             45.61 
_refine.ls_extinction_coef                       ? 
_refine.ls_extinction_coef_esd                   ? 
_refine.ls_extinction_expression                 ? 
_refine.ls_extinction_method                     ? 
_refine.ls_goodness_of_fit_all                   ? 
_refine.ls_goodness_of_fit_all_esd               ? 
_refine.ls_goodness_of_fit_obs                   ? 
_refine.ls_goodness_of_fit_obs_esd               ? 
_refine.ls_hydrogen_treatment                    ? 
_refine.ls_matrix_type                           ? 
_refine.ls_number_constraints                    ? 
_refine.ls_number_parameters                     ? 
_refine.ls_number_reflns_all                     ? 
_refine.ls_number_reflns_obs                     36266 
_refine.ls_number_reflns_R_free                  1998 
_refine.ls_number_reflns_R_work                  34268 
_refine.ls_number_restraints                     ? 
_refine.ls_percent_reflns_obs                    99.96 
_refine.ls_percent_reflns_R_free                 5.51 
_refine.ls_R_factor_all                          ? 
_refine.ls_R_factor_obs                          0.1831 
_refine.ls_R_factor_R_free                       0.2004 
_refine.ls_R_factor_R_free_error                 ? 
_refine.ls_R_factor_R_free_error_details         ? 
_refine.ls_R_factor_R_work                       0.1821 
_refine.ls_R_Fsqd_factor_obs                     ? 
_refine.ls_R_I_factor_obs                        ? 
_refine.ls_redundancy_reflns_all                 ? 
_refine.ls_redundancy_reflns_obs                 ? 
_refine.ls_restrained_S_all                      ? 
_refine.ls_restrained_S_obs                      ? 
_refine.ls_shift_over_esd_max                    ? 
_refine.ls_shift_over_esd_mean                   ? 
_refine.ls_structure_factor_coef                 ? 
_refine.ls_weighting_details                     ? 
_refine.ls_weighting_scheme                      ? 
_refine.ls_wR_factor_all                         ? 
_refine.ls_wR_factor_obs                         ? 
_refine.ls_wR_factor_R_free                      ? 
_refine.ls_wR_factor_R_work                      ? 
_refine.occupancy_max                            ? 
_refine.occupancy_min                            ? 
_refine.solvent_model_details                    'FLAT BULK SOLVENT MODEL' 
_refine.solvent_model_param_bsol                 ? 
_refine.solvent_model_param_ksol                 ? 
_refine.pdbx_R_complete                          ? 
_refine.ls_R_factor_gt                           ? 
_refine.ls_goodness_of_fit_gt                    ? 
_refine.ls_goodness_of_fit_ref                   ? 
_refine.ls_shift_over_su_max                     ? 
_refine.ls_shift_over_su_max_lt                  ? 
_refine.ls_shift_over_su_mean                    ? 
_refine.ls_shift_over_su_mean_lt                 ? 
_refine.pdbx_ls_sigma_I                          ? 
_refine.pdbx_ls_sigma_F                          1.36 
_refine.pdbx_ls_sigma_Fsqd                       ? 
_refine.pdbx_data_cutoff_high_absF               ? 
_refine.pdbx_data_cutoff_high_rms_absF           ? 
_refine.pdbx_data_cutoff_low_absF                ? 
_refine.pdbx_isotropic_thermal_model             ? 
_refine.pdbx_ls_cross_valid_method               'FREE R-VALUE' 
_refine.pdbx_method_to_determine_struct          'MOLECULAR REPLACEMENT' 
_refine.pdbx_starting_model                      7KFO 
_refine.pdbx_stereochemistry_target_values       'GeoStd + Monomer Library + CDL v1.2' 
_refine.pdbx_R_Free_selection_details            ? 
_refine.pdbx_stereochem_target_val_spec_case     ? 
_refine.pdbx_overall_ESU_R                       ? 
_refine.pdbx_overall_ESU_R_Free                  ? 
_refine.pdbx_solvent_vdw_probe_radii             1.1100 
_refine.pdbx_solvent_ion_probe_radii             ? 
_refine.pdbx_solvent_shrinkage_radii             0.9000 
_refine.pdbx_real_space_R                        ? 
_refine.pdbx_density_correlation                 ? 
_refine.pdbx_pd_number_of_powder_patterns        ? 
_refine.pdbx_pd_number_of_points                 ? 
_refine.pdbx_pd_meas_number_of_points            ? 
_refine.pdbx_pd_proc_ls_prof_R_factor            ? 
_refine.pdbx_pd_proc_ls_prof_wR_factor           ? 
_refine.pdbx_pd_Marquardt_correlation_coeff      ? 
_refine.pdbx_pd_Fsqrd_R_factor                   ? 
_refine.pdbx_pd_ls_matrix_band_width             ? 
_refine.pdbx_overall_phase_error                 20.6649 
_refine.pdbx_overall_SU_R_free_Cruickshank_DPI   ? 
_refine.pdbx_overall_SU_R_free_Blow_DPI          ? 
_refine.pdbx_overall_SU_R_Blow_DPI               ? 
_refine.pdbx_TLS_residual_ADP_flag               ? 
_refine.pdbx_diffrn_id                           1 
_refine.overall_SU_B                             ? 
_refine.overall_SU_ML                            0.1256 
_refine.overall_SU_R_Cruickshank_DPI             ? 
_refine.overall_SU_R_free                        ? 
_refine.overall_FOM_free_R_set                   ? 
_refine.overall_FOM_work_R_set                   ? 
_refine.pdbx_average_fsc_overall                 ? 
_refine.pdbx_average_fsc_work                    ? 
_refine.pdbx_average_fsc_free                    ? 
# 
_refine_hist.pdbx_refine_id                   'X-RAY DIFFRACTION' 
_refine_hist.cycle_id                         LAST 
_refine_hist.details                          ? 
_refine_hist.d_res_high                       1.40 
_refine_hist.d_res_low                        45.61 
_refine_hist.number_atoms_solvent             126 
_refine_hist.number_atoms_total               1286 
_refine_hist.number_reflns_all                ? 
_refine_hist.number_reflns_obs                ? 
_refine_hist.number_reflns_R_free             ? 
_refine_hist.number_reflns_R_work             ? 
_refine_hist.R_factor_all                     ? 
_refine_hist.R_factor_obs                     ? 
_refine_hist.R_factor_R_free                  ? 
_refine_hist.R_factor_R_work                  ? 
_refine_hist.pdbx_number_residues_total       ? 
_refine_hist.pdbx_B_iso_mean_ligand           ? 
_refine_hist.pdbx_B_iso_mean_solvent          ? 
_refine_hist.pdbx_number_atoms_protein        1135 
_refine_hist.pdbx_number_atoms_nucleic_acid   0 
_refine_hist.pdbx_number_atoms_ligand         25 
_refine_hist.pdbx_number_atoms_lipid          ? 
_refine_hist.pdbx_number_atoms_carb           ? 
_refine_hist.pdbx_pseudo_atom_details         ? 
# 
loop_
_refine_ls_restr.pdbx_refine_id 
_refine_ls_restr.criterion 
_refine_ls_restr.dev_ideal 
_refine_ls_restr.dev_ideal_target 
_refine_ls_restr.number 
_refine_ls_restr.rejects 
_refine_ls_restr.type 
_refine_ls_restr.weight 
_refine_ls_restr.pdbx_restraint_function 
'X-RAY DIFFRACTION' ? 0.0067  ? 1399 ? f_bond_d           ? ? 
'X-RAY DIFFRACTION' ? 0.8533  ? 1911 ? f_angle_d          ? ? 
'X-RAY DIFFRACTION' ? 0.0746  ? 203  ? f_chiral_restr     ? ? 
'X-RAY DIFFRACTION' ? 0.0050  ? 260  ? f_plane_restr      ? ? 
'X-RAY DIFFRACTION' ? 37.3457 ? 210  ? f_dihedral_angle_d ? ? 
# 
loop_
_refine_ls_shell.pdbx_refine_id 
_refine_ls_shell.d_res_high 
_refine_ls_shell.d_res_low 
_refine_ls_shell.number_reflns_all 
_refine_ls_shell.number_reflns_obs 
_refine_ls_shell.number_reflns_R_free 
_refine_ls_shell.number_reflns_R_work 
_refine_ls_shell.percent_reflns_obs 
_refine_ls_shell.percent_reflns_R_free 
_refine_ls_shell.R_factor_all 
_refine_ls_shell.R_factor_obs 
_refine_ls_shell.R_factor_R_free 
_refine_ls_shell.R_factor_R_free_error 
_refine_ls_shell.R_factor_R_work 
_refine_ls_shell.redundancy_reflns_all 
_refine_ls_shell.redundancy_reflns_obs 
_refine_ls_shell.wR_factor_all 
_refine_ls_shell.wR_factor_obs 
_refine_ls_shell.wR_factor_R_free 
_refine_ls_shell.wR_factor_R_work 
_refine_ls_shell.pdbx_R_complete 
_refine_ls_shell.pdbx_total_number_of_bins_used 
_refine_ls_shell.pdbx_phase_error 
_refine_ls_shell.pdbx_fsc_work 
_refine_ls_shell.pdbx_fsc_free 
'X-RAY DIFFRACTION' 1.40 1.44  . . 138 2421 99.96  . . . 0.2938 . 0.2756 . . . . . . . . . . . 
'X-RAY DIFFRACTION' 1.44 1.47  . . 143 2436 100.00 . . . 0.2468 . 0.2441 . . . . . . . . . . . 
'X-RAY DIFFRACTION' 1.47 1.52  . . 146 2392 100.00 . . . 0.2202 . 0.2128 . . . . . . . . . . . 
'X-RAY DIFFRACTION' 1.52 1.57  . . 142 2431 99.96  . . . 0.2425 . 0.2049 . . . . . . . . . . . 
'X-RAY DIFFRACTION' 1.57 1.62  . . 138 2451 100.00 . . . 0.2232 . 0.2075 . . . . . . . . . . . 
'X-RAY DIFFRACTION' 1.62 1.69  . . 144 2412 100.00 . . . 0.2389 . 0.2019 . . . . . . . . . . . 
'X-RAY DIFFRACTION' 1.69 1.76  . . 138 2425 100.00 . . . 0.2134 . 0.2023 . . . . . . . . . . . 
'X-RAY DIFFRACTION' 1.76 1.86  . . 149 2447 100.00 . . . 0.2182 . 0.1942 . . . . . . . . . . . 
'X-RAY DIFFRACTION' 1.86 1.97  . . 146 2429 100.00 . . . 0.2206 . 0.1920 . . . . . . . . . . . 
'X-RAY DIFFRACTION' 1.97 2.13  . . 140 2440 100.00 . . . 0.1879 . 0.1835 . . . . . . . . . . . 
'X-RAY DIFFRACTION' 2.13 2.34  . . 142 2460 100.00 . . . 0.1986 . 0.1768 . . . . . . . . . . . 
'X-RAY DIFFRACTION' 2.34 2.68  . . 135 2469 99.96  . . . 0.1847 . 0.1781 . . . . . . . . . . . 
'X-RAY DIFFRACTION' 2.68 3.37  . . 148 2480 99.85  . . . 0.2011 . 0.1773 . . . . . . . . . . . 
'X-RAY DIFFRACTION' 3.37 45.61 . . 149 2575 99.71  . . . 0.1870 . 0.1689 . . . . . . . . . . . 
# 
_struct.entry_id                     7KIG 
_struct.title                        
'Crystal structure of the MarR family transcriptional regulator from Variovorax paradoxus bound to Indole-3-butyric acid' 
_struct.pdbx_model_details           ? 
_struct.pdbx_formula_weight          ? 
_struct.pdbx_formula_weight_method   ? 
_struct.pdbx_model_type_details      ? 
_struct.pdbx_CASP_flag               N 
# 
_struct_keywords.entry_id        7KIG 
_struct_keywords.text            'Transcriptional Regulator, Ligand Binding, DNA BINDING PROTEIN' 
_struct_keywords.pdbx_keywords   'DNA BINDING PROTEIN' 
# 
loop_
_struct_asym.id 
_struct_asym.pdbx_blank_PDB_chainid_flag 
_struct_asym.pdbx_modified 
_struct_asym.entity_id 
_struct_asym.details 
A N N 1 ? 
B N N 2 ? 
C N N 3 ? 
D N N 3 ? 
E N N 4 ? 
# 
loop_
_struct_conf.conf_type_id 
_struct_conf.id 
_struct_conf.pdbx_PDB_helix_id 
_struct_conf.beg_label_comp_id 
_struct_conf.beg_label_asym_id 
_struct_conf.beg_label_seq_id 
_struct_conf.pdbx_beg_PDB_ins_code 
_struct_conf.end_label_comp_id 
_struct_conf.end_label_asym_id 
_struct_conf.end_label_seq_id 
_struct_conf.pdbx_end_PDB_ins_code 
_struct_conf.beg_auth_comp_id 
_struct_conf.beg_auth_asym_id 
_struct_conf.beg_auth_seq_id 
_struct_conf.end_auth_comp_id 
_struct_conf.end_auth_asym_id 
_struct_conf.end_auth_seq_id 
_struct_conf.pdbx_PDB_helix_class 
_struct_conf.details 
_struct_conf.pdbx_PDB_helix_length 
HELX_P HELX_P1 AA1 ARG A 34  ? TYR A 39  ? ARG A 10  TYR A 15  1 ? 6  
HELX_P HELX_P2 AA2 TYR A 39  ? HIS A 62  ? TYR A 15  HIS A 38  1 ? 24 
HELX_P HELX_P3 AA3 SER A 65  ? ALA A 76  ? SER A 41  ALA A 52  1 ? 12 
HELX_P HELX_P4 AA4 ILE A 83  ? THR A 90  ? ILE A 59  THR A 66  1 ? 8  
HELX_P HELX_P5 AA5 LYS A 93  ? ARG A 107 ? LYS A 69  ARG A 83  1 ? 15 
HELX_P HELX_P6 AA6 THR A 127 ? GLU A 150 ? THR A 103 GLU A 126 1 ? 24 
HELX_P HELX_P7 AA7 PHE A 152 ? VAL A 172 ? PHE A 128 VAL A 148 1 ? 21 
# 
_struct_conf_type.id          HELX_P 
_struct_conf_type.criteria    ? 
_struct_conf_type.reference   ? 
# 
_struct_sheet.id               AA1 
_struct_sheet.type             ? 
_struct_sheet.number_strands   3 
_struct_sheet.details          ? 
# 
loop_
_struct_sheet_order.sheet_id 
_struct_sheet_order.range_id_1 
_struct_sheet_order.range_id_2 
_struct_sheet_order.offset 
_struct_sheet_order.sense 
AA1 1 2 ? anti-parallel 
AA1 2 3 ? anti-parallel 
# 
loop_
_struct_sheet_range.sheet_id 
_struct_sheet_range.id 
_struct_sheet_range.beg_label_comp_id 
_struct_sheet_range.beg_label_asym_id 
_struct_sheet_range.beg_label_seq_id 
_struct_sheet_range.pdbx_beg_PDB_ins_code 
_struct_sheet_range.end_label_comp_id 
_struct_sheet_range.end_label_asym_id 
_struct_sheet_range.end_label_seq_id 
_struct_sheet_range.pdbx_end_PDB_ins_code 
_struct_sheet_range.beg_auth_comp_id 
_struct_sheet_range.beg_auth_asym_id 
_struct_sheet_range.beg_auth_seq_id 
_struct_sheet_range.end_auth_comp_id 
_struct_sheet_range.end_auth_asym_id 
_struct_sheet_range.end_auth_seq_id 
AA1 1 ILE A 81  ? SER A 82  ? ILE A 57 SER A 58  
AA1 2 THR A 122 ? ILE A 126 ? THR A 98 ILE A 102 
AA1 3 VAL A 110 ? PRO A 114 ? VAL A 86 PRO A 90  
# 
loop_
_pdbx_struct_sheet_hbond.sheet_id 
_pdbx_struct_sheet_hbond.range_id_1 
_pdbx_struct_sheet_hbond.range_id_2 
_pdbx_struct_sheet_hbond.range_1_label_atom_id 
_pdbx_struct_sheet_hbond.range_1_label_comp_id 
_pdbx_struct_sheet_hbond.range_1_label_asym_id 
_pdbx_struct_sheet_hbond.range_1_label_seq_id 
_pdbx_struct_sheet_hbond.range_1_PDB_ins_code 
_pdbx_struct_sheet_hbond.range_1_auth_atom_id 
_pdbx_struct_sheet_hbond.range_1_auth_comp_id 
_pdbx_struct_sheet_hbond.range_1_auth_asym_id 
_pdbx_struct_sheet_hbond.range_1_auth_seq_id 
_pdbx_struct_sheet_hbond.range_2_label_atom_id 
_pdbx_struct_sheet_hbond.range_2_label_comp_id 
_pdbx_struct_sheet_hbond.range_2_label_asym_id 
_pdbx_struct_sheet_hbond.range_2_label_seq_id 
_pdbx_struct_sheet_hbond.range_2_PDB_ins_code 
_pdbx_struct_sheet_hbond.range_2_auth_atom_id 
_pdbx_struct_sheet_hbond.range_2_auth_comp_id 
_pdbx_struct_sheet_hbond.range_2_auth_asym_id 
_pdbx_struct_sheet_hbond.range_2_auth_seq_id 
AA1 1 2 N ILE A 81  ? N ILE A 57 O VAL A 124 ? O VAL A 100 
AA1 2 3 O LEU A 123 ? O LEU A 99 N LEU A 113 ? N LEU A 89  
# 
loop_
_struct_site.id 
_struct_site.pdbx_evidence_code 
_struct_site.pdbx_auth_asym_id 
_struct_site.pdbx_auth_comp_id 
_struct_site.pdbx_auth_seq_id 
_struct_site.pdbx_auth_ins_code 
_struct_site.pdbx_num_residues 
_struct_site.details 
AC1 Software A 3IB 201 ? 15 'binding site for residue 3IB A 201' 
AC2 Software A SO4 202 ? 11 'binding site for residue SO4 A 202' 
AC3 Software A SO4 203 ? 7  'binding site for residue SO4 A 203' 
# 
loop_
_struct_site_gen.id 
_struct_site_gen.site_id 
_struct_site_gen.pdbx_num_res 
_struct_site_gen.label_comp_id 
_struct_site_gen.label_asym_id 
_struct_site_gen.label_seq_id 
_struct_site_gen.pdbx_auth_ins_code 
_struct_site_gen.auth_comp_id 
_struct_site_gen.auth_asym_id 
_struct_site_gen.auth_seq_id 
_struct_site_gen.label_atom_id 
_struct_site_gen.label_alt_id 
_struct_site_gen.symmetry 
_struct_site_gen.details 
1  AC1 15 VAL A 36  ? VAL A 12  . ? 2_565  ? 
2  AC1 15 TYR A 39  ? TYR A 15  . ? 2_565  ? 
3  AC1 15 PRO A 41  ? PRO A 17  . ? 2_565  ? 
4  AC1 15 ALA A 42  ? ALA A 18  . ? 2_565  ? 
5  AC1 15 ALA A 45  ? ALA A 21  . ? 2_565  ? 
6  AC1 15 SER A 52  ? SER A 28  . ? 1_555  ? 
7  AC1 15 HIS A 56  ? HIS A 32  . ? 1_555  ? 
8  AC1 15 VAL A 66  ? VAL A 42  . ? 1_555  ? 
9  AC1 15 ARG A 70  ? ARG A 46  . ? 1_555  ? 
10 AC1 15 SER A 74  ? SER A 50  . ? 1_555  ? 
11 AC1 15 VAL A 89  ? VAL A 65  . ? 1_555  ? 
12 AC1 15 THR A 90  ? THR A 66  . ? 1_555  ? 
13 AC1 15 HOH E .   ? HOH A 304 . ? 1_555  ? 
14 AC1 15 HOH E .   ? HOH A 325 . ? 1_555  ? 
15 AC1 15 HOH E .   ? HOH A 349 . ? 1_555  ? 
16 AC2 11 ARG A 125 ? ARG A 101 . ? 1_555  ? 
17 AC2 11 ARG A 125 ? ARG A 101 . ? 14_555 ? 
18 AC2 11 THR A 127 ? THR A 103 . ? 14_555 ? 
19 AC2 11 THR A 127 ? THR A 103 . ? 1_555  ? 
20 AC2 11 ARG A 128 ? ARG A 104 . ? 14_555 ? 
21 AC2 11 ARG A 128 ? ARG A 104 . ? 1_555  ? 
22 AC2 11 HOH E .   ? HOH A 305 . ? 14_555 ? 
23 AC2 11 HOH E .   ? HOH A 305 . ? 1_555  ? 
24 AC2 11 HOH E .   ? HOH A 371 . ? 1_555  ? 
25 AC2 11 HOH E .   ? HOH A 374 . ? 14_555 ? 
26 AC2 11 HOH E .   ? HOH A 374 . ? 1_555  ? 
27 AC3 7  ARG A 60  ? ARG A 36  . ? 1_555  ? 
28 AC3 7  SER A 65  ? SER A 41  . ? 1_555  ? 
29 AC3 7  VAL A 66  ? VAL A 42  . ? 1_555  ? 
30 AC3 7  ARG A 103 ? ARG A 79  . ? 3_556  ? 
31 AC3 7  HOH E .   ? HOH A 301 . ? 1_555  ? 
32 AC3 7  HOH E .   ? HOH A 307 . ? 1_555  ? 
33 AC3 7  HOH E .   ? HOH A 373 . ? 1_555  ? 
# 
_atom_sites.entry_id                    7KIG 
_atom_sites.Cartn_transf_matrix[1][1]   ? 
_atom_sites.Cartn_transf_matrix[1][2]   ? 
_atom_sites.Cartn_transf_matrix[1][3]   ? 
_atom_sites.Cartn_transf_matrix[2][1]   ? 
_atom_sites.Cartn_transf_matrix[2][2]   ? 
_atom_sites.Cartn_transf_matrix[2][3]   ? 
_atom_sites.Cartn_transf_matrix[3][1]   ? 
_atom_sites.Cartn_transf_matrix[3][2]   ? 
_atom_sites.Cartn_transf_matrix[3][3]   ? 
_atom_sites.Cartn_transf_vector[1]      ? 
_atom_sites.Cartn_transf_vector[2]      ? 
_atom_sites.Cartn_transf_vector[3]      ? 
_atom_sites.fract_transf_matrix[1][1]   0.00601369 
_atom_sites.fract_transf_matrix[1][2]   0.00822296 
_atom_sites.fract_transf_matrix[1][3]   -0.01505759 
_atom_sites.fract_transf_matrix[2][1]   -0.00522662 
_atom_sites.fract_transf_matrix[2][2]   -0.00507181 
_atom_sites.fract_transf_matrix[2][3]   -0.00485713 
_atom_sites.fract_transf_matrix[3][1]   -0.00626829 
_atom_sites.fract_transf_matrix[3][2]   0.00581560 
_atom_sites.fract_transf_matrix[3][3]   0.00067248 
_atom_sites.fract_transf_vector[1]      0.081594 
_atom_sites.fract_transf_vector[2]      0.409670 
_atom_sites.fract_transf_vector[3]      0.373530 
_atom_sites.solution_primary            ? 
_atom_sites.solution_secondary          ? 
_atom_sites.solution_hydrogens          ? 
_atom_sites.special_details             ? 
# 
loop_
_atom_type.symbol 
_atom_type.scat_dispersion_real 
_atom_type.scat_dispersion_imag 
_atom_type.scat_Cromer_Mann_a1 
_atom_type.scat_Cromer_Mann_a2 
_atom_type.scat_Cromer_Mann_a3 
_atom_type.scat_Cromer_Mann_a4 
_atom_type.scat_Cromer_Mann_b1 
_atom_type.scat_Cromer_Mann_b2 
_atom_type.scat_Cromer_Mann_b3 
_atom_type.scat_Cromer_Mann_b4 
_atom_type.scat_Cromer_Mann_c 
_atom_type.scat_source 
_atom_type.scat_dispersion_source 
C   ? ? 3.54356 2.42580 ? ? 25.62398 1.50364  ? ? 0.0 
;2-Gaussian fit: Grosse-Kunstleve RW, Sauter NK, Adams PD: Newsletter of the IUCr Commission on Crystallographic Computing 2004, 3, 22-31.
;
? 
N   ? ? 4.01032 2.96436 ? ? 19.97189 1.75589  ? ? 0.0 
;2-Gaussian fit: Grosse-Kunstleve RW, Sauter NK, Adams PD: Newsletter of the IUCr Commission on Crystallographic Computing 2004, 3, 22-31.
;
? 
O   ? ? 4.49882 3.47563 ? ? 15.80542 1.70748  ? ? 0.0 
;2-Gaussian fit: Grosse-Kunstleve RW, Sauter NK, Adams PD: Newsletter of the IUCr Commission on Crystallographic Computing 2004, 3, 22-31.
;
? 
O1- ? ? 5.12366 3.84317 ? ? 3.49406  27.47979 ? ? 0.0 
;2-Gaussian fit: Grosse-Kunstleve RW, Sauter NK, Adams PD: Newsletter of the IUCr Commission on Crystallographic Computing 2004, 3, 22-31.
;
? 
S   ? ? 9.55732 6.39887 ? ? 1.23737  29.19336 ? ? 0.0 
;2-Gaussian fit: Grosse-Kunstleve RW, Sauter NK, Adams PD: Newsletter of the IUCr Commission on Crystallographic Computing 2004, 3, 22-31.
;
? 
# 
loop_
_atom_site.group_PDB 
_atom_site.id 
_atom_site.type_symbol 
_atom_site.label_atom_id 
_atom_site.label_alt_id 
_atom_site.label_comp_id 
_atom_site.label_asym_id 
_atom_site.label_entity_id 
_atom_site.label_seq_id 
_atom_site.pdbx_PDB_ins_code 
_atom_site.Cartn_x 
_atom_site.Cartn_y 
_atom_site.Cartn_z 
_atom_site.occupancy 
_atom_site.B_iso_or_equiv 
_atom_site.pdbx_formal_charge 
_atom_site.auth_seq_id 
_atom_site.auth_comp_id 
_atom_site.auth_asym_id 
_atom_site.auth_atom_id 
_atom_site.pdbx_PDB_model_num 
ATOM   1    N N   A ARG A 1 34  ? -15.67022 -28.54789 -4.56470  0.540 44.80342  ?  10  ARG A N   1 
ATOM   2    N N   B ARG A 1 34  ? -15.21002 -28.55335 -4.38848  0.460 42.96423  ?  10  ARG A N   1 
ATOM   3    C CA  A ARG A 1 34  ? -15.97988 -27.16501 -4.25595  0.540 36.44061  ?  10  ARG A CA  1 
ATOM   4    C CA  B ARG A 1 34  ? -15.91031 -27.28135 -4.33803  0.460 36.63156  ?  10  ARG A CA  1 
ATOM   5    C C   A ARG A 1 34  ? -15.10705 -26.20754 -5.06638  0.540 28.49859  ?  10  ARG A C   1 
ATOM   6    C C   B ARG A 1 34  ? -15.09410 -26.22165 -5.07901  0.460 28.51055  ?  10  ARG A C   1 
ATOM   7    O O   A ARG A 1 34  ? -13.90963 -26.06883 -4.81826  0.540 28.11958  ?  10  ARG A O   1 
ATOM   8    O O   B ARG A 1 34  ? -13.91419 -26.02560 -4.78915  0.460 28.12955  ?  10  ARG A O   1 
ATOM   9    C CB  A ARG A 1 34  ? -15.79118 -26.90063 -2.75838  0.540 38.46599  ?  10  ARG A CB  1 
ATOM   10   C CB  B ARG A 1 34  ? -16.13064 -26.86771 -2.87253  0.460 35.21982  ?  10  ARG A CB  1 
ATOM   11   C CG  A ARG A 1 34  ? -16.10856 -25.48151 -2.35487  0.540 33.38976  ?  10  ARG A CG  1 
ATOM   12   C CG  B ARG A 1 34  ? -17.03606 -25.67914 -2.68262  0.460 36.20519  ?  10  ARG A CG  1 
ATOM   13   C CD  A ARG A 1 34  ? -17.58025 -25.33858 -2.03765  0.540 36.81319  ?  10  ARG A CD  1 
ATOM   14   C CD  B ARG A 1 34  ? -17.41858 -25.52888 -1.21650  0.460 36.95192  ?  10  ARG A CD  1 
ATOM   15   N NE  A ARG A 1 34  ? -17.91484 -24.01587 -1.51896  0.540 29.30137  ?  10  ARG A NE  1 
ATOM   16   N NE  B ARG A 1 34  ? -16.28521 -25.74560 -0.31912  0.460 37.00566  ?  10  ARG A NE  1 
ATOM   17   C CZ  A ARG A 1 34  ? -17.86509 -23.68835 -0.23357  0.540 27.17022  ?  10  ARG A CZ  1 
ATOM   18   C CZ  B ARG A 1 34  ? -16.18162 -25.21657 0.89649   0.460 36.59344  ?  10  ARG A CZ  1 
ATOM   19   N NH1 A ARG A 1 34  ? -17.48737 -24.58980 0.66322   0.540 39.60950  ?  10  ARG A NH1 1 
ATOM   20   N NH1 B ARG A 1 34  ? -17.13770 -24.42478 1.36209   0.460 40.13389  ?  10  ARG A NH1 1 
ATOM   21   N NH2 A ARG A 1 34  ? -18.20272 -22.46860 0.15992   0.540 23.61956  ?  10  ARG A NH2 1 
ATOM   22   N NH2 B ARG A 1 34  ? -15.11502 -25.46675 1.64292   0.460 39.55919  ?  10  ARG A NH2 1 
ATOM   23   N N   . PHE A 1 35  ? -15.73728 -25.55278 -6.04380  1.000 33.47652  ?  11  PHE A N   1 
ATOM   24   C CA  . PHE A 1 35  ? -15.02652 -24.63353 -6.93578  1.000 29.24370  ?  11  PHE A CA  1 
ATOM   25   C C   . PHE A 1 35  ? -14.18168 -23.62233 -6.16731  1.000 23.15988  ?  11  PHE A C   1 
ATOM   26   O O   . PHE A 1 35  ? -13.00367 -23.41926 -6.47116  1.000 25.07349  ?  11  PHE A O   1 
ATOM   27   C CB  . PHE A 1 35  ? -16.03715 -23.88215 -7.79736  1.000 29.77258  ?  11  PHE A CB  1 
ATOM   28   C CG  . PHE A 1 35  ? -15.43585 -22.75629 -8.59082  1.000 27.98638  ?  11  PHE A CG  1 
ATOM   29   C CD1 . PHE A 1 35  ? -14.77403 -23.00320 -9.78207  1.000 30.00865  ?  11  PHE A CD1 1 
ATOM   30   C CD2 . PHE A 1 35  ? -15.54000 -21.44873 -8.14998  1.000 25.73666  ?  11  PHE A CD2 1 
ATOM   31   C CE1 . PHE A 1 35  ? -14.22742 -21.96522 -10.51586 1.000 30.70796  ?  11  PHE A CE1 1 
ATOM   32   C CE2 . PHE A 1 35  ? -14.98470 -20.40634 -8.87987  1.000 22.42429  ?  11  PHE A CE2 1 
ATOM   33   C CZ  . PHE A 1 35  ? -14.34871 -20.66565 -10.06679 1.000 24.54929  ?  11  PHE A CZ  1 
ATOM   34   N N   . VAL A 1 36  ? -14.77131 -22.98722 -5.15768  1.000 22.52465  ?  12  VAL A N   1 
ATOM   35   C CA  . VAL A 1 36  ? -14.10879 -21.84304 -4.54268  1.000 20.53269  ?  12  VAL A CA  1 
ATOM   36   C C   . VAL A 1 36  ? -12.89923 -22.24384 -3.70558  1.000 21.50189  ?  12  VAL A C   1 
ATOM   37   O O   . VAL A 1 36  ? -12.02972 -21.40018 -3.44293  1.000 22.98290  ?  12  VAL A O   1 
ATOM   38   C CB  . VAL A 1 36  ? -15.14809 -21.02791 -3.74968  1.000 19.95585  ?  12  VAL A CB  1 
ATOM   39   C CG1 . VAL A 1 36  ? -15.52129 -21.73058 -2.44473  1.000 23.00795  ?  12  VAL A CG1 1 
ATOM   40   C CG2 . VAL A 1 36  ? -14.63971 -19.59817 -3.48240  1.000 22.35992  ?  12  VAL A CG2 1 
ATOM   41   N N   . ASP A 1 37  ? -12.79354 -23.51552 -3.30136  1.000 21.64619  ?  13  ASP A N   1 
ATOM   42   C CA  . ASP A 1 37  ? -11.74371 -23.92019 -2.36895  1.000 24.52027  ?  13  ASP A CA  1 
ATOM   43   C C   . ASP A 1 37  ? -10.34511 -23.72930 -2.94301  1.000 23.40501  ?  13  ASP A C   1 
ATOM   44   O O   . ASP A 1 37  ? -9.40101  -23.47544 -2.18393  1.000 25.01364  ?  13  ASP A O   1 
ATOM   45   C CB  . ASP A 1 37  ? -11.92994 -25.38962 -1.97113  1.000 26.02261  ?  13  ASP A CB  1 
ATOM   46   C CG  . ASP A 1 37  ? -13.04162 -25.59088 -0.95135  1.000 38.52342  ?  13  ASP A CG  1 
ATOM   47   O OD1 . ASP A 1 37  ? -13.43032 -24.62109 -0.26002  1.000 37.28721  ?  13  ASP A OD1 1 
ATOM   48   O OD2 . ASP A 1 37  ? -13.51862 -26.73877 -0.82916  1.000 38.51965  -1 13  ASP A OD2 1 
ATOM   49   N N   A ASP A 1 38  ? -10.17442 -23.83290 -4.26025  0.530 22.41418  ?  14  ASP A N   1 
ATOM   50   N N   B ASP A 1 38  ? -10.19305 -23.85744 -4.26935  0.470 22.41505  ?  14  ASP A N   1 
ATOM   51   C CA  A ASP A 1 38  ? -8.84044  -23.71957 -4.83989  0.530 24.49555  ?  14  ASP A CA  1 
ATOM   52   C CA  B ASP A 1 38  ? -8.89646  -23.79703 -4.93790  0.470 24.59026  ?  14  ASP A CA  1 
ATOM   53   C C   A ASP A 1 38  ? -8.73507  -22.64811 -5.91782  0.530 21.97034  ?  14  ASP A C   1 
ATOM   54   C C   B ASP A 1 38  ? -8.92783  -22.85609 -6.13968  0.470 22.99163  ?  14  ASP A C   1 
ATOM   55   O O   A ASP A 1 38  ? -7.69768  -22.55313 -6.58390  0.530 20.70879  ?  14  ASP A O   1 
ATOM   56   O O   B ASP A 1 38  ? -8.19641  -23.04848 -7.11680  0.470 21.57345  ?  14  ASP A O   1 
ATOM   57   C CB  A ASP A 1 38  ? -8.35237  -25.07390 -5.36413  0.530 30.47403  ?  14  ASP A CB  1 
ATOM   58   C CB  B ASP A 1 38  ? -8.41388  -25.19270 -5.34118  0.470 30.43746  ?  14  ASP A CB  1 
ATOM   59   C CG  A ASP A 1 38  ? -9.16479  -25.57457 -6.53829  0.530 27.62307  ?  14  ASP A CG  1 
ATOM   60   C CG  B ASP A 1 38  ? -6.90090  -25.27417 -5.48901  0.470 36.20570  ?  14  ASP A CG  1 
ATOM   61   O OD1 A ASP A 1 38  ? -10.34673 -25.19527 -6.66690  0.530 32.61714  ?  14  ASP A OD1 1 
ATOM   62   O OD1 B ASP A 1 38  ? -6.18286  -24.95216 -4.51851  0.470 38.58978  ?  14  ASP A OD1 1 
ATOM   63   O OD2 A ASP A 1 38  ? -8.61533  -26.36392 -7.33833  0.530 43.86794  -1 14  ASP A OD2 1 
ATOM   64   O OD2 B ASP A 1 38  ? -6.43567  -25.66603 -6.58096  0.470 38.76363  -1 14  ASP A OD2 1 
ATOM   65   N N   . TYR A 1 39  ? -9.76715  -21.82843 -6.08641  1.000 20.20596  ?  15  TYR A N   1 
ATOM   66   C CA  . TYR A 1 39  ? -9.82087  -20.83277 -7.15585  1.000 18.87909  ?  15  TYR A CA  1 
ATOM   67   C C   . TYR A 1 39  ? -8.90174  -19.66570 -6.78599  1.000 17.28286  ?  15  TYR A C   1 
ATOM   68   O O   . TYR A 1 39  ? -9.14666  -18.97593 -5.79065  1.000 17.83294  ?  15  TYR A O   1 
ATOM   69   C CB  . TYR A 1 39  ? -11.27560 -20.37315 -7.28791  1.000 19.50100  ?  15  TYR A CB  1 
ATOM   70   C CG  . TYR A 1 39  ? -11.52412 -19.30152 -8.33532  1.000 18.82516  ?  15  TYR A CG  1 
ATOM   71   C CD1 . TYR A 1 39  ? -11.07115 -19.45034 -9.64581  1.000 19.45249  ?  15  TYR A CD1 1 
ATOM   72   C CD2 . TYR A 1 39  ? -12.21415 -18.14075 -7.99844  1.000 18.31709  ?  15  TYR A CD2 1 
ATOM   73   C CE1 . TYR A 1 39  ? -11.29073 -18.45761 -10.59429 1.000 18.17522  ?  15  TYR A CE1 1 
ATOM   74   C CE2 . TYR A 1 39  ? -12.46360 -17.15404 -8.93617  1.000 18.72344  ?  15  TYR A CE2 1 
ATOM   75   C CZ  . TYR A 1 39  ? -11.98840 -17.30327 -10.22490 1.000 16.72729  ?  15  TYR A CZ  1 
ATOM   76   O OH  . TYR A 1 39  ? -12.23623 -16.29212 -11.12702 1.000 18.18062  ?  15  TYR A OH  1 
ATOM   77   N N   . LEU A 1 40  ? -7.85317  -19.45313 -7.58790  1.000 18.66341  ?  16  LEU A N   1 
ATOM   78   C CA  . LEU A 1 40  ? -6.80488  -18.48870 -7.23514  1.000 17.08471  ?  16  LEU A CA  1 
ATOM   79   C C   . LEU A 1 40  ? -7.32690  -17.11203 -6.82979  1.000 17.01308  ?  16  LEU A C   1 
ATOM   80   O O   . LEU A 1 40  ? -6.86954  -16.59432 -5.79945  1.000 16.69820  ?  16  LEU A O   1 
ATOM   81   C CB  . LEU A 1 40  ? -5.74606  -18.36699 -8.34189  1.000 20.46407  ?  16  LEU A CB  1 
ATOM   82   C CG  . LEU A 1 40  ? -4.67507  -17.29071 -8.08497  1.000 19.71175  ?  16  LEU A CG  1 
ATOM   83   C CD1 . LEU A 1 40  ? -3.75457  -17.70561 -6.93859  1.000 23.31809  ?  16  LEU A CD1 1 
ATOM   84   C CD2 . LEU A 1 40  ? -3.89327  -16.98514 -9.36492  1.000 24.69778  ?  16  LEU A CD2 1 
ATOM   85   N N   . PRO A 1 41  ? -8.21496  -16.45212 -7.59212  1.000 16.63814  ?  17  PRO A N   1 
ATOM   86   C CA  . PRO A 1 41  ? -8.62570  -15.10215 -7.17171  1.000 16.27222  ?  17  PRO A CA  1 
ATOM   87   C C   . PRO A 1 41  ? -9.29494  -15.08781 -5.80776  1.000 15.32257  ?  17  PRO A C   1 
ATOM   88   O O   . PRO A 1 41  ? -9.10206  -14.15173 -5.01725  1.000 16.78706  ?  17  PRO A O   1 
ATOM   89   C CB  . PRO A 1 41  ? -9.56715  -14.63866 -8.30537  1.000 18.51892  ?  17  PRO A CB  1 
ATOM   90   C CG  . PRO A 1 41  ? -9.11100  -15.44477 -9.52704  1.000 19.18070  ?  17  PRO A CG  1 
ATOM   91   C CD  . PRO A 1 41  ? -8.73923  -16.79490 -8.93651  1.000 18.65567  ?  17  PRO A CD  1 
ATOM   92   N N   . ALA A 1 42  ? -10.09624 -16.11918 -5.50377  1.000 16.48424  ?  18  ALA A N   1 
ATOM   93   C CA  . ALA A 1 42  ? -10.71877 -16.17170 -4.19077  1.000 15.54252  ?  18  ALA A CA  1 
ATOM   94   C C   . ALA A 1 42  ? -9.68221  -16.38011 -3.09256  1.000 16.05836  ?  18  ALA A C   1 
ATOM   95   O O   . ALA A 1 42  ? -9.79580  -15.79205 -2.01259  1.000 15.91537  ?  18  ALA A O   1 
ATOM   96   C CB  . ALA A 1 42  ? -11.76379 -17.29062 -4.16626  1.000 18.39503  ?  18  ALA A CB  1 
ATOM   97   N N   . LEU A 1 43  ? -8.65438  -17.21071 -3.35237  1.000 16.08869  ?  19  LEU A N   1 
ATOM   98   C CA  . LEU A 1 43  ? -7.59971  -17.42100 -2.35708  1.000 15.45931  ?  19  LEU A CA  1 
ATOM   99   C C   . LEU A 1 43  ? -6.81167  -16.13861 -2.10749  1.000 16.01395  ?  19  LEU A C   1 
ATOM   100  O O   . LEU A 1 43  ? -6.53625  -15.78005 -0.95639  1.000 16.14012  ?  19  LEU A O   1 
ATOM   101  C CB  . LEU A 1 43  ? -6.65662  -18.53775 -2.82744  1.000 17.59362  ?  19  LEU A CB  1 
ATOM   102  C CG  . LEU A 1 43  ? -7.25831  -19.93409 -2.93417  1.000 18.01748  ?  19  LEU A CG  1 
ATOM   103  C CD1 . LEU A 1 43  ? -6.26743  -20.87412 -3.62890  1.000 22.39713  ?  19  LEU A CD1 1 
ATOM   104  C CD2 . LEU A 1 43  ? -7.63019  -20.45133 -1.53993  1.000 24.00952  ?  19  LEU A CD2 1 
ATOM   105  N N   . LEU A 1 44  ? -6.43331  -15.42963 -3.18184  1.000 16.43989  ?  20  LEU A N   1 
ATOM   106  C CA  . LEU A 1 44  ? -5.69125  -14.17952 -3.01336  1.000 16.29285  ?  20  LEU A CA  1 
ATOM   107  C C   . LEU A 1 44  ? -6.51002  -13.15527 -2.24168  1.000 14.92111  ?  20  LEU A C   1 
ATOM   108  O O   . LEU A 1 44  ? -5.99035  -12.46686 -1.34422  1.000 16.68916  ?  20  LEU A O   1 
ATOM   109  C CB  . LEU A 1 44  ? -5.34700  -13.59085 -4.38509  1.000 17.96267  ?  20  LEU A CB  1 
ATOM   110  C CG  . LEU A 1 44  ? -4.21955  -14.24325 -5.18398  1.000 17.37161  ?  20  LEU A CG  1 
ATOM   111  C CD1 . LEU A 1 44  ? -4.29539  -13.73669 -6.63780  1.000 20.05497  ?  20  LEU A CD1 1 
ATOM   112  C CD2 . LEU A 1 44  ? -2.86516  -13.94630 -4.54380  1.000 19.35107  ?  20  LEU A CD2 1 
ATOM   113  N N   . ALA A 1 45  ? -7.80759  -13.04356 -2.57112  1.000 15.15478  ?  21  ALA A N   1 
ATOM   114  C CA  . ALA A 1 45  ? -8.62162  -12.01060 -1.94621  1.000 14.54565  ?  21  ALA A CA  1 
ATOM   115  C C   . ALA A 1 45  ? -8.86815  -12.29957 -0.47538  1.000 14.46981  ?  21  ALA A C   1 
ATOM   116  O O   . ALA A 1 45  ? -8.85605  -11.38369 0.35650   1.000 15.26186  ?  21  ALA A O   1 
ATOM   117  C CB  . ALA A 1 45  ? -9.93231  -11.85902 -2.71340  1.000 17.72999  ?  21  ALA A CB  1 
ATOM   118  N N   . GLN A 1 46  ? -9.08874  -13.58237 -0.12707  1.000 14.63046  ?  22  GLN A N   1 
ATOM   119  C CA  . GLN A 1 46  ? -9.29795  -13.89914 1.28261   1.000 14.88293  ?  22  GLN A CA  1 
ATOM   120  C C   . GLN A 1 46  ? -8.02165  -13.71244 2.08577   1.000 14.88288  ?  22  GLN A C   1 
ATOM   121  O O   . GLN A 1 46  ? -8.05325  -13.13441 3.18221   1.000 15.88596  ?  22  GLN A O   1 
ATOM   122  C CB  . GLN A 1 46  ? -9.76651  -15.34376 1.41911   1.000 15.52204  ?  22  GLN A CB  1 
ATOM   123  C CG  . GLN A 1 46  ? -11.19346 -15.62304 0.90819   1.000 15.73926  ?  22  GLN A CG  1 
ATOM   124  C CD  . GLN A 1 46  ? -11.44324 -17.11174 0.80787   1.000 17.59878  ?  22  GLN A CD  1 
ATOM   125  O OE1 . GLN A 1 46  ? -11.32383 -17.72062 -0.27257  1.000 20.68372  ?  22  GLN A OE1 1 
ATOM   126  N NE2 . GLN A 1 46  ? -11.74426 -17.71835 1.95239   1.000 17.01465  ?  22  GLN A NE2 1 
ATOM   127  N N   . ALA A 1 47  ? -6.88726  -14.20384 1.56503   1.000 14.88517  ?  23  ALA A N   1 
ATOM   128  C CA  . ALA A 1 47  ? -5.64725  -14.00497 2.31383   1.000 14.34307  ?  23  ALA A CA  1 
ATOM   129  C C   . ALA A 1 47  ? -5.35583  -12.51825 2.49838   1.000 15.74332  ?  23  ALA A C   1 
ATOM   130  O O   . ALA A 1 47  ? -4.97826  -12.07580 3.59978   1.000 16.83980  ?  23  ALA A O   1 
ATOM   131  C CB  . ALA A 1 47  ? -4.49033  -14.68699 1.59122   1.000 18.10142  ?  23  ALA A CB  1 
ATOM   132  N N   . SER A 1 48  ? -5.58479  -11.71827 1.44395   1.000 15.17290  ?  24  SER A N   1 
ATOM   133  C CA  . SER A 1 48  ? -5.30341  -10.29227 1.53340   1.000 16.26590  ?  24  SER A CA  1 
ATOM   134  C C   . SER A 1 48  ? -6.21165  -9.63619  2.56459   1.000 15.47663  ?  24  SER A C   1 
ATOM   135  O O   . SER A 1 48  ? -5.75093  -8.86790  3.40920   1.000 16.74172  ?  24  SER A O   1 
ATOM   136  C CB  . SER A 1 48  ? -5.49750  -9.69136  0.14620   1.000 17.38012  ?  24  SER A CB  1 
ATOM   137  O OG  . SER A 1 48  ? -5.29910  -8.28458  0.18122   1.000 18.31011  ?  24  SER A OG  1 
ATOM   138  N N   A GLN A 1 49  ? -7.52119  -9.93678  2.52256   0.760 15.25709  ?  25  GLN A N   1 
ATOM   139  N N   B GLN A 1 49  ? -7.51373  -9.93073  2.51189   0.240 15.43853  ?  25  GLN A N   1 
ATOM   140  C CA  A GLN A 1 49  ? -8.42947  -9.29413  3.46752   0.760 17.08827  ?  25  GLN A CA  1 
ATOM   141  C CA  B GLN A 1 49  ? -8.43152  -9.32104  3.46570   0.240 17.02870  ?  25  GLN A CA  1 
ATOM   142  C C   A GLN A 1 49  ? -8.11759  -9.68060  4.90690   0.760 16.55633  ?  25  GLN A C   1 
ATOM   143  C C   B GLN A 1 49  ? -8.05991  -9.68123  4.89548   0.240 16.68339  ?  25  GLN A C   1 
ATOM   144  O O   A GLN A 1 49  ? -8.09796  -8.81850  5.79726   0.760 17.41544  ?  25  GLN A O   1 
ATOM   145  O O   B GLN A 1 49  ? -7.95665  -8.80547  5.76373   0.240 17.78506  ?  25  GLN A O   1 
ATOM   146  C CB  A GLN A 1 49  ? -9.86965  -9.64872  3.10514   0.760 17.24500  ?  25  GLN A CB  1 
ATOM   147  C CB  B GLN A 1 49  ? -9.85429  -9.77340  3.16643   0.240 17.30228  ?  25  GLN A CB  1 
ATOM   148  C CG  A GLN A 1 49  ? -10.91072 -9.01206  4.02503   0.760 17.89516  ?  25  GLN A CG  1 
ATOM   149  C CG  B GLN A 1 49  ? -10.81328 -9.54849  4.31968   0.240 19.95117  ?  25  GLN A CG  1 
ATOM   150  C CD  A GLN A 1 49  ? -11.20126 -9.86517  5.25749   0.760 19.98964  ?  25  GLN A CD  1 
ATOM   151  C CD  B GLN A 1 49  ? -10.92894 -8.08854  4.71206   0.240 21.68165  ?  25  GLN A CD  1 
ATOM   152  O OE1 A GLN A 1 49  ? -11.44001 -11.07488 5.15679   0.760 20.31512  ?  25  GLN A OE1 1 
ATOM   153  O OE1 B GLN A 1 49  ? -10.77598 -7.19285  3.88182   0.240 27.54699  ?  25  GLN A OE1 1 
ATOM   154  N NE2 A GLN A 1 49  ? -11.18074 -9.24559  6.41659   0.760 21.82340  ?  25  GLN A NE2 1 
ATOM   155  N NE2 B GLN A 1 49  ? -11.22044 -7.84202  5.98386   0.240 22.67330  ?  25  GLN A NE2 1 
ATOM   156  N N   . LEU A 1 50  ? -7.83853  -10.97231 5.15855   1.000 16.58793  ?  26  LEU A N   1 
ATOM   157  C CA  . LEU A 1 50  ? -7.62018  -11.40660 6.53223   1.000 16.36960  ?  26  LEU A CA  1 
ATOM   158  C C   . LEU A 1 50  ? -6.34182  -10.80668 7.09415   1.000 19.85863  ?  26  LEU A C   1 
ATOM   159  O O   . LEU A 1 50  ? -6.33023  -10.30226 8.22801   1.000 20.64474  ?  26  LEU A O   1 
ATOM   160  C CB  . LEU A 1 50  ? -7.59598  -12.93644 6.59215   1.000 17.50736  ?  26  LEU A CB  1 
ATOM   161  C CG  . LEU A 1 50  ? -8.93545  -13.61137 6.28533   1.000 17.26960  ?  26  LEU A CG  1 
ATOM   162  C CD1 . LEU A 1 50  ? -8.71636  -15.11344 5.99069   1.000 19.27103  ?  26  LEU A CD1 1 
ATOM   163  C CD2 . LEU A 1 50  ? -9.93093  -13.42067 7.40855   1.000 21.11719  ?  26  LEU A CD2 1 
ATOM   164  N N   . ILE A 1 51  ? -5.25951  -10.82004 6.31499   1.000 18.37320  ?  27  ILE A N   1 
ATOM   165  C CA  . ILE A 1 51  ? -3.99387  -10.29479 6.82387   1.000 18.93957  ?  27  ILE A CA  1 
ATOM   166  C C   . ILE A 1 51  ? -4.05565  -8.77809  6.99362   1.000 20.09002  ?  27  ILE A C   1 
ATOM   167  O O   . ILE A 1 51  ? -3.62507  -8.24598  8.02571   1.000 21.25280  ?  27  ILE A O   1 
ATOM   168  C CB  . ILE A 1 51  ? -2.83000  -10.76203 5.93569   1.000 17.96033  ?  27  ILE A CB  1 
ATOM   169  C CG1 . ILE A 1 51  ? -2.59666  -12.27358 6.14756   1.000 21.80332  ?  27  ILE A CG1 1 
ATOM   170  C CG2 . ILE A 1 51  ? -1.55308  -9.99114  6.24630   1.000 20.40825  ?  27  ILE A CG2 1 
ATOM   171  C CD1 . ILE A 1 51  ? -1.73898  -12.91676 5.07387   1.000 26.59037  ?  27  ILE A CD1 1 
ATOM   172  N N   A SER A 1 52  ? -4.67045  -8.05355  6.04388   0.510 17.53727  ?  28  SER A N   1 
ATOM   173  N N   B SER A 1 52  ? -4.52408  -8.07253  5.95710   0.490 17.40331  ?  28  SER A N   1 
ATOM   174  C CA  A SER A 1 52  ? -4.72475  -6.58918  6.16789   0.510 18.38299  ?  28  SER A CA  1 
ATOM   175  C CA  B SER A 1 52  ? -4.52788  -6.62052  6.02730   0.490 18.53811  ?  28  SER A CA  1 
ATOM   176  C C   A SER A 1 52  ? -5.62917  -6.13596  7.31392   0.510 20.59145  ?  28  SER A C   1 
ATOM   177  C C   B SER A 1 52  ? -5.45807  -6.11613  7.11630   0.490 19.88083  ?  28  SER A C   1 
ATOM   178  O O   A SER A 1 52  ? -5.32835  -5.15182  8.03345   0.510 20.33596  ?  28  SER A O   1 
ATOM   179  O O   B SER A 1 52  ? -5.16033  -5.09606  7.74439   0.490 20.85697  ?  28  SER A O   1 
ATOM   180  C CB  A SER A 1 52  ? -5.19587  -5.97317  4.85304   0.510 19.02273  ?  28  SER A CB  1 
ATOM   181  C CB  B SER A 1 52  ? -4.88308  -6.01041  4.67390   0.490 20.60956  ?  28  SER A CB  1 
ATOM   182  O OG  A SER A 1 52  ? -4.15875  -6.04227  3.89758   0.510 23.96733  ?  28  SER A OG  1 
ATOM   183  O OG  B SER A 1 52  ? -6.19774  -6.35050  4.30855   0.490 16.36200  ?  28  SER A OG  1 
ATOM   184  N N   A SER A 1 53  ? -6.76695  -6.80811  7.48351   0.510 19.56992  ?  29  SER A N   1 
ATOM   185  N N   B SER A 1 53  ? -6.56829  -6.81282  7.38323   0.490 19.03761  ?  29  SER A N   1 
ATOM   186  C CA  A SER A 1 53  ? -7.68294  -6.37070  8.52223   0.510 18.88986  ?  29  SER A CA  1 
ATOM   187  C CA  B SER A 1 53  ? -7.50170  -6.29344  8.37920   0.490 18.70203  ?  29  SER A CA  1 
ATOM   188  C C   A SER A 1 53  ? -7.03230  -6.42656  9.89750   0.510 20.41231  ?  29  SER A C   1 
ATOM   189  C C   B SER A 1 53  ? -6.92056  -6.33464  9.79343   0.490 19.94147  ?  29  SER A C   1 
ATOM   190  O O   A SER A 1 53  ? -7.39606  -5.64747  10.78957  0.510 21.43499  ?  29  SER A O   1 
ATOM   191  O O   B SER A 1 53  ? -7.27538  -5.49280  10.63147  0.490 20.70593  ?  29  SER A O   1 
ATOM   192  C CB  A SER A 1 53  ? -8.97235  -7.17921  8.44028   0.510 19.63898  ?  29  SER A CB  1 
ATOM   193  C CB  B SER A 1 53  ? -8.83496  -7.03519  8.28939   0.490 19.54844  ?  29  SER A CB  1 
ATOM   194  O OG  A SER A 1 53  ? -9.66209  -6.81993  7.25771   0.510 20.18200  ?  29  SER A OG  1 
ATOM   195  O OG  B SER A 1 53  ? -8.66793  -8.40166  8.58152   0.490 25.71109  ?  29  SER A OG  1 
ATOM   196  N N   . GLU A 1 54  ? -6.03396  -7.29714  10.07588  1.000 19.75254  ?  30  GLU A N   1 
ATOM   197  C CA  . GLU A 1 54  ? -5.38015  -7.37972  11.37972  1.000 19.55948  ?  30  GLU A CA  1 
ATOM   198  C C   . GLU A 1 54  ? -4.63714  -6.09775  11.71643  1.000 22.73849  ?  30  GLU A C   1 
ATOM   199  O O   . GLU A 1 54  ? -4.49386  -5.76035  12.89650  1.000 25.83339  ?  30  GLU A O   1 
ATOM   200  C CB  . GLU A 1 54  ? -4.38442  -8.54379  11.39670  1.000 20.53379  ?  30  GLU A CB  1 
ATOM   201  C CG  . GLU A 1 54  ? -5.06638  -9.89453  11.39550  1.000 20.67856  ?  30  GLU A CG  1 
ATOM   202  C CD  . GLU A 1 54  ? -4.10535  -11.06643 11.42251  1.000 25.06950  ?  30  GLU A CD  1 
ATOM   203  O OE1 . GLU A 1 54  ? -2.86428  -10.88309 11.33634  1.000 24.23073  ?  30  GLU A OE1 1 
ATOM   204  O OE2 . GLU A 1 54  ? -4.63176  -12.19658 11.52503  1.000 24.86046  -1 30  GLU A OE2 1 
ATOM   205  N N   . PHE A 1 55  ? -4.13066  -5.39858  10.70763  1.000 19.23661  ?  31  PHE A N   1 
ATOM   206  C CA  . PHE A 1 55  ? -3.37915  -4.17697  10.94623  1.000 20.11278  ?  31  PHE A CA  1 
ATOM   207  C C   . PHE A 1 55  ? -4.27548  -2.94673  11.02839  1.000 21.75202  ?  31  PHE A C   1 
ATOM   208  O O   . PHE A 1 55  ? -3.80748  -1.88993  11.49327  1.000 20.57542  ?  31  PHE A O   1 
ATOM   209  C CB  . PHE A 1 55  ? -2.32030  -3.98964  9.85404   1.000 20.98080  ?  31  PHE A CB  1 
ATOM   210  C CG  . PHE A 1 55  ? -1.23684  -3.01972  10.23193  1.000 18.78011  ?  31  PHE A CG  1 
ATOM   211  C CD1 . PHE A 1 55  ? -0.33731  -3.33759  11.24268  1.000 20.65066  ?  31  PHE A CD1 1 
ATOM   212  C CD2 . PHE A 1 55  ? -1.11213  -1.79944  9.58679   1.000 21.12647  ?  31  PHE A CD2 1 
ATOM   213  C CE1 . PHE A 1 55  ? 0.65585   -2.44018  11.62983  1.000 20.40657  ?  31  PHE A CE1 1 
ATOM   214  C CE2 . PHE A 1 55  ? -0.11117  -0.89891  9.96479   1.000 19.91174  ?  31  PHE A CE2 1 
ATOM   215  C CZ  . PHE A 1 55  ? 0.76999   -1.22757  10.97543  1.000 21.92698  ?  31  PHE A CZ  1 
ATOM   216  N N   . HIS A 1 56  ? -5.53153  -3.04540  10.56616  1.000 22.96452  ?  32  HIS A N   1 
ATOM   217  C CA  . HIS A 1 56  ? -6.43159  -1.87466  10.65000  1.000 21.47911  ?  32  HIS A CA  1 
ATOM   218  C C   . HIS A 1 56  ? -6.51774  -1.25511  12.03751  1.000 25.60025  ?  32  HIS A C   1 
ATOM   219  O O   . HIS A 1 56  ? -6.50771  -0.02228  12.17579  1.000 23.31191  ?  32  HIS A O   1 
ATOM   220  C CB  . HIS A 1 56  ? -7.84354  -2.26404  10.24677  1.000 23.74915  ?  32  HIS A CB  1 
ATOM   221  C CG  . HIS A 1 56  ? -7.96871  -2.54735  8.80443   1.000 23.53567  ?  32  HIS A CG  1 
ATOM   222  N ND1 . HIS A 1 56  ? -9.14891  -2.96233  8.22650   1.000 25.34795  ?  32  HIS A ND1 1 
ATOM   223  C CD2 . HIS A 1 56  ? -7.05300  -2.48842  7.80960   1.000 22.36509  ?  32  HIS A CD2 1 
ATOM   224  C CE1 . HIS A 1 56  ? -8.95187  -3.14101  6.93350   1.000 25.14793  ?  32  HIS A CE1 1 
ATOM   225  N NE2 . HIS A 1 56  ? -7.68922  -2.86629  6.65780   1.000 25.25709  ?  32  HIS A NE2 1 
ATOM   226  N N   . GLU A 1 57  ? -6.75311  -2.08151  13.06605  1.000 24.92028  ?  33  GLU A N   1 
ATOM   227  C CA  . GLU A 1 57  ? -6.88822  -1.56638  14.42658  1.000 29.98778  ?  33  GLU A CA  1 
ATOM   228  C C   . GLU A 1 57  ? -5.67006  -0.75506  14.81906  1.000 25.22799  ?  33  GLU A C   1 
ATOM   229  O O   . GLU A 1 57  ? -5.78285  0.29697   15.46683  1.000 27.07516  ?  33  GLU A O   1 
ATOM   230  C CB  . GLU A 1 57  ? -7.03897  -2.73815  15.40143  1.000 42.15605  ?  33  GLU A CB  1 
ATOM   231  C CG  . GLU A 1 57  ? -7.40086  -2.33294  16.82020  1.000 62.11310  ?  33  GLU A CG  1 
ATOM   232  C CD  . GLU A 1 57  ? -7.81083  -3.51130  17.67758  1.000 80.64888  ?  33  GLU A CD  1 
ATOM   233  O OE1 . GLU A 1 57  ? -8.62136  -3.31914  18.61197  1.000 77.03258  ?  33  GLU A OE1 1 
ATOM   234  O OE2 . GLU A 1 57  ? -7.31992  -4.63411  17.42391  1.000 84.14483  -1 33  GLU A OE2 1 
ATOM   235  N N   . VAL A 1 58  ? -4.48585  -1.26167  14.45436  1.000 26.87228  ?  34  VAL A N   1 
ATOM   236  C CA  . VAL A 1 58  ? -3.23004  -0.58595  14.75329  1.000 26.98367  ?  34  VAL A CA  1 
ATOM   237  C C   . VAL A 1 58  ? -3.21048  0.78683   14.10000  1.000 22.86486  ?  34  VAL A C   1 
ATOM   238  O O   . VAL A 1 58  ? -2.94035  1.81316   14.74620  1.000 21.42443  ?  34  VAL A O   1 
ATOM   239  C CB  . VAL A 1 58  ? -2.04310  -1.44621  14.26878  1.000 25.59283  ?  34  VAL A CB  1 
ATOM   240  C CG1 . VAL A 1 58  ? -0.75631  -0.83828  14.73866  1.000 25.20141  ?  34  VAL A CG1 1 
ATOM   241  C CG2 . VAL A 1 58  ? -2.17863  -2.88719  14.76439  1.000 28.30065  ?  34  VAL A CG2 1 
ATOM   242  N N   . ALA A 1 59  ? -3.48278  0.81451   12.79224  1.000 20.98120  ?  35  ALA A N   1 
ATOM   243  C CA  . ALA A 1 59  ? -3.44118  2.08631   12.08256  1.000 19.27367  ?  35  ALA A CA  1 
ATOM   244  C C   . ALA A 1 59  ? -4.38510  3.09815   12.72461  1.000 19.29674  ?  35  ALA A C   1 
ATOM   245  O O   . ALA A 1 59  ? -3.99890  4.25615   12.95400  1.000 18.81020  ?  35  ALA A O   1 
ATOM   246  C CB  . ALA A 1 59  ? -3.77144  1.89440   10.60450  1.000 19.78473  ?  35  ALA A CB  1 
ATOM   247  N N   . ARG A 1 60  ? -5.61029  2.67094   13.05691  1.000 20.08386  ?  36  ARG A N   1 
ATOM   248  C CA  . ARG A 1 60  ? -6.57871  3.61429   13.61751  1.000 21.56378  ?  36  ARG A CA  1 
ATOM   249  C C   . ARG A 1 60  ? -6.17989  4.07611   15.01448  1.000 24.25312  ?  36  ARG A C   1 
ATOM   250  O O   . ARG A 1 60  ? -6.40535  5.23888   15.37511  1.000 23.59501  ?  36  ARG A O   1 
ATOM   251  C CB  . ARG A 1 60  ? -7.97856  3.01148   13.61329  1.000 21.19061  ?  36  ARG A CB  1 
ATOM   252  C CG  . ARG A 1 60  ? -8.47227  2.72838   12.22501  1.000 20.13017  ?  36  ARG A CG  1 
ATOM   253  C CD  . ARG A 1 60  ? -9.95794  2.43799   12.24924  1.000 26.49533  ?  36  ARG A CD  1 
ATOM   254  N NE  . ARG A 1 60  ? -10.36283 1.81901   11.00289  1.000 28.29473  ?  36  ARG A NE  1 
ATOM   255  C CZ  . ARG A 1 60  ? -10.56605 0.51532   10.85747  1.000 26.29150  ?  36  ARG A CZ  1 
ATOM   256  N NH1 . ARG A 1 60  ? -10.90669 0.04137   9.67581   1.000 28.84059  ?  36  ARG A NH1 1 
ATOM   257  N NH2 . ARG A 1 60  ? -10.41480 -0.30368  11.89580  1.000 29.41709  ?  36  ARG A NH2 1 
ATOM   258  N N   . GLN A 1 61  ? -5.58307  3.18186   15.82238  1.000 24.04207  ?  37  GLN A N   1 
ATOM   259  C CA  . GLN A 1 61  ? -5.12818  3.59256   17.14714  1.000 27.72728  ?  37  GLN A CA  1 
ATOM   260  C C   . GLN A 1 61  ? -4.02119  4.62632   17.06420  1.000 24.73780  ?  37  GLN A C   1 
ATOM   261  O O   . GLN A 1 61  ? -3.79741  5.37215   18.03097  1.000 28.02853  ?  37  GLN A O   1 
ATOM   262  C CB  . GLN A 1 61  ? -4.64479  2.38247   17.95273  1.000 32.92649  ?  37  GLN A CB  1 
ATOM   263  C CG  . GLN A 1 61  ? -5.75994  1.59171   18.59025  1.000 42.05135  ?  37  GLN A CG  1 
ATOM   264  C CD  . GLN A 1 61  ? -5.29739  0.24946   19.11909  1.000 68.24353  ?  37  GLN A CD  1 
ATOM   265  O OE1 . GLN A 1 61  ? -4.09765  -0.01436  19.21521  1.000 68.27452  ?  37  GLN A OE1 1 
ATOM   266  N NE2 . GLN A 1 61  ? -6.25055  -0.61005  19.46441  1.000 70.85592  ?  37  GLN A NE2 1 
ATOM   267  N N   . HIS A 1 62  ? -3.31791  4.68751   15.93626  1.000 22.94187  ?  38  HIS A N   1 
ATOM   268  C CA  . HIS A 1 62  ? -2.32793  5.72669   15.69772  1.000 23.47284  ?  38  HIS A CA  1 
ATOM   269  C C   . HIS A 1 62  ? -2.89268  6.93168   14.95077  1.000 23.02450  ?  38  HIS A C   1 
ATOM   270  O O   . HIS A 1 62  ? -2.12779  7.79053   14.50064  1.000 23.88121  ?  38  HIS A O   1 
ATOM   271  C CB  . HIS A 1 62  ? -1.08841  5.13744   15.01433  1.000 25.29269  ?  38  HIS A CB  1 
ATOM   272  C CG  . HIS A 1 62  ? -0.30463  4.22590   15.91143  1.000 28.09457  ?  38  HIS A CG  1 
ATOM   273  N ND1 . HIS A 1 62  ? -0.77470  2.99510   16.31363  1.000 27.23293  ?  38  HIS A ND1 1 
ATOM   274  C CD2 . HIS A 1 62  ? 0.87712   4.40323   16.54886  1.000 36.29814  ?  38  HIS A CD2 1 
ATOM   275  C CE1 . HIS A 1 62  ? 0.10220   2.43519   17.13283  1.000 30.58333  ?  38  HIS A CE1 1 
ATOM   276  N NE2 . HIS A 1 62  ? 1.11345   3.26960   17.28817  1.000 38.74979  ?  38  HIS A NE2 1 
ATOM   277  N N   . GLY A 1 63  ? -4.21266  7.00502   14.80940  1.000 20.68396  ?  39  GLY A N   1 
ATOM   278  C CA  . GLY A 1 63  ? -4.85070  8.17183   14.23400  1.000 20.68018  ?  39  GLY A CA  1 
ATOM   279  C C   . GLY A 1 63  ? -4.97159  8.17349   12.72582  1.000 21.85205  ?  39  GLY A C   1 
ATOM   280  O O   . GLY A 1 63  ? -5.33534  9.20687   12.15687  1.000 24.47713  ?  39  GLY A O   1 
ATOM   281  N N   . PHE A 1 64  ? -4.70213  7.05347   12.06116  1.000 20.09359  ?  40  PHE A N   1 
ATOM   282  C CA  . PHE A 1 64  ? -4.75268  6.96842   10.60874  1.000 18.97735  ?  40  PHE A CA  1 
ATOM   283  C C   . PHE A 1 64  ? -6.01069  6.25573   10.15502  1.000 18.30102  ?  40  PHE A C   1 
ATOM   284  O O   . PHE A 1 64  ? -6.37985  5.21550   10.71026  1.000 19.57058  ?  40  PHE A O   1 
ATOM   285  C CB  . PHE A 1 64  ? -3.58948  6.10996   10.10318  1.000 19.45408  ?  40  PHE A CB  1 
ATOM   286  C CG  . PHE A 1 64  ? -2.27804  6.81513   10.04895  1.000 22.48698  ?  40  PHE A CG  1 
ATOM   287  C CD1 . PHE A 1 64  ? -1.57056  7.07919   11.20860  1.000 22.75600  ?  40  PHE A CD1 1 
ATOM   288  C CD2 . PHE A 1 64  ? -1.71552  7.13960   8.82891   1.000 24.42338  ?  40  PHE A CD2 1 
ATOM   289  C CE1 . PHE A 1 64  ? -0.33467  7.72824   11.16117  1.000 27.59989  ?  40  PHE A CE1 1 
ATOM   290  C CE2 . PHE A 1 64  ? -0.48642  7.77543   8.76763   1.000 29.90411  ?  40  PHE A CE2 1 
ATOM   291  C CZ  . PHE A 1 64  ? 0.20000   8.07730   9.93509   1.000 25.90615  ?  40  PHE A CZ  1 
ATOM   292  N N   . SER A 1 65  ? -6.62939  6.76534   9.08889   1.000 18.16248  ?  41  SER A N   1 
ATOM   293  C CA  . SER A 1 65  ? -7.54488  5.89623   8.37149   1.000 18.33691  ?  41  SER A CA  1 
ATOM   294  C C   . SER A 1 65  ? -6.73900  4.87936   7.57352   1.000 17.19037  ?  41  SER A C   1 
ATOM   295  O O   . SER A 1 65  ? -5.53731  5.04711   7.33547   1.000 18.48264  ?  41  SER A O   1 
ATOM   296  C CB  . SER A 1 65  ? -8.44508  6.68834   7.41921   1.000 19.45509  ?  41  SER A CB  1 
ATOM   297  O OG  . SER A 1 65  ? -7.72608  7.09349   6.24974   1.000 21.81696  ?  41  SER A OG  1 
ATOM   298  N N   . VAL A 1 66  ? -7.41339  3.81422   7.14429   1.000 19.19353  ?  42  VAL A N   1 
ATOM   299  C CA  . VAL A 1 66  ? -6.67600  2.79502   6.41097   1.000 20.09564  ?  42  VAL A CA  1 
ATOM   300  C C   . VAL A 1 66  ? -6.15129  3.35398   5.08707   1.000 18.34273  ?  42  VAL A C   1 
ATOM   301  O O   . VAL A 1 66  ? -5.02584  3.04949   4.67278   1.000 18.86022  ?  42  VAL A O   1 
ATOM   302  C CB  . VAL A 1 66  ? -7.51775  1.51584   6.24473   1.000 21.06582  ?  42  VAL A CB  1 
ATOM   303  C CG1 . VAL A 1 66  ? -6.72246  0.44389   5.48402   1.000 23.28543  ?  42  VAL A CG1 1 
ATOM   304  C CG2 . VAL A 1 66  ? -7.93237  0.97187   7.62438   1.000 25.18747  ?  42  VAL A CG2 1 
ATOM   305  N N   A SER A 1 67  ? -6.93941  4.20138   4.41700   0.670 19.80856  ?  43  SER A N   1 
ATOM   306  N N   B SER A 1 67  ? -6.93594  4.21364   4.42740   0.330 19.79974  ?  43  SER A N   1 
ATOM   307  C CA  A SER A 1 67  ? -6.47213  4.74879   3.14137   0.670 19.26291  ?  43  SER A CA  1 
ATOM   308  C CA  B SER A 1 67  ? -6.49841  4.77839   3.14936   0.330 19.36685  ?  43  SER A CA  1 
ATOM   309  C C   A SER A 1 67  ? -5.32911  5.75144   3.31501   0.670 18.79077  ?  43  SER A C   1 
ATOM   310  C C   B SER A 1 67  ? -5.32721  5.74501   3.32274   0.330 18.79187  ?  43  SER A C   1 
ATOM   311  O O   A SER A 1 67  ? -4.43337  5.82175   2.46130   0.670 19.08004  ?  43  SER A O   1 
ATOM   312  O O   B SER A 1 67  ? -4.41921  5.78929   2.47975   0.330 19.18287  ?  43  SER A O   1 
ATOM   313  C CB  A SER A 1 67  ? -7.62628  5.37602   2.37117   0.670 23.20765  ?  43  SER A CB  1 
ATOM   314  C CB  B SER A 1 67  ? -7.67078  5.45379   2.43727   0.330 23.20449  ?  43  SER A CB  1 
ATOM   315  O OG  A SER A 1 67  ? -8.18909  6.41568   3.13421   0.670 24.26264  ?  43  SER A OG  1 
ATOM   316  O OG  B SER A 1 67  ? -8.74140  4.54398   2.25817   0.330 24.97592  ?  43  SER A OG  1 
ATOM   317  N N   . GLU A 1 68  ? -5.32688  6.53047   4.40556   1.000 17.55005  ?  44  GLU A N   1 
ATOM   318  C CA  . GLU A 1 68  ? -4.19208  7.39986   4.68869   1.000 18.75807  ?  44  GLU A CA  1 
ATOM   319  C C   . GLU A 1 68  ? -2.93379  6.57126   4.90399   1.000 17.71084  ?  44  GLU A C   1 
ATOM   320  O O   . GLU A 1 68  ? -1.84166  6.93781   4.44615   1.000 18.82949  ?  44  GLU A O   1 
ATOM   321  C CB  . GLU A 1 68  ? -4.47486  8.22937   5.94973   1.000 18.94510  ?  44  GLU A CB  1 
ATOM   322  C CG  . GLU A 1 68  ? -5.49204  9.36096   5.71664   1.000 24.14133  ?  44  GLU A CG  1 
ATOM   323  C CD  . GLU A 1 68  ? -6.19035  9.80731   6.99222   1.000 33.10049  ?  44  GLU A CD  1 
ATOM   324  O OE1 . GLU A 1 68  ? -5.72861  9.43760   8.09700   1.000 29.37568  ?  44  GLU A OE1 1 
ATOM   325  O OE2 . GLU A 1 68  ? -7.20800  10.53306  6.88315   1.000 36.38708  -1 44  GLU A OE2 1 
ATOM   326  N N   . TRP A 1 69  ? -3.06802  5.45732   5.63796   1.000 17.94815  ?  45  TRP A N   1 
ATOM   327  C CA  . TRP A 1 69  ? -1.93732  4.55020   5.83216   1.000 17.91967  ?  45  TRP A CA  1 
ATOM   328  C C   . TRP A 1 69  ? -1.42252  4.02802   4.48935   1.000 17.41611  ?  45  TRP A C   1 
ATOM   329  O O   . TRP A 1 69  ? -0.22204  4.08362   4.21430   1.000 17.54195  ?  45  TRP A O   1 
ATOM   330  C CB  . TRP A 1 69  ? -2.35151  3.41254   6.77269   1.000 18.44596  ?  45  TRP A CB  1 
ATOM   331  C CG  . TRP A 1 69  ? -1.53930  2.14055   6.59440   1.000 16.62800  ?  45  TRP A CG  1 
ATOM   332  C CD1 . TRP A 1 69  ? -2.00475  0.95461   6.12625   1.000 17.17303  ?  45  TRP A CD1 1 
ATOM   333  C CD2 . TRP A 1 69  ? -0.14472  1.93689   6.87716   1.000 17.17519  ?  45  TRP A CD2 1 
ATOM   334  N NE1 . TRP A 1 69  ? -1.00259  0.01703   6.09352   1.000 17.74183  ?  45  TRP A NE1 1 
ATOM   335  C CE2 . TRP A 1 69  ? 0.15381   0.59610   6.55504   1.000 16.75507  ?  45  TRP A CE2 1 
ATOM   336  C CE3 . TRP A 1 69  ? 0.87193   2.75488   7.37316   1.000 18.23212  ?  45  TRP A CE3 1 
ATOM   337  C CZ2 . TRP A 1 69  ? 1.42498   0.06075   6.70016   1.000 17.84808  ?  45  TRP A CZ2 1 
ATOM   338  C CZ3 . TRP A 1 69  ? 2.13391   2.22219   7.52459   1.000 18.42627  ?  45  TRP A CZ3 1 
ATOM   339  C CH2 . TRP A 1 69  ? 2.40605   0.88268   7.18888   1.000 18.96937  ?  45  TRP A CH2 1 
ATOM   340  N N   . ARG A 1 70  ? -2.32377  3.57497   3.61118   1.000 16.23669  ?  46  ARG A N   1 
ATOM   341  C CA  . ARG A 1 70  ? -1.86635  3.07716   2.30933   1.000 17.60108  ?  46  ARG A CA  1 
ATOM   342  C C   . ARG A 1 70  ? -1.10461  4.15202   1.53424   1.000 16.89480  ?  46  ARG A C   1 
ATOM   343  O O   . ARG A 1 70  ? -0.04414  3.87429   0.96423   1.000 17.05313  ?  46  ARG A O   1 
ATOM   344  C CB  . ARG A 1 70  ? -3.03001  2.54757   1.47461   1.000 18.35826  ?  46  ARG A CB  1 
ATOM   345  C CG  . ARG A 1 70  ? -3.65633  1.27488   2.04891   1.000 18.43213  ?  46  ARG A CG  1 
ATOM   346  C CD  . ARG A 1 70  ? -4.54482  0.52627   1.04380   1.000 20.29175  ?  46  ARG A CD  1 
ATOM   347  N NE  . ARG A 1 70  ? -5.54349  1.36075   0.40226   1.000 22.87863  ?  46  ARG A NE  1 
ATOM   348  C CZ  . ARG A 1 70  ? -6.76505  1.57937   0.87992   1.000 21.91926  ?  46  ARG A CZ  1 
ATOM   349  N NH1 . ARG A 1 70  ? -7.13930  1.01213   2.02061   1.000 24.51744  ?  46  ARG A NH1 1 
ATOM   350  N NH2 . ARG A 1 70  ? -7.61323  2.37528   0.22597   1.000 25.29606  ?  46  ARG A NH2 1 
ATOM   351  N N   . VAL A 1 71  ? -1.61189  5.38972   1.53161   1.000 17.20656  ?  47  VAL A N   1 
ATOM   352  C CA  . VAL A 1 71  ? -0.92910  6.45960   0.79505   1.000 17.58332  ?  47  VAL A CA  1 
ATOM   353  C C   . VAL A 1 71  ? 0.44906   6.75592   1.37352   1.000 16.89501  ?  47  VAL A C   1 
ATOM   354  O O   . VAL A 1 71  ? 1.45686   6.79816   0.64837   1.000 18.49435  ?  47  VAL A O   1 
ATOM   355  C CB  . VAL A 1 71  ? -1.80668  7.71957   0.72788   1.000 18.47266  ?  47  VAL A CB  1 
ATOM   356  C CG1 . VAL A 1 71  ? -0.97741  8.92435   0.23856   1.000 21.39148  ?  47  VAL A CG1 1 
ATOM   357  C CG2 . VAL A 1 71  ? -2.94077  7.46313   -0.19767  1.000 19.83181  ?  47  VAL A CG2 1 
ATOM   358  N N   A MET A 1 72  ? 0.53127   6.96126   2.69155   0.530 18.19237  ?  48  MET A N   1 
ATOM   359  N N   B MET A 1 72  ? 0.51050   7.02188   2.67998   0.470 18.13680  ?  48  MET A N   1 
ATOM   360  C CA  A MET A 1 72  ? 1.81249   7.37647   3.26835   0.530 18.40414  ?  48  MET A CA  1 
ATOM   361  C CA  B MET A 1 72  ? 1.79485   7.35631   3.28736   0.470 18.43276  ?  48  MET A CA  1 
ATOM   362  C C   A MET A 1 72  ? 2.83628   6.24765   3.26364   0.530 19.61539  ?  48  MET A C   1 
ATOM   363  C C   B MET A 1 72  ? 2.79141   6.22887   3.09675   0.470 19.13340  ?  48  MET A C   1 
ATOM   364  O O   A MET A 1 72  ? 4.04142   6.50049   3.12116   0.530 20.11983  ?  48  MET A O   1 
ATOM   365  O O   B MET A 1 72  ? 3.91352   6.45459   2.62453   0.470 18.85944  ?  48  MET A O   1 
ATOM   366  C CB  A MET A 1 72  ? 1.62197   7.94343   4.67612   0.530 21.11945  ?  48  MET A CB  1 
ATOM   367  C CB  B MET A 1 72  ? 1.61697   7.68175   4.76920   0.470 21.77965  ?  48  MET A CB  1 
ATOM   368  C CG  A MET A 1 72  ? 1.44396   9.44895   4.70487   0.530 23.14907  ?  48  MET A CG  1 
ATOM   369  C CG  B MET A 1 72  ? 0.57008   8.73467   5.01435   0.470 23.30566  ?  48  MET A CG  1 
ATOM   370  S SD  A MET A 1 72  ? 1.36836   10.09103  6.38397   0.530 20.33406  ?  48  MET A SD  1 
ATOM   371  S SD  B MET A 1 72  ? 1.21771   10.40450  4.87339   0.470 44.63909  ?  48  MET A SD  1 
ATOM   372  C CE  A MET A 1 72  ? -0.39680  10.30586  6.54666   0.530 32.20839  ?  48  MET A CE  1 
ATOM   373  C CE  B MET A 1 72  ? 1.05330   10.94193  6.57306   0.470 32.57011  ?  48  MET A CE  1 
ATOM   374  N N   . ALA A 1 73  ? 2.39196   4.99575   3.44104   1.000 17.38694  ?  49  ALA A N   1 
ATOM   375  C CA  . ALA A 1 73  ? 3.30089   3.86590   3.32987   1.000 18.08317  ?  49  ALA A CA  1 
ATOM   376  C C   . ALA A 1 73  ? 3.77554   3.67871   1.89741   1.000 19.20228  ?  49  ALA A C   1 
ATOM   377  O O   . ALA A 1 73  ? 4.92778   3.26749   1.68832   1.000 21.30645  ?  49  ALA A O   1 
ATOM   378  C CB  . ALA A 1 73  ? 2.59981   2.59805   3.83278   1.000 20.44657  ?  49  ALA A CB  1 
ATOM   379  N N   . SER A 1 74  ? 2.91422   3.95900   0.90062   1.000 17.83676  ?  50  SER A N   1 
ATOM   380  C CA  . SER A 1 74  ? 3.31151   3.83295   -0.49713  1.000 18.66262  ?  50  SER A CA  1 
ATOM   381  C C   . SER A 1 74  ? 4.28973   4.91437   -0.92229  1.000 20.91928  ?  50  SER A C   1 
ATOM   382  O O   . SER A 1 74  ? 5.09227   4.68165   -1.83418  1.000 23.33946  ?  50  SER A O   1 
ATOM   383  C CB  . SER A 1 74  ? 2.09112   3.91386   -1.38962  1.000 17.03609  ?  50  SER A CB  1 
ATOM   384  O OG  . SER A 1 74  ? 1.25640   2.76093   -1.21738  1.000 18.63628  ?  50  SER A OG  1 
ATOM   385  N N   . LEU A 1 75  ? 4.21913   6.09597   -0.31529  1.000 19.13811  ?  51  LEU A N   1 
ATOM   386  C CA  . LEU A 1 75  ? 5.11063   7.18093   -0.71503  1.000 21.68318  ?  51  LEU A CA  1 
ATOM   387  C C   . LEU A 1 75  ? 6.39885   7.22388   0.09004   1.000 24.87940  ?  51  LEU A C   1 
ATOM   388  O O   . LEU A 1 75  ? 7.36455   7.86952   -0.34938  1.000 24.47313  ?  51  LEU A O   1 
ATOM   389  C CB  . LEU A 1 75  ? 4.35721   8.50469   -0.61544  1.000 18.37482  ?  51  LEU A CB  1 
ATOM   390  C CG  . LEU A 1 75  ? 3.17999   8.65391   -1.57771  1.000 19.07808  ?  51  LEU A CG  1 
ATOM   391  C CD1 . LEU A 1 75  ? 2.37226   9.89537   -1.27028  1.000 21.66757  ?  51  LEU A CD1 1 
ATOM   392  C CD2 . LEU A 1 75  ? 3.67813   8.62146   -3.01627  1.000 21.92410  ?  51  LEU A CD2 1 
ATOM   393  N N   . ALA A 1 76  ? 6.44495   6.55856   1.24368   1.000 22.12555  ?  52  ALA A N   1 
ATOM   394  C CA  . ALA A 1 76  ? 7.62473   6.61382   2.10029   1.000 26.19178  ?  52  ALA A CA  1 
ATOM   395  C C   . ALA A 1 76  ? 8.83857   6.06032   1.36813   1.000 26.72860  ?  52  ALA A C   1 
ATOM   396  O O   . ALA A 1 76  ? 8.82135   4.93134   0.87379   1.000 26.69788  ?  52  ALA A O   1 
ATOM   397  C CB  . ALA A 1 76  ? 7.38318   5.79346   3.36939   1.000 23.64455  ?  52  ALA A CB  1 
ATOM   398  N N   . GLY A 1 77  ? 9.90080   6.86176   1.30600   1.000 29.92834  ?  53  GLY A N   1 
ATOM   399  C CA  . GLY A 1 77  ? 11.11984  6.43354   0.65174   1.000 33.48971  ?  53  GLY A CA  1 
ATOM   400  C C   . GLY A 1 77  ? 11.06040  6.41881   -0.85505  1.000 31.24512  ?  53  GLY A C   1 
ATOM   401  O O   . GLY A 1 77  ? 11.93507  5.81372   -1.49011  1.000 36.31244  ?  53  GLY A O   1 
ATOM   402  N N   . SER A 1 78  ? 10.06719  7.07208   -1.45187  1.000 28.47707  ?  54  SER A N   1 
ATOM   403  C CA  . SER A 1 78  ? 9.86928   7.03364   -2.88539  1.000 27.21949  ?  54  SER A CA  1 
ATOM   404  C C   . SER A 1 78  ? 10.15616  8.40419   -3.48499  1.000 28.01425  ?  54  SER A C   1 
ATOM   405  O O   . SER A 1 78  ? 9.92592   9.44323   -2.85450  1.000 29.99194  ?  54  SER A O   1 
ATOM   406  C CB  . SER A 1 78  ? 8.41534   6.66546   -3.18501  1.000 29.74567  ?  54  SER A CB  1 
ATOM   407  O OG  . SER A 1 78  ? 8.15879   6.58698   -4.57133  1.000 29.83576  ?  54  SER A OG  1 
ATOM   408  N N   A GLU A 1 79  ? 10.66217  8.39645   -4.71511  0.440 31.62273  ?  55  GLU A N   1 
ATOM   409  N N   B GLU A 1 79  ? 10.66666  8.40183   -4.71327  0.560 31.59269  ?  55  GLU A N   1 
ATOM   410  C CA  A GLU A 1 79  ? 10.64123  9.59793   -5.52121  0.440 35.17052  ?  55  GLU A CA  1 
ATOM   411  C CA  B GLU A 1 79  ? 10.64368  9.61526   -5.50207  0.560 35.13560  ?  55  GLU A CA  1 
ATOM   412  C C   A GLU A 1 79  ? 9.18735   9.91119   -5.87508  0.440 31.96514  ?  55  GLU A C   1 
ATOM   413  C C   B GLU A 1 79  ? 9.19099   9.91511   -5.87195  0.560 31.93697  ?  55  GLU A C   1 
ATOM   414  O O   A GLU A 1 79  ? 8.31346   9.05114   -5.73437  0.440 31.40614  ?  55  GLU A O   1 
ATOM   415  O O   B GLU A 1 79  ? 8.32200   9.04903   -5.73778  0.560 31.37706  ?  55  GLU A O   1 
ATOM   416  C CB  A GLU A 1 79  ? 11.45962  9.37547   -6.79202  0.440 38.79654  ?  55  GLU A CB  1 
ATOM   417  C CB  B GLU A 1 79  ? 11.49357  9.43736   -6.76033  0.560 38.81369  ?  55  GLU A CB  1 
ATOM   418  C CG  A GLU A 1 79  ? 12.82889  8.72777   -6.56400  0.440 44.45336  ?  55  GLU A CG  1 
ATOM   419  C CG  B GLU A 1 79  ? 12.95647  9.87794   -6.60938  0.560 44.76116  ?  55  GLU A CG  1 
ATOM   420  C CD  A GLU A 1 79  ? 13.80818  9.62972   -5.82957  0.440 47.68100  ?  55  GLU A CD  1 
ATOM   421  C CD  B GLU A 1 79  ? 13.13047  11.39067  -6.53477  0.560 47.21106  ?  55  GLU A CD  1 
ATOM   422  O OE1 A GLU A 1 79  ? 13.68231  9.77884   -4.59527  0.440 51.91122  ?  55  GLU A OE1 1 
ATOM   423  O OE1 B GLU A 1 79  ? 13.20459  11.93383  -5.40992  0.560 45.96943  ?  55  GLU A OE1 1 
ATOM   424  O OE2 A GLU A 1 79  ? 14.71266  10.18500  -6.48840  0.440 51.58564  -1 55  GLU A OE2 1 
ATOM   425  O OE2 B GLU A 1 79  ? 13.20203  12.03828  -7.60230  0.560 55.02499  -1 55  GLU A OE2 1 
ATOM   426  N N   . PRO A 1 80  ? 8.88842   11.13723  -6.31046  1.000 28.60465  ?  56  PRO A N   1 
ATOM   427  C CA  . PRO A 1 80  ? 7.49724   11.45740  -6.67064  1.000 30.99486  ?  56  PRO A CA  1 
ATOM   428  C C   . PRO A 1 80  ? 6.96648   10.51809  -7.74733  1.000 29.70222  ?  56  PRO A C   1 
ATOM   429  O O   . PRO A 1 80  ? 7.67835   10.14927  -8.68299  1.000 31.99015  ?  56  PRO A O   1 
ATOM   430  C CB  . PRO A 1 80  ? 7.57857   12.90340  -7.17580  1.000 30.74144  ?  56  PRO A CB  1 
ATOM   431  C CG  . PRO A 1 80  ? 8.78708   13.45978  -6.50434  1.000 33.13058  ?  56  PRO A CG  1 
ATOM   432  C CD  . PRO A 1 80  ? 9.76203   12.32831  -6.40699  1.000 30.63899  ?  56  PRO A CD  1 
ATOM   433  N N   . ILE A 1 81  ? 5.71131   10.09308  -7.58011  1.000 25.57423  ?  57  ILE A N   1 
ATOM   434  C CA  . ILE A 1 81  ? 5.04851   9.19238   -8.51588  1.000 26.33083  ?  57  ILE A CA  1 
ATOM   435  C C   . ILE A 1 81  ? 3.75003   9.83241   -8.99411  1.000 24.67613  ?  57  ILE A C   1 
ATOM   436  O O   . ILE A 1 81  ? 3.21586   10.75319  -8.37616  1.000 23.15871  ?  57  ILE A O   1 
ATOM   437  C CB  . ILE A 1 81  ? 4.78702   7.78642   -7.92249  1.000 25.86403  ?  57  ILE A CB  1 
ATOM   438  C CG1 . ILE A 1 81  ? 3.83230   7.86518   -6.72380  1.000 25.24739  ?  57  ILE A CG1 1 
ATOM   439  C CG2 . ILE A 1 81  ? 6.09489   7.08931   -7.53906  1.000 27.11171  ?  57  ILE A CG2 1 
ATOM   440  C CD1 . ILE A 1 81  ? 3.40208   6.44606   -6.22706  1.000 21.87356  ?  57  ILE A CD1 1 
ATOM   441  N N   . SER A 1 82  ? 3.24332   9.34581   -10.12211 1.000 24.93717  ?  58  SER A N   1 
ATOM   442  C CA  . SER A 1 82  ? 2.01591   9.91131   -10.64543 1.000 22.66123  ?  58  SER A CA  1 
ATOM   443  C C   . SER A 1 82  ? 0.80573   9.48822   -9.80990  1.000 23.46904  ?  58  SER A C   1 
ATOM   444  O O   . SER A 1 82  ? 0.82869   8.48019   -9.08776  1.000 23.22571  ?  58  SER A O   1 
ATOM   445  C CB  . SER A 1 82  ? 1.80849   9.47853   -12.09413 1.000 24.23025  ?  58  SER A CB  1 
ATOM   446  O OG  . SER A 1 82  ? 1.32531   8.14263   -12.14365 1.000 27.76667  ?  58  SER A OG  1 
ATOM   447  N N   . ILE A 1 83  ? -0.26897  10.27061  -9.93305  1.000 23.59795  ?  59  ILE A N   1 
ATOM   448  C CA  . ILE A 1 83  ? -1.52625  9.93036   -9.26685  1.000 23.55007  ?  59  ILE A CA  1 
ATOM   449  C C   . ILE A 1 83  ? -1.98995  8.54937   -9.69163  1.000 25.08422  ?  59  ILE A C   1 
ATOM   450  O O   . ILE A 1 83  ? -2.45874  7.76005   -8.86717  1.000 23.23424  ?  59  ILE A O   1 
ATOM   451  C CB  . ILE A 1 83  ? -2.60984  10.99233  -9.53721  1.000 25.83724  ?  59  ILE A CB  1 
ATOM   452  C CG1 . ILE A 1 83  ? -2.08457  12.39634  -9.23204  1.000 33.75346  ?  59  ILE A CG1 1 
ATOM   453  C CG2 . ILE A 1 83  ? -3.86916  10.67583  -8.73182  1.000 31.09294  ?  59  ILE A CG2 1 
ATOM   454  C CD1 . ILE A 1 83  ? -1.52573  12.53525  -7.84840  1.000 32.08499  ?  59  ILE A CD1 1 
ATOM   455  N N   . GLY A 1 84  ? -1.87862  8.23370   -10.98181 1.000 22.04250  ?  60  GLY A N   1 
ATOM   456  C CA  . GLY A 1 84  ? -2.30962  6.91981   -11.44859 1.000 25.12730  ?  60  GLY A CA  1 
ATOM   457  C C   . GLY A 1 84  ? -1.49061  5.78319   -10.85905 1.000 22.91265  ?  60  GLY A C   1 
ATOM   458  O O   . GLY A 1 84  ? -2.03275  4.73428   -10.48784 1.000 22.11269  ?  60  GLY A O   1 
ATOM   459  N N   . GLN A 1 85  ? -0.17782  5.97635   -10.74129 1.000 20.89234  ?  61  GLN A N   1 
ATOM   460  C CA  . GLN A 1 85  ? 0.65925   4.97816   -10.07897 1.000 21.34312  ?  61  GLN A CA  1 
ATOM   461  C C   . GLN A 1 85  ? 0.25729   4.81776   -8.61384  1.000 21.09162  ?  61  GLN A C   1 
ATOM   462  O O   . GLN A 1 85  ? 0.19801   3.68963   -8.08899  1.000 20.77381  ?  61  GLN A O   1 
ATOM   463  C CB  . GLN A 1 85  ? 2.13207   5.38291   -10.18208 1.000 22.85274  ?  61  GLN A CB  1 
ATOM   464  C CG  . GLN A 1 85  ? 2.68855   5.36433   -11.60037 1.000 32.68250  ?  61  GLN A CG  1 
ATOM   465  C CD  . GLN A 1 85  ? 4.13933   5.81628   -11.65192 1.000 39.01301  ?  61  GLN A CD  1 
ATOM   466  O OE1 . GLN A 1 85  ? 4.45763   6.98492   -11.39048 1.000 33.99909  ?  61  GLN A OE1 1 
ATOM   467  N NE2 . GLN A 1 85  ? 5.02828   4.89196   -11.98913 1.000 50.53263  ?  61  GLN A NE2 1 
ATOM   468  N N   . LEU A 1 86  ? -0.00060  5.93928   -7.92636  1.000 20.11405  ?  62  LEU A N   1 
ATOM   469  C CA  . LEU A 1 86  ? -0.41400  5.86789   -6.52494  1.000 18.52773  ?  62  LEU A CA  1 
ATOM   470  C C   . LEU A 1 86  ? -1.73665  5.12436   -6.39077  1.000 18.67351  ?  62  LEU A C   1 
ATOM   471  O O   . LEU A 1 86  ? -1.89468  4.28361   -5.49156  1.000 17.65056  ?  62  LEU A O   1 
ATOM   472  C CB  . LEU A 1 86  ? -0.53675  7.27307   -5.94490  1.000 19.17805  ?  62  LEU A CB  1 
ATOM   473  C CG  . LEU A 1 86  ? -0.88912  7.30040   -4.45236  1.000 17.24898  ?  62  LEU A CG  1 
ATOM   474  C CD1 . LEU A 1 86  ? 0.18366   6.71150   -3.57346  1.000 18.78535  ?  62  LEU A CD1 1 
ATOM   475  C CD2 . LEU A 1 86  ? -1.17800  8.74721   -4.03069  1.000 19.13564  ?  62  LEU A CD2 1 
ATOM   476  N N   . ALA A 1 87  ? -2.68374  5.39190   -7.28907  1.000 18.99436  ?  63  ALA A N   1 
ATOM   477  C CA  . ALA A 1 87  ? -3.96093  4.69236   -7.25710  1.000 17.66182  ?  63  ALA A CA  1 
ATOM   478  C C   . ALA A 1 87  ? -3.75922  3.18870   -7.42678  1.000 19.45283  ?  63  ALA A C   1 
ATOM   479  O O   . ALA A 1 87  ? -4.39929  2.38137   -6.73439  1.000 18.92644  ?  63  ALA A O   1 
ATOM   480  C CB  . ALA A 1 87  ? -4.87305  5.22859   -8.36387  1.000 18.69325  ?  63  ALA A CB  1 
ATOM   481  N N   . GLN A 1 88  ? -2.86495  2.78580   -8.33625  1.000 18.24090  ?  64  GLN A N   1 
ATOM   482  C CA  . GLN A 1 88  ? -2.61678  1.35848   -8.53050  1.000 17.99347  ?  64  GLN A CA  1 
ATOM   483  C C   . GLN A 1 88  ? -2.02233  0.71151   -7.28163  1.000 18.41133  ?  64  GLN A C   1 
ATOM   484  O O   . GLN A 1 88  ? -2.54580  -0.30339  -6.79059  1.000 17.85607  ?  64  GLN A O   1 
ATOM   485  C CB  . GLN A 1 88  ? -1.71265  1.14263   -9.74856  1.000 20.73459  ?  64  GLN A CB  1 
ATOM   486  C CG  . GLN A 1 88  ? -1.50215  -0.34074  -10.07569 1.000 21.58136  ?  64  GLN A CG  1 
ATOM   487  C CD  . GLN A 1 88  ? -0.27147  -0.90641  -9.40513  1.000 21.10671  ?  64  GLN A CD  1 
ATOM   488  O OE1 . GLN A 1 88  ? 0.80409   -0.33360  -9.49228  1.000 24.02657  ?  64  GLN A OE1 1 
ATOM   489  N NE2 . GLN A 1 88  ? -0.41811  -2.04078  -8.72337  1.000 19.01052  ?  64  GLN A NE2 1 
ATOM   490  N N   A VAL A 1 89  ? -0.93346  1.27646   -6.74674  0.630 16.45467  ?  65  VAL A N   1 
ATOM   491  N N   B VAL A 1 89  ? -0.92816  1.26715   -6.76469  0.370 16.47230  ?  65  VAL A N   1 
ATOM   492  C CA  A VAL A 1 89  ? -0.23542  0.62107   -5.63305  0.630 16.65305  ?  65  VAL A CA  1 
ATOM   493  C CA  B VAL A 1 89  ? -0.26225  0.62132   -5.63661  0.370 16.64282  ?  65  VAL A CA  1 
ATOM   494  C C   A VAL A 1 89  ? -1.06814  0.62879   -4.34863  0.630 17.34575  ?  65  VAL A C   1 
ATOM   495  C C   B VAL A 1 89  ? -1.18452  0.55898   -4.42404  0.370 17.11433  ?  65  VAL A C   1 
ATOM   496  O O   A VAL A 1 89  ? -0.92600  -0.27299  -3.50600  0.630 16.73640  ?  65  VAL A O   1 
ATOM   497  O O   B VAL A 1 89  ? -1.25550  -0.46682  -3.73878  0.370 16.21697  ?  65  VAL A O   1 
ATOM   498  C CB  A VAL A 1 89  ? 1.18786   1.19636   -5.43551  0.630 16.63345  ?  65  VAL A CB  1 
ATOM   499  C CB  B VAL A 1 89  ? 1.08869   1.29788   -5.34172  0.370 16.54816  ?  65  VAL A CB  1 
ATOM   500  C CG1 A VAL A 1 89  ? 1.14523   2.62466   -4.92886  0.630 17.26857  ?  65  VAL A CG1 1 
ATOM   501  C CG1 B VAL A 1 89  ? 1.71065   0.74291   -4.06586  0.370 17.20643  ?  65  VAL A CG1 1 
ATOM   502  C CG2 A VAL A 1 89  ? 2.01859   0.32736   -4.49548  0.630 19.90642  ?  65  VAL A CG2 1 
ATOM   503  C CG2 B VAL A 1 89  ? 2.01612   1.08271   -6.52751  0.370 20.60678  ?  65  VAL A CG2 1 
ATOM   504  N N   . THR A 1 90  ? -1.93360  1.63391   -4.15960  1.000 17.35566  ?  66  THR A N   1 
ATOM   505  C CA  . THR A 1 90  ? -2.83200  1.68603   -3.00441  1.000 16.84172  ?  66  THR A CA  1 
ATOM   506  C C   . THR A 1 90  ? -4.16766  0.99880   -3.25498  1.000 18.87312  ?  66  THR A C   1 
ATOM   507  O O   . THR A 1 90  ? -5.02764  1.03789   -2.36821  1.000 19.55110  ?  66  THR A O   1 
ATOM   508  C CB  . THR A 1 90  ? -3.11757  3.14071   -2.57496  1.000 16.86195  ?  66  THR A CB  1 
ATOM   509  O OG1 . THR A 1 90  ? -3.86638  3.80693   -3.57770  1.000 17.39092  ?  66  THR A OG1 1 
ATOM   510  C CG2 . THR A 1 90  ? -1.84054  3.91535   -2.31394  1.000 18.14034  ?  66  THR A CG2 1 
ATOM   511  N N   A VAL A 1 91  ? -4.34376  0.32332   -4.39675  0.550 16.62091  ?  67  VAL A N   1 
ATOM   512  N N   B VAL A 1 91  ? -4.38173  0.44985   -4.45617  0.450 16.44199  ?  67  VAL A N   1 
ATOM   513  C CA  A VAL A 1 91  ? -5.61995  -0.28563  -4.78738  0.550 16.77376  ?  67  VAL A CA  1 
ATOM   514  C CA  B VAL A 1 91  ? -5.59318  -0.28466  -4.81802  0.450 16.75496  ?  67  VAL A CA  1 
ATOM   515  C C   A VAL A 1 91  ? -6.79041  0.61503   -4.40298  0.550 18.79214  ?  67  VAL A C   1 
ATOM   516  C C   B VAL A 1 91  ? -6.84523  0.56581   -4.58617  0.450 19.12359  ?  67  VAL A C   1 
ATOM   517  O O   A VAL A 1 91  ? -7.73286  0.19581   -3.71504  0.550 21.98903  ?  67  VAL A O   1 
ATOM   518  O O   B VAL A 1 91  ? -7.91212  0.05716   -4.21339  0.450 18.93033  ?  67  VAL A O   1 
ATOM   519  C CB  A VAL A 1 91  ? -5.78540  -1.74623  -4.30084  0.550 17.83792  ?  67  VAL A CB  1 
ATOM   520  C CB  B VAL A 1 91  ? -5.63550  -1.66022  -4.11791  0.450 17.67839  ?  67  VAL A CB  1 
ATOM   521  C CG1 A VAL A 1 91  ? -4.73202  -2.64078  -4.95399  0.550 17.04590  ?  67  VAL A CG1 1 
ATOM   522  C CG1 B VAL A 1 91  ? -6.61113  -2.55951  -4.81268  0.450 20.30419  ?  67  VAL A CG1 1 
ATOM   523  C CG2 A VAL A 1 91  ? -5.75469  -1.86023  -2.76714  0.550 19.75632  ?  67  VAL A CG2 1 
ATOM   524  C CG2 B VAL A 1 91  ? -4.24332  -2.31784  -4.13687  0.450 16.54310  ?  67  VAL A CG2 1 
ATOM   525  N N   . THR A 1 92  ? -6.73046  1.86723   -4.84498  1.000 18.45051  ?  68  THR A N   1 
ATOM   526  C CA  . THR A 1 92  ? -7.80108  2.82896   -4.60775  1.000 19.53022  ?  68  THR A CA  1 
ATOM   527  C C   . THR A 1 92  ? -8.17086  3.51235   -5.91650  1.000 21.16372  ?  68  THR A C   1 
ATOM   528  O O   . THR A 1 92  ? -7.29166  3.85656   -6.70497  1.000 23.37909  ?  68  THR A O   1 
ATOM   529  C CB  . THR A 1 92  ? -7.31221  3.86608   -3.57665  1.000 20.61523  ?  68  THR A CB  1 
ATOM   530  O OG1 . THR A 1 92  ? -6.85081  3.19234   -2.39789  1.000 24.02785  ?  68  THR A OG1 1 
ATOM   531  C CG2 . THR A 1 92  ? -8.42992  4.82627   -3.15152  1.000 21.02195  ?  68  THR A CG2 1 
ATOM   532  N N   . LYS A 1 93  ? -9.46949  3.71737   -6.14783  1.000 20.88949  ?  69  LYS A N   1 
ATOM   533  C CA  . LYS A 1 93  ? -9.90637  4.36664   -7.38044  1.000 22.36721  ?  69  LYS A CA  1 
ATOM   534  C C   . LYS A 1 93  ? -9.33996  5.77923   -7.46080  1.000 21.13938  ?  69  LYS A C   1 
ATOM   535  O O   . LYS A 1 93  ? -9.24504  6.48351   -6.45049  1.000 20.66169  ?  69  LYS A O   1 
ATOM   536  C CB  . LYS A 1 93  ? -11.44113 4.42667   -7.44999  1.000 26.94303  ?  69  LYS A CB  1 
ATOM   537  C CG  . LYS A 1 93  ? -12.11309 3.06171   -7.55593  1.000 33.93768  ?  69  LYS A CG  1 
ATOM   538  C CD  . LYS A 1 93  ? -11.61329 2.28945   -8.77241  1.000 57.31660  ?  69  LYS A CD  1 
ATOM   539  C CE  . LYS A 1 93  ? -12.58516 1.18734   -9.18413  1.000 81.07946  ?  69  LYS A CE  1 
ATOM   540  N NZ  . LYS A 1 93  ? -12.32323 0.70173   -10.56890 1.000 65.07661  ?  69  LYS A NZ  1 
ATOM   541  N N   . GLN A 1 94  ? -8.96399  6.19437   -8.66653  1.000 22.61731  ?  70  GLN A N   1 
ATOM   542  C CA  . GLN A 1 94  ? -8.29895  7.48801   -8.81072  1.000 24.00886  ?  70  GLN A CA  1 
ATOM   543  C C   . GLN A 1 94  ? -9.09965  8.67553   -8.28153  1.000 23.12908  ?  70  GLN A C   1 
ATOM   544  O O   . GLN A 1 94  ? -8.49422  9.53499   -7.61203  1.000 23.37835  ?  70  GLN A O   1 
ATOM   545  C CB  . GLN A 1 94  ? -7.80843  7.70104   -10.24919 1.000 26.42332  ?  70  GLN A CB  1 
ATOM   546  C CG  . GLN A 1 94  ? -6.89405  8.90993   -10.38395 1.000 33.66048  ?  70  GLN A CG  1 
ATOM   547  C CD  . GLN A 1 94  ? -6.06040  8.90365   -11.65579 1.000 43.58269  ?  70  GLN A CD  1 
ATOM   548  O OE1 . GLN A 1 94  ? -5.78014  7.85040   -12.22269 1.000 45.25793  ?  70  GLN A OE1 1 
ATOM   549  N NE2 . GLN A 1 94  ? -5.65534  10.08859  -12.10323 1.000 52.25902  ?  70  GLN A NE2 1 
ATOM   550  N N   . PRO A 1 95  ? -10.40985 8.80249   -8.53983  1.000 23.81722  ?  71  PRO A N   1 
ATOM   551  C CA  . PRO A 1 95  ? -11.15338 9.93773   -7.94659  1.000 22.42082  ?  71  PRO A CA  1 
ATOM   552  C C   . PRO A 1 95  ? -11.11614 9.94442   -6.42488  1.000 22.84165  ?  71  PRO A C   1 
ATOM   553  O O   . PRO A 1 95  ? -11.03295 11.01548  -5.79215  1.000 23.42926  ?  71  PRO A O   1 
ATOM   554  C CB  . PRO A 1 95  ? -12.57786 9.76299   -8.50365  1.000 25.90799  ?  71  PRO A CB  1 
ATOM   555  C CG  . PRO A 1 95  ? -12.40704 8.92352   -9.75202  1.000 27.07186  ?  71  PRO A CG  1 
ATOM   556  C CD  . PRO A 1 95  ? -11.22951 8.02041   -9.48853  1.000 24.30904  ?  71  PRO A CD  1 
ATOM   557  N N   . THR A 1 96  ? -11.14572 8.75609   -5.81846  1.000 21.84329  ?  72  THR A N   1 
ATOM   558  C CA  . THR A 1 96  ? -11.03611 8.64605   -4.37225  1.000 19.95244  ?  72  THR A CA  1 
ATOM   559  C C   . THR A 1 96  ? -9.65743  9.09116   -3.88996  1.000 19.43994  ?  72  THR A C   1 
ATOM   560  O O   . THR A 1 96  ? -9.55019  9.84780   -2.90813  1.000 20.43490  ?  72  THR A O   1 
ATOM   561  C CB  . THR A 1 96  ? -11.35509 7.20542   -3.96485  1.000 23.19530  ?  72  THR A CB  1 
ATOM   562  O OG1 . THR A 1 96  ? -12.68980 6.89735   -4.40106  1.000 25.17440  ?  72  THR A OG1 1 
ATOM   563  C CG2 . THR A 1 96  ? -11.26994 7.01435   -2.45851  1.000 23.63914  ?  72  THR A CG2 1 
ATOM   564  N N   A VAL A 1 97  ? -8.59996  8.65005   -4.58692  0.550 19.71669  ?  73  VAL A N   1 
ATOM   565  N N   B VAL A 1 97  ? -8.58738  8.65764   -4.56867  0.450 19.73696  ?  73  VAL A N   1 
ATOM   566  C CA  A VAL A 1 97  ? -7.23684  9.07416   -4.25930  0.550 20.54001  ?  73  VAL A CA  1 
ATOM   567  C CA  B VAL A 1 97  ? -7.24696  9.07584   -4.15132  0.450 20.35127  ?  73  VAL A CA  1 
ATOM   568  C C   A VAL A 1 97  ? -7.11953  10.59145  -4.30269  0.550 20.56299  ?  73  VAL A C   1 
ATOM   569  C C   B VAL A 1 97  ? -7.07353  10.58389  -4.30135  0.450 20.61957  ?  73  VAL A C   1 
ATOM   570  O O   A VAL A 1 97  ? -6.51681  11.20086  -3.41598  0.550 21.28491  ?  73  VAL A O   1 
ATOM   571  O O   B VAL A 1 97  ? -6.39238  11.21913  -3.49135  0.450 21.59615  ?  73  VAL A O   1 
ATOM   572  C CB  A VAL A 1 97  ? -6.20594  8.41009   -5.19515  0.550 21.99593  ?  73  VAL A CB  1 
ATOM   573  C CB  B VAL A 1 97  ? -6.13023  8.28424   -4.86946  0.450 23.25574  ?  73  VAL A CB  1 
ATOM   574  C CG1 A VAL A 1 97  ? -4.83519  9.08306   -5.03668  0.550 19.68285  ?  73  VAL A CG1 1 
ATOM   575  C CG1 B VAL A 1 97  ? -6.52614  6.87292   -5.11312  0.450 27.83739  ?  73  VAL A CG1 1 
ATOM   576  C CG2 A VAL A 1 97  ? -6.06770  6.94543   -4.88755  0.550 21.80397  ?  73  VAL A CG2 1 
ATOM   577  C CG2 B VAL A 1 97  ? -5.73872  8.92971   -6.17597  0.450 25.58649  ?  73  VAL A CG2 1 
ATOM   578  N N   A THR A 1 98  ? -7.65365  11.22181  -5.35100  0.550 21.17258  ?  74  THR A N   1 
ATOM   579  N N   B THR A 1 98  ? -7.67687  11.18415  -5.33139  0.450 21.15652  ?  74  THR A N   1 
ATOM   580  C CA  A THR A 1 98  ? -7.48465  12.67126  -5.46786  0.550 24.27389  ?  74  THR A CA  1 
ATOM   581  C CA  B THR A 1 98  ? -7.53239  12.63057  -5.49499  0.450 24.38773  ?  74  THR A CA  1 
ATOM   582  C C   A THR A 1 98  ? -8.17252  13.41370  -4.32502  0.550 21.51013  ?  74  THR A C   1 
ATOM   583  C C   B THR A 1 98  ? -8.16328  13.37888  -4.32695  0.450 21.48383  ?  74  THR A C   1 
ATOM   584  O O   A THR A 1 98  ? -7.61288  14.37662  -3.78084  0.550 21.46886  ?  74  THR A O   1 
ATOM   585  O O   B THR A 1 98  ? -7.55814  14.30978  -3.77383  0.450 21.35689  ?  74  THR A O   1 
ATOM   586  C CB  A THR A 1 98  ? -7.94267  13.17379  -6.83797  0.550 26.71533  ?  74  THR A CB  1 
ATOM   587  C CB  B THR A 1 98  ? -8.12996  13.08502  -6.82641  0.450 26.63600  ?  74  THR A CB  1 
ATOM   588  O OG1 A THR A 1 98  ? -9.32365  12.85062  -7.03860  0.550 33.03669  ?  74  THR A OG1 1 
ATOM   589  O OG1 B THR A 1 98  ? -7.36140  12.53739  -7.90365  0.450 31.21276  ?  74  THR A OG1 1 
ATOM   590  C CG2 A THR A 1 98  ? -7.10318  12.53708  -7.93269  0.550 30.94099  ?  74  THR A CG2 1 
ATOM   591  C CG2 B THR A 1 98  ? -8.10909  14.60561  -6.92397  0.450 23.77311  ?  74  THR A CG2 1 
ATOM   592  N N   . ARG A 1 99  ? -9.36860  12.97096  -3.91818  1.000 20.77975  ?  75  ARG A N   1 
ATOM   593  C CA  . ARG A 1 99  ? -10.01382 13.62811  -2.76654  1.000 21.30541  ?  75  ARG A CA  1 
ATOM   594  C C   . ARG A 1 99  ? -9.20819  13.42316  -1.46719  1.000 20.74705  ?  75  ARG A C   1 
ATOM   595  O O   . ARG A 1 99  ? -9.04197  14.34857  -0.62601  1.000 22.50329  ?  75  ARG A O   1 
ATOM   596  C CB  . ARG A 1 99  ? -11.44698 13.11364  -2.63940  1.000 24.21119  ?  75  ARG A CB  1 
ATOM   597  C CG  . ARG A 1 99  ? -12.35994 13.69722  -3.72012  1.000 27.82103  ?  75  ARG A CG  1 
ATOM   598  C CD  . ARG A 1 99  ? -13.50146 12.77390  -4.10558  1.000 34.95356  ?  75  ARG A CD  1 
ATOM   599  N NE  . ARG A 1 99  ? -14.36516 13.41034  -5.10230  1.000 50.74406  ?  75  ARG A NE  1 
ATOM   600  C CZ  . ARG A 1 99  ? -14.06249 13.54191  -6.39264  1.000 50.87592  ?  75  ARG A CZ  1 
ATOM   601  N NH1 . ARG A 1 99  ? -14.91409 14.14163  -7.21428  1.000 50.29458  ?  75  ARG A NH1 1 
ATOM   602  N NH2 . ARG A 1 99  ? -12.91141 13.07804  -6.86789  1.000 45.22182  ?  75  ARG A NH2 1 
ATOM   603  N N   . LEU A 1 100 ? -8.65729  12.21524  -1.30934  1.000 20.50746  ?  76  LEU A N   1 
ATOM   604  C CA  . LEU A 1 100 ? -7.81749  11.91973  -0.16219  1.000 19.21936  ?  76  LEU A CA  1 
ATOM   605  C C   . LEU A 1 100 ? -6.59177  12.83000  -0.14810  1.000 17.91217  ?  76  LEU A C   1 
ATOM   606  O O   . LEU A 1 100 ? -6.24737  13.41883  0.88272   1.000 19.19443  ?  76  LEU A O   1 
ATOM   607  C CB  . LEU A 1 100 ? -7.40997  10.44796  -0.25656  1.000 21.72425  ?  76  LEU A CB  1 
ATOM   608  C CG  . LEU A 1 100 ? -6.48495  9.92254   0.82098   1.000 22.70984  ?  76  LEU A CG  1 
ATOM   609  C CD1 . LEU A 1 100 ? -7.06887  10.20231  2.19152   1.000 25.25388  ?  76  LEU A CD1 1 
ATOM   610  C CD2 . LEU A 1 100 ? -6.25779  8.42461   0.62250   1.000 25.46221  ?  76  LEU A CD2 1 
ATOM   611  N N   . LEU A 1 101 ? -5.94673  12.99633  -1.30416  1.000 19.33629  ?  77  LEU A N   1 
ATOM   612  C CA  . LEU A 1 101 ? -4.78566  13.87520  -1.36964  1.000 19.33669  ?  77  LEU A CA  1 
ATOM   613  C C   . LEU A 1 101 ? -5.17353  15.31947  -1.08662  1.000 19.97069  ?  77  LEU A C   1 
ATOM   614  O O   . LEU A 1 101 ? -4.37675  16.05695  -0.50923  1.000 20.36055  ?  77  LEU A O   1 
ATOM   615  C CB  . LEU A 1 101 ? -4.11242  13.77196  -2.73729  1.000 19.93700  ?  77  LEU A CB  1 
ATOM   616  C CG  . LEU A 1 101 ? -3.44627  12.42281  -3.05376  1.000 19.81090  ?  77  LEU A CG  1 
ATOM   617  C CD1 . LEU A 1 101 ? -2.84067  12.42713  -4.46397  1.000 21.70587  ?  77  LEU A CD1 1 
ATOM   618  C CD2 . LEU A 1 101 ? -2.39883  12.03194  -2.00878  1.000 19.98412  ?  77  LEU A CD2 1 
ATOM   619  N N   . ASP A 1 102 ? -6.38259  15.74216  -1.46944  1.000 19.01210  ?  78  ASP A N   1 
ATOM   620  C CA  . ASP A 1 102 ? -6.79273  17.10903  -1.14438  1.000 20.99568  ?  78  ASP A CA  1 
ATOM   621  C C   . ASP A 1 102 ? -6.69944  17.33862  0.35966   1.000 20.48911  ?  78  ASP A C   1 
ATOM   622  O O   . ASP A 1 102 ? -6.12842  18.35458  0.82900   1.000 22.16480  ?  78  ASP A O   1 
ATOM   623  C CB  . ASP A 1 102 ? -8.21806  17.36827  -1.63916  1.000 22.03903  ?  78  ASP A CB  1 
ATOM   624  C CG  . ASP A 1 102 ? -8.32784  17.45321  -3.14908  1.000 24.86481  ?  78  ASP A CG  1 
ATOM   625  O OD1 . ASP A 1 102 ? -7.32175  17.72356  -3.82155  1.000 26.66798  ?  78  ASP A OD1 1 
ATOM   626  O OD2 . ASP A 1 102 ? -9.45834  17.26044  -3.66311  1.000 28.41346  -1 78  ASP A OD2 1 
ATOM   627  N N   A ARG A 1 103 ? -7.23842  16.41319  1.15239   0.560 20.55678  ?  79  ARG A N   1 
ATOM   628  N N   B ARG A 1 103 ? -7.23007  16.38600  1.14064   0.440 20.61171  ?  79  ARG A N   1 
ATOM   629  C CA  A ARG A 1 103 ? -7.14374  16.67994  2.59223   0.560 20.39709  ?  79  ARG A CA  1 
ATOM   630  C CA  B ARG A 1 103 ? -7.21166  16.55431  2.59892   0.440 20.77046  ?  79  ARG A CA  1 
ATOM   631  C C   A ARG A 1 103 ? -5.75670  16.40085  3.17044   0.560 19.20738  ?  79  ARG A C   1 
ATOM   632  C C   B ARG A 1 103 ? -5.81481  16.34560  3.19449   0.440 19.19358  ?  79  ARG A C   1 
ATOM   633  O O   A ARG A 1 103 ? -5.31815  17.11229  4.08890   0.560 20.00357  ?  79  ARG A O   1 
ATOM   634  O O   B ARG A 1 103 ? -5.41755  17.05851  4.12896   0.440 20.28251  ?  79  ARG A O   1 
ATOM   635  C CB  A ARG A 1 103 ? -8.22165  15.95695  3.38520   0.560 22.67995  ?  79  ARG A CB  1 
ATOM   636  C CB  B ARG A 1 103 ? -8.27397  15.67420  3.26948   0.440 24.02344  ?  79  ARG A CB  1 
ATOM   637  C CG  A ARG A 1 103 ? -8.50382  14.57089  2.90081   0.560 21.84473  ?  79  ARG A CG  1 
ATOM   638  C CG  B ARG A 1 103 ? -7.81910  14.28983  3.75045   0.440 21.37070  ?  79  ARG A CG  1 
ATOM   639  C CD  A ARG A 1 103 ? -9.80853  14.16672  3.50741   0.560 21.44341  ?  79  ARG A CD  1 
ATOM   640  C CD  B ARG A 1 103 ? -8.86506  13.73182  4.71008   0.440 21.99645  ?  79  ARG A CD  1 
ATOM   641  N NE  A ARG A 1 103 ? -10.27047 12.85233  3.09738   0.560 23.79417  ?  79  ARG A NE  1 
ATOM   642  N NE  B ARG A 1 103 ? -8.67507  12.33013  5.08318   0.440 21.86299  ?  79  ARG A NE  1 
ATOM   643  C CZ  A ARG A 1 103 ? -9.87382  11.71533  3.65501   0.560 24.57361  ?  79  ARG A CZ  1 
ATOM   644  C CZ  B ARG A 1 103 ? -9.32378  11.31042  4.52406   0.440 25.32160  ?  79  ARG A CZ  1 
ATOM   645  N NH1 A ARG A 1 103 ? -10.38589 10.56960  3.23191   0.560 24.90558  ?  79  ARG A NH1 1 
ATOM   646  N NH1 B ARG A 1 103 ? -10.17645 11.51797  3.53347   0.440 26.94447  ?  79  ARG A NH1 1 
ATOM   647  N NH2 A ARG A 1 103 ? -8.98271  11.73000  4.63664   0.560 24.50675  ?  79  ARG A NH2 1 
ATOM   648  N NH2 B ARG A 1 103 ? -9.11476  10.07587  4.95061   0.440 23.67000  ?  79  ARG A NH2 1 
ATOM   649  N N   . MET A 1 104 ? -5.04979  15.38473  2.66683   1.000 19.45082  ?  80  MET A N   1 
ATOM   650  C CA  . MET A 1 104 ? -3.70874  15.12665  3.19885   1.000 18.69686  ?  80  MET A CA  1 
ATOM   651  C C   . MET A 1 104 ? -2.74383  16.26351  2.87345   1.000 19.28009  ?  80  MET A C   1 
ATOM   652  O O   . MET A 1 104 ? -1.83838  16.56256  3.67430   1.000 20.08906  ?  80  MET A O   1 
ATOM   653  C CB  . MET A 1 104 ? -3.16371  13.79073  2.67454   1.000 20.73290  ?  80  MET A CB  1 
ATOM   654  C CG  . MET A 1 104 ? -4.02543  12.57046  3.07019   1.000 20.18364  ?  80  MET A CG  1 
ATOM   655  S SD  . MET A 1 104 ? -3.42835  10.96972  2.43726   1.000 21.61632  ?  80  MET A SD  1 
ATOM   656  C CE  . MET A 1 104 ? -1.93809  10.79466  3.40702   1.000 23.77285  ?  80  MET A CE  1 
ATOM   657  N N   . GLU A 1 105 ? -2.90985  16.89078  1.70609   1.000 19.76115  ?  81  GLU A N   1 
ATOM   658  C CA  . GLU A 1 105 ? -2.06771  18.02602  1.34818   1.000 20.90360  ?  81  GLU A CA  1 
ATOM   659  C C   . GLU A 1 105 ? -2.41677  19.23164  2.20226   1.000 22.07552  ?  81  GLU A C   1 
ATOM   660  O O   . GLU A 1 105 ? -1.51879  19.96047  2.64822   1.000 23.07041  ?  81  GLU A O   1 
ATOM   661  C CB  . GLU A 1 105 ? -2.22080  18.32517  -0.14173  1.000 23.14879  ?  81  GLU A CB  1 
ATOM   662  C CG  . GLU A 1 105 ? -1.20781  19.34775  -0.65394  1.000 24.81844  ?  81  GLU A CG  1 
ATOM   663  C CD  . GLU A 1 105 ? -1.07248  19.35213  -2.16929  1.000 26.97152  ?  81  GLU A CD  1 
ATOM   664  O OE1 . GLU A 1 105 ? -2.03569  18.96091  -2.87132  1.000 31.34292  ?  81  GLU A OE1 1 
ATOM   665  O OE2 . GLU A 1 105 ? 0.00573   19.76447  -2.65023  1.000 29.23462  -1 81  GLU A OE2 1 
ATOM   666  N N   . ALA A 1 106 ? -3.71396  19.43114  2.48918   1.000 19.19666  ?  82  ALA A N   1 
ATOM   667  C CA  . ALA A 1 106 ? -4.09863  20.50234  3.40518   1.000 22.17602  ?  82  ALA A CA  1 
ATOM   668  C C   . ALA A 1 106 ? -3.46003  20.32886  4.78285   1.000 22.92282  ?  82  ALA A C   1 
ATOM   669  O O   . ALA A 1 106 ? -3.15784  21.32282  5.46292   1.000 25.82954  ?  82  ALA A O   1 
ATOM   670  C CB  . ALA A 1 106 ? -5.62139  20.53614  3.52053   1.000 22.89529  ?  82  ALA A CB  1 
ATOM   671  N N   . ARG A 1 107 ? -3.22563  19.09061  5.21080   1.000 20.54142  ?  83  ARG A N   1 
ATOM   672  C CA  . ARG A 1 107 ? -2.58663  18.81002  6.48822   1.000 21.65046  ?  83  ARG A CA  1 
ATOM   673  C C   . ARG A 1 107 ? -1.06195  18.75851  6.38664   1.000 22.77038  ?  83  ARG A C   1 
ATOM   674  O O   . ARG A 1 107 ? -0.39907  18.42264  7.37481   1.000 25.76675  ?  83  ARG A O   1 
ATOM   675  C CB  . ARG A 1 107 ? -3.12215  17.49889  7.08034   1.000 22.78841  ?  83  ARG A CB  1 
ATOM   676  C CG  . ARG A 1 107 ? -4.62089  17.56080  7.40703   1.000 25.76366  ?  83  ARG A CG  1 
ATOM   677  C CD  . ARG A 1 107 ? -5.15128  16.24069  7.91083   1.000 30.99451  ?  83  ARG A CD  1 
ATOM   678  N NE  . ARG A 1 107 ? -4.41048  15.75459  9.06415   1.000 38.91008  ?  83  ARG A NE  1 
ATOM   679  C CZ  . ARG A 1 107 ? -4.56926  14.54097  9.58113   1.000 53.86498  ?  83  ARG A CZ  1 
ATOM   680  N NH1 . ARG A 1 107 ? -5.45479  13.70125  9.05040   1.000 52.41370  ?  83  ARG A NH1 1 
ATOM   681  N NH2 . ARG A 1 107 ? -3.85115  14.16944  10.63066  1.000 53.00828  ?  83  ARG A NH2 1 
ATOM   682  N N   . GLY A 1 108 ? -0.50405  19.04167  5.21406   1.000 22.41400  ?  84  GLY A N   1 
ATOM   683  C CA  . GLY A 1 108 ? 0.94098   19.08979  5.06153   1.000 22.43631  ?  84  GLY A CA  1 
ATOM   684  C C   . GLY A 1 108 ? 1.65128   17.75399  5.06222   1.000 23.41993  ?  84  GLY A C   1 
ATOM   685  O O   . GLY A 1 108 ? 2.86671   17.71018  5.28995   1.000 24.33041  ?  84  GLY A O   1 
ATOM   686  N N   . GLN A 1 109 ? 0.92916   16.65720  4.82391   1.000 20.52407  ?  85  GLN A N   1 
ATOM   687  C CA  . GLN A 1 109 ? 1.50333   15.31729  4.88043   1.000 19.06729  ?  85  GLN A CA  1 
ATOM   688  C C   . GLN A 1 109 ? 2.01143   14.82835  3.53796   1.000 17.34397  ?  85  GLN A C   1 
ATOM   689  O O   . GLN A 1 109 ? 2.85651   13.92388  3.49851   1.000 19.15516  ?  85  GLN A O   1 
ATOM   690  C CB  . GLN A 1 109 ? 0.43861   14.32543  5.36240   1.000 21.99662  ?  85  GLN A CB  1 
ATOM   691  C CG  . GLN A 1 109 ? -0.06104  14.61953  6.75985   1.000 26.91511  ?  85  GLN A CG  1 
ATOM   692  C CD  . GLN A 1 109 ? -1.24818  13.75043  7.12745   1.000 38.42004  ?  85  GLN A CD  1 
ATOM   693  O OE1 . GLN A 1 109 ? -2.09666  13.45089  6.28262   1.000 38.62311  ?  85  GLN A OE1 1 
ATOM   694  N NE2 . GLN A 1 109 ? -1.30512  13.32812  8.38332   1.000 43.60796  ?  85  GLN A NE2 1 
ATOM   695  N N   . VAL A 1 110 ? 1.49022   15.38805  2.44381   1.000 19.65784  ?  86  VAL A N   1 
ATOM   696  C CA  . VAL A 1 110 ? 1.89535   15.06050  1.08319   1.000 19.24489  ?  86  VAL A CA  1 
ATOM   697  C C   . VAL A 1 110 ? 1.93726   16.36209  0.29118   1.000 22.80340  ?  86  VAL A C   1 
ATOM   698  O O   . VAL A 1 110 ? 1.41500   17.39988  0.71968   1.000 22.26188  ?  86  VAL A O   1 
ATOM   699  C CB  . VAL A 1 110 ? 0.92252   14.07838  0.38715   1.000 21.28659  ?  86  VAL A CB  1 
ATOM   700  C CG1 . VAL A 1 110 ? 0.82820   12.77104  1.16030   1.000 20.48441  ?  86  VAL A CG1 1 
ATOM   701  C CG2 . VAL A 1 110 ? -0.44827  14.73400  0.23686   1.000 20.98837  ?  86  VAL A CG2 1 
ATOM   702  N N   . GLU A 1 111 ? 2.55452   16.28575  -0.89128  1.000 22.08292  ?  87  GLU A N   1 
ATOM   703  C CA  . GLU A 1 111 ? 2.58154   17.40927  -1.81667  1.000 23.52985  ?  87  GLU A CA  1 
ATOM   704  C C   . GLU A 1 111 ? 2.40891   16.90990  -3.24005  1.000 23.07821  ?  87  GLU A C   1 
ATOM   705  O O   . GLU A 1 111 ? 3.03984   15.92136  -3.63008  1.000 24.10157  ?  87  GLU A O   1 
ATOM   706  C CB  . GLU A 1 111 ? 3.91129   18.16454  -1.72150  1.000 25.32844  ?  87  GLU A CB  1 
ATOM   707  C CG  . GLU A 1 111 ? 3.89317   19.44792  -2.56932  1.000 27.64500  ?  87  GLU A CG  1 
ATOM   708  C CD  . GLU A 1 111 ? 5.25834   20.09836  -2.73739  1.000 38.00574  ?  87  GLU A CD  1 
ATOM   709  O OE1 . GLU A 1 111 ? 6.28413   19.46958  -2.42116  1.000 30.31185  ?  87  GLU A OE1 1 
ATOM   710  O OE2 . GLU A 1 111 ? 5.29318   21.26157  -3.19560  1.000 46.20254  -1 87  GLU A OE2 1 
ATOM   711  N N   . ARG A 1 112 ? 1.55522   17.59771  -4.00708  1.000 23.37730  ?  88  ARG A N   1 
ATOM   712  C CA  . ARG A 1 112 ? 1.41633   17.37197  -5.43690  1.000 23.99697  ?  88  ARG A CA  1 
ATOM   713  C C   . ARG A 1 112 ? 2.27909   18.38089  -6.18760  1.000 31.80877  ?  88  ARG A C   1 
ATOM   714  O O   . ARG A 1 112 ? 2.40162   19.53501  -5.76741  1.000 30.54967  ?  88  ARG A O   1 
ATOM   715  C CB  . ARG A 1 112 ? -0.04784  17.48476  -5.86636  1.000 26.00437  ?  88  ARG A CB  1 
ATOM   716  C CG  . ARG A 1 112 ? -0.79872  16.15092  -5.68833  1.000 27.67711  ?  88  ARG A CG  1 
ATOM   717  C CD  . ARG A 1 112 ? -2.28731  16.28181  -5.90789  1.000 28.50585  ?  88  ARG A CD  1 
ATOM   718  N NE  . ARG A 1 112 ? -2.90974  17.09677  -4.87807  1.000 27.53438  ?  88  ARG A NE  1 
ATOM   719  C CZ  . ARG A 1 112 ? -4.20902  17.09349  -4.61128  1.000 25.28837  ?  88  ARG A CZ  1 
ATOM   720  N NH1 . ARG A 1 112 ? -5.03302  16.31034  -5.30457  1.000 30.01412  ?  88  ARG A NH1 1 
ATOM   721  N NH2 . ARG A 1 112 ? -4.67520  17.87105  -3.65119  1.000 31.94848  ?  88  ARG A NH2 1 
ATOM   722  N N   . LEU A 1 113 ? 2.88494   17.92685  -7.28381  1.000 29.23107  ?  89  LEU A N   1 
ATOM   723  C CA  . LEU A 1 113 ? 3.89435   18.65682  -8.04635  1.000 32.69517  ?  89  LEU A CA  1 
ATOM   724  C C   . LEU A 1 113 ? 3.64889   18.45590  -9.52972  1.000 36.18423  ?  89  LEU A C   1 
ATOM   725  O O   . LEU A 1 113 ? 3.10805   17.42016  -9.94396  1.000 33.82886  ?  89  LEU A O   1 
ATOM   726  C CB  . LEU A 1 113 ? 5.29858   18.11271  -7.74374  1.000 41.90459  ?  89  LEU A CB  1 
ATOM   727  C CG  . LEU A 1 113 ? 5.80119   18.03825  -6.30651  1.000 45.18674  ?  89  LEU A CG  1 
ATOM   728  C CD1 . LEU A 1 113 ? 6.82752   16.92563  -6.19828  1.000 42.04648  ?  89  LEU A CD1 1 
ATOM   729  C CD2 . LEU A 1 113 ? 6.40141   19.36809  -5.89697  1.000 48.79593  ?  89  LEU A CD2 1 
ATOM   730  N N   . PRO A 1 114 ? 4.06386   19.40231  -10.36985 1.000 42.67809  ?  90  PRO A N   1 
ATOM   731  C CA  . PRO A 1 114 ? 3.89860   19.22294  -11.81449 1.000 44.90342  ?  90  PRO A CA  1 
ATOM   732  C C   . PRO A 1 114 ? 4.89965   18.22040  -12.36740 1.000 39.29091  ?  90  PRO A C   1 
ATOM   733  O O   . PRO A 1 114 ? 6.01307   18.07112  -11.85997 1.000 39.57994  ?  90  PRO A O   1 
ATOM   734  C CB  . PRO A 1 114 ? 4.16229   20.62345  -12.37563 1.000 42.34544  ?  90  PRO A CB  1 
ATOM   735  C CG  . PRO A 1 114 ? 5.07877   21.25063  -11.38271 1.000 43.79419  ?  90  PRO A CG  1 
ATOM   736  C CD  . PRO A 1 114 ? 4.68765   20.69760  -10.03648 1.000 45.58831  ?  90  PRO A CD  1 
ATOM   737  N N   . HIS A 1 115 ? 4.49101   17.52602  -13.42508 1.000 52.73534  ?  91  HIS A N   1 
ATOM   738  C CA  . HIS A 1 115 ? 5.38165   16.55841  -14.04527 1.000 58.74249  ?  91  HIS A CA  1 
ATOM   739  C C   . HIS A 1 115 ? 6.43301   17.25978  -14.90084 1.000 75.54571  ?  91  HIS A C   1 
ATOM   740  O O   . HIS A 1 115 ? 6.24019   18.38148  -15.37372 1.000 69.08728  ?  91  HIS A O   1 
ATOM   741  C CB  . HIS A 1 115 ? 4.59523   15.56399  -14.89916 1.000 64.29481  ?  91  HIS A CB  1 
ATOM   742  C CG  . HIS A 1 115 ? 5.45629   14.57778  -15.62921 1.000 77.17984  ?  91  HIS A CG  1 
ATOM   743  N ND1 . HIS A 1 115 ? 5.89843   14.79101  -16.91699 1.000 83.12352  ?  91  HIS A ND1 1 
ATOM   744  C CD2 . HIS A 1 115 ? 5.96968   13.38297  -15.24941 1.000 84.29354  ?  91  HIS A CD2 1 
ATOM   745  C CE1 . HIS A 1 115 ? 6.63870   13.76706  -17.30292 1.000 87.74909  ?  91  HIS A CE1 1 
ATOM   746  N NE2 . HIS A 1 115 ? 6.69786   12.89839  -16.30970 1.000 78.39598  ?  91  HIS A NE2 1 
ATOM   747  N N   . GLU A 1 116 ? 7.56385   16.57187  -15.08073 1.000 86.72581  ?  92  GLU A N   1 
ATOM   748  C CA  . GLU A 1 116 ? 8.68742   17.00094  -15.91043 1.000 97.24861  ?  92  GLU A CA  1 
ATOM   749  C C   . GLU A 1 116 ? 8.24139   17.64822  -17.21929 1.000 92.26175  ?  92  GLU A C   1 
ATOM   750  O O   . GLU A 1 116 ? 8.36741   18.86651  -17.39040 1.000 82.27367  ?  92  GLU A O   1 
ATOM   751  C CB  . GLU A 1 116 ? 9.58820   15.79421  -16.19365 1.000 103.23973 ?  92  GLU A CB  1 
ATOM   752  C CG  . GLU A 1 116 ? 10.68385  16.02294  -17.22481 1.000 105.67983 ?  92  GLU A CG  1 
ATOM   753  C CD  . GLU A 1 116 ? 11.15355  14.72845  -17.86559 1.000 112.47295 ?  92  GLU A CD  1 
ATOM   754  O OE1 . GLU A 1 116 ? 10.48925  14.26005  -18.81466 1.000 106.44555 ?  92  GLU A OE1 1 
ATOM   755  O OE2 . GLU A 1 116 ? 12.18294  14.17710  -17.42124 1.000 122.95261 -1 92  GLU A OE2 1 
ATOM   756  N N   . SER A 1 117 ? 7.71884   16.84417  -18.14628 1.000 91.69771  ?  93  SER A N   1 
ATOM   757  C CA  . SER A 1 117 ? 7.28362   17.32865  -19.44933 1.000 89.05066  ?  93  SER A CA  1 
ATOM   758  C C   . SER A 1 117 ? 5.76995   17.25919  -19.61095 1.000 88.01480  ?  93  SER A C   1 
ATOM   759  O O   . SER A 1 117 ? 5.11595   18.29185  -19.78090 1.000 86.72698  ?  93  SER A O   1 
ATOM   760  C CB  . SER A 1 117 ? 7.98613   16.54805  -20.56787 1.000 87.46700  ?  93  SER A CB  1 
ATOM   761  O OG  . SER A 1 117 ? 8.18576   15.19590  -20.19570 1.000 99.48168  ?  93  SER A OG  1 
ATOM   762  N N   . ASP A 1 118 ? 5.19522   16.05999  -19.55770 1.000 85.47573  ?  94  ASP A N   1 
ATOM   763  C CA  . ASP A 1 118 ? 3.76290   15.87742  -19.77457 1.000 86.62386  ?  94  ASP A CA  1 
ATOM   764  C C   . ASP A 1 118 ? 2.99236   16.48133  -18.60775 1.000 82.06270  ?  94  ASP A C   1 
ATOM   765  O O   . ASP A 1 118 ? 3.01753   15.94606  -17.49584 1.000 83.24093  ?  94  ASP A O   1 
ATOM   766  C CB  . ASP A 1 118 ? 3.45429   14.38787  -19.90053 1.000 84.00312  ?  94  ASP A CB  1 
ATOM   767  C CG  . ASP A 1 118 ? 1.98918   14.11514  -20.19539 1.000 81.07870  ?  94  ASP A CG  1 
ATOM   768  O OD1 . ASP A 1 118 ? 1.64783   12.95388  -20.49832 1.000 80.50586  ?  94  ASP A OD1 1 
ATOM   769  O OD2 . ASP A 1 118 ? 1.17883   15.06236  -20.13565 1.000 82.88351  -1 94  ASP A OD2 1 
ATOM   770  N N   . ARG A 1 119 ? 2.29291   17.58858  -18.85265 1.000 69.00297  ?  95  ARG A N   1 
ATOM   771  C CA  . ARG A 1 119 ? 1.46815   18.20317  -17.82255 1.000 72.69874  ?  95  ARG A CA  1 
ATOM   772  C C   . ARG A 1 119 ? 0.01685   17.73283  -17.85474 1.000 71.59443  ?  95  ARG A C   1 
ATOM   773  O O   . ARG A 1 119 ? -0.85349  18.38364  -17.26470 1.000 69.65498  ?  95  ARG A O   1 
ATOM   774  C CB  . ARG A 1 119 ? 1.60788   19.72530  -17.82717 1.000 74.32000  ?  95  ARG A CB  1 
ATOM   775  C CG  . ARG A 1 119 ? 2.59068   20.22162  -16.77006 1.000 80.76865  ?  95  ARG A CG  1 
ATOM   776  C CD  . ARG A 1 119 ? 4.04284   20.07172  -17.21754 1.000 82.98338  ?  95  ARG A CD  1 
ATOM   777  N NE  . ARG A 1 119 ? 4.39256   21.01743  -18.27467 1.000 102.64651 ?  95  ARG A NE  1 
ATOM   778  C CZ  . ARG A 1 119 ? 5.59567   21.10510  -18.83566 1.000 100.16848 ?  95  ARG A CZ  1 
ATOM   779  N NH1 . ARG A 1 119 ? 6.57536   20.30441  -18.43918 1.000 92.39477  ?  95  ARG A NH1 1 
ATOM   780  N NH2 . ARG A 1 119 ? 5.82271   21.99730  -19.79241 1.000 96.34661  ?  95  ARG A NH2 1 
ATOM   781  N N   . ARG A 1 120 ? -0.25761  16.61999  -18.54078 1.000 76.51574  ?  96  ARG A N   1 
ATOM   782  C CA  . ARG A 1 120 ? -1.41268  15.80067  -18.20152 1.000 75.07601  ?  96  ARG A CA  1 
ATOM   783  C C   . ARG A 1 120 ? -1.21786  15.11930  -16.85428 1.000 68.50554  ?  96  ARG A C   1 
ATOM   784  O O   . ARG A 1 120 ? -2.18809  14.62090  -16.27326 1.000 77.56316  ?  96  ARG A O   1 
ATOM   785  C CB  . ARG A 1 120 ? -1.59378  14.69295  -19.24630 1.000 74.62269  ?  96  ARG A CB  1 
ATOM   786  C CG  . ARG A 1 120 ? -1.70832  15.14852  -20.69578 1.000 82.77403  ?  96  ARG A CG  1 
ATOM   787  C CD  . ARG A 1 120 ? -2.34270  14.05798  -21.55872 1.000 77.70546  ?  96  ARG A CD  1 
ATOM   788  N NE  . ARG A 1 120 ? -1.57357  12.81300  -21.53434 1.000 91.73864  ?  96  ARG A NE  1 
ATOM   789  C CZ  . ARG A 1 120 ? -1.52172  11.94135  -22.53837 1.000 99.03071  ?  96  ARG A CZ  1 
ATOM   790  N NH1 . ARG A 1 120 ? -0.79578  10.83555  -22.42422 1.000 89.21902  ?  96  ARG A NH1 1 
ATOM   791  N NH2 . ARG A 1 120 ? -2.19960  12.17117  -23.65533 1.000 93.88971  ?  96  ARG A NH2 1 
ATOM   792  N N   . ILE A 1 121 ? 0.01562   15.09676  -16.35098 1.000 60.64339  ?  97  ILE A N   1 
ATOM   793  C CA  . ILE A 1 121 ? 0.43358   14.22549  -15.25858 1.000 59.23011  ?  97  ILE A CA  1 
ATOM   794  C C   . ILE A 1 121 ? 0.75714   15.07477  -14.03682 1.000 58.60430  ?  97  ILE A C   1 
ATOM   795  O O   . ILE A 1 121 ? 1.54769   16.02316  -14.12042 1.000 52.74532  ?  97  ILE A O   1 
ATOM   796  C CB  . ILE A 1 121 ? 1.66252   13.39079  -15.66309 1.000 58.88125  ?  97  ILE A CB  1 
ATOM   797  C CG1 . ILE A 1 121 ? 1.40083   12.59511  -16.94957 1.000 65.37023  ?  97  ILE A CG1 1 
ATOM   798  C CG2 . ILE A 1 121 ? 2.08622   12.47242  -14.52762 1.000 52.98965  ?  97  ILE A CG2 1 
ATOM   799  C CD1 . ILE A 1 121 ? 0.02033   11.96961  -17.04140 1.000 77.37654  ?  97  ILE A CD1 1 
ATOM   800  N N   . THR A 1 122 ? 0.16223   14.72225  -12.90120 1.000 39.44461  ?  98  THR A N   1 
ATOM   801  C CA  . THR A 1 122 ? 0.51736   15.29333  -11.60900 1.000 34.58459  ?  98  THR A CA  1 
ATOM   802  C C   . THR A 1 122 ? 1.28350   14.24300  -10.81758 1.000 29.24213  ?  98  THR A C   1 
ATOM   803  O O   . THR A 1 122 ? 0.88630   13.07129  -10.78915 1.000 30.86061  ?  98  THR A O   1 
ATOM   804  C CB  . THR A 1 122 ? -0.73854  15.70819  -10.84056 1.000 37.16073  ?  98  THR A CB  1 
ATOM   805  O OG1 . THR A 1 122 ? -1.46135  16.69281  -11.59232 1.000 42.44664  ?  98  THR A OG1 1 
ATOM   806  C CG2 . THR A 1 122 ? -0.37417  16.29083  -9.48686  1.000 34.82106  ?  98  THR A CG2 1 
ATOM   807  N N   . LEU A 1 123 ? 2.38658   14.64859  -10.19962 1.000 28.88238  ?  99  LEU A N   1 
ATOM   808  C CA  . LEU A 1 123 ? 3.15455   13.78286  -9.32198  1.000 27.09680  ?  99  LEU A CA  1 
ATOM   809  C C   . LEU A 1 123 ? 2.80065   14.08755  -7.87211  1.000 24.21915  ?  99  LEU A C   1 
ATOM   810  O O   . LEU A 1 123 ? 2.24744   15.13547  -7.55296  1.000 27.00637  ?  99  LEU A O   1 
ATOM   811  C CB  . LEU A 1 123 ? 4.65182   14.00256  -9.53171  1.000 28.79878  ?  99  LEU A CB  1 
ATOM   812  C CG  . LEU A 1 123 ? 5.18299   13.83666  -10.95695 1.000 31.57317  ?  99  LEU A CG  1 
ATOM   813  C CD1 . LEU A 1 123 ? 6.67029   14.16492  -11.00073 1.000 35.85168  ?  99  LEU A CD1 1 
ATOM   814  C CD2 . LEU A 1 123 ? 4.93468   12.43270  -11.46419 1.000 35.08497  ?  99  LEU A CD2 1 
ATOM   815  N N   . VAL A 1 124 ? 3.14112   13.15260  -6.98947  1.000 24.27784  ?  100 VAL A N   1 
ATOM   816  C CA  . VAL A 1 124 ? 2.84209   13.28121  -5.57005  1.000 22.30283  ?  100 VAL A CA  1 
ATOM   817  C C   . VAL A 1 124 ? 3.99147   12.66557  -4.78083  1.000 20.48166  ?  100 VAL A C   1 
ATOM   818  O O   . VAL A 1 124 ? 4.59120   11.66609  -5.19852  1.000 21.43976  ?  100 VAL A O   1 
ATOM   819  C CB  . VAL A 1 124 ? 1.47667   12.62930  -5.22380  1.000 23.98770  ?  100 VAL A CB  1 
ATOM   820  C CG1 . VAL A 1 124 ? 1.49356   11.14871  -5.52090  1.000 27.42874  ?  100 VAL A CG1 1 
ATOM   821  C CG2 . VAL A 1 124 ? 1.08053   12.89317  -3.75173  1.000 22.57350  ?  100 VAL A CG2 1 
ATOM   822  N N   A ARG A 1 125 ? 4.30546   13.27685  -3.63786  0.460 20.30599  ?  101 ARG A N   1 
ATOM   823  N N   B ARG A 1 125 ? 4.28806   13.26608  -3.62963  0.540 20.31817  ?  101 ARG A N   1 
ATOM   824  C CA  A ARG A 1 125 ? 5.35461   12.81351  -2.74404  0.460 20.25122  ?  101 ARG A CA  1 
ATOM   825  C CA  B ARG A 1 125 ? 5.33910   12.80072  -2.74289  0.540 20.21471  ?  101 ARG A CA  1 
ATOM   826  C C   A ARG A 1 125 ? 4.87588   12.96197  -1.30559  0.460 20.33671  ?  101 ARG A C   1 
ATOM   827  C C   B ARG A 1 125 ? 4.88560   12.97167  -1.29949  0.540 20.33703  ?  101 ARG A C   1 
ATOM   828  O O   A ARG A 1 125 ? 3.95462   13.73242  -1.01556  0.460 21.42472  ?  101 ARG A O   1 
ATOM   829  O O   B ARG A 1 125 ? 3.99057   13.76772  -1.00122  0.540 21.47047  ?  101 ARG A O   1 
ATOM   830  C CB  A ARG A 1 125 ? 6.64406   13.64249  -2.91358  0.460 22.84159  ?  101 ARG A CB  1 
ATOM   831  C CB  B ARG A 1 125 ? 6.63441   13.59963  -2.95962  0.540 22.87530  ?  101 ARG A CB  1 
ATOM   832  C CG  A ARG A 1 125 ? 6.55583   15.00263  -2.23749  0.460 21.21469  ?  101 ARG A CG  1 
ATOM   833  C CG  B ARG A 1 125 ? 6.44407   15.10410  -2.85372  0.540 21.10975  ?  101 ARG A CG  1 
ATOM   834  C CD  A ARG A 1 125 ? 7.76796   15.89988  -2.46479  0.460 24.79627  ?  101 ARG A CD  1 
ATOM   835  C CD  B ARG A 1 125 ? 7.78404   15.82261  -2.99682  0.540 21.24536  ?  101 ARG A CD  1 
ATOM   836  N NE  A ARG A 1 125 ? 7.46774   17.20632  -1.89255  0.460 23.76407  ?  101 ARG A NE  1 
ATOM   837  N NE  B ARG A 1 125 ? 8.67052   15.56756  -1.86145  0.540 24.38432  ?  101 ARG A NE  1 
ATOM   838  C CZ  A ARG A 1 125 ? 7.83534   17.60377  -0.67973  0.460 23.38798  ?  101 ARG A CZ  1 
ATOM   839  C CZ  B ARG A 1 125 ? 8.74065   16.33431  -0.77244  0.540 22.59238  ?  101 ARG A CZ  1 
ATOM   840  N NH1 A ARG A 1 125 ? 8.57400   16.82410  0.09910   0.460 17.81037  ?  101 ARG A NH1 1 
ATOM   841  N NH1 B ARG A 1 125 ? 9.57911   16.03854  0.20611   0.540 23.71730  ?  101 ARG A NH1 1 
ATOM   842  N NH2 A ARG A 1 125 ? 7.46626   18.80077  -0.25504  0.460 21.87903  ?  101 ARG A NH2 1 
ATOM   843  N NH2 B ARG A 1 125 ? 7.97305   17.40438  -0.66100  0.540 21.92620  ?  101 ARG A NH2 1 
ATOM   844  N N   . ILE A 1 126 ? 5.52478   12.21984  -0.39881  1.000 18.78450  ?  102 ILE A N   1 
ATOM   845  C CA  . ILE A 1 126 ? 5.33312   12.41284  1.03397   1.000 20.02565  ?  102 ILE A CA  1 
ATOM   846  C C   . ILE A 1 126 ? 6.22784   13.56316  1.48312   1.000 20.82213  ?  102 ILE A C   1 
ATOM   847  O O   . ILE A 1 126 ? 7.32370   13.76186  0.94052   1.000 22.66025  ?  102 ILE A O   1 
ATOM   848  C CB  . ILE A 1 126 ? 5.63551   11.10617  1.80644   1.000 19.82140  ?  102 ILE A CB  1 
ATOM   849  C CG1 . ILE A 1 126 ? 5.05632   11.14387  3.21299   1.000 20.48860  ?  102 ILE A CG1 1 
ATOM   850  C CG2 . ILE A 1 126 ? 7.13852   10.79956  1.82520   1.000 23.76812  ?  102 ILE A CG2 1 
ATOM   851  C CD1 . ILE A 1 126 ? 5.14845   9.79119   3.95031   1.000 22.49926  ?  102 ILE A CD1 1 
ATOM   852  N N   . THR A 1 127 ? 5.77480   14.32343  2.47082   1.000 19.48281  ?  103 THR A N   1 
ATOM   853  C CA  . THR A 1 127 ? 6.63047   15.36369  3.04470   1.000 19.33378  ?  103 THR A CA  1 
ATOM   854  C C   . THR A 1 127 ? 7.35104   14.83542  4.27423   1.000 23.06510  ?  103 THR A C   1 
ATOM   855  O O   . THR A 1 127 ? 7.04874   13.75751  4.78906   1.000 21.61857  ?  103 THR A O   1 
ATOM   856  C CB  . THR A 1 127 ? 5.77523   16.54490  3.48785   1.000 19.26042  ?  103 THR A CB  1 
ATOM   857  O OG1 . THR A 1 127 ? 4.90953   16.11654  4.55748   1.000 20.70019  ?  103 THR A OG1 1 
ATOM   858  C CG2 . THR A 1 127 ? 4.98519   17.14759  2.33700   1.000 21.34165  ?  103 THR A CG2 1 
ATOM   859  N N   . ARG A 1 128 ? 8.31546   15.62195  4.78106   1.000 21.23823  ?  104 ARG A N   1 
ATOM   860  C CA  . ARG A 1 128 ? 8.95930   15.22968  6.02466   1.000 19.34515  ?  104 ARG A CA  1 
ATOM   861  C C   . ARG A 1 128 ? 7.95012   15.04841  7.15372   1.000 21.03934  ?  104 ARG A C   1 
ATOM   862  O O   . ARG A 1 128 ? 8.06093   14.09848  7.93897   1.000 21.59848  ?  104 ARG A O   1 
ATOM   863  C CB  . ARG A 1 128 ? 10.05044  16.24154  6.41004   1.000 22.29319  ?  104 ARG A CB  1 
ATOM   864  C CG  . ARG A 1 128 ? 10.84604  15.79223  7.61388   1.000 26.10235  ?  104 ARG A CG  1 
ATOM   865  C CD  . ARG A 1 128 ? 11.59897  16.93769  8.27097   1.000 30.29742  ?  104 ARG A CD  1 
ATOM   866  N NE  . ARG A 1 128 ? 12.62333  16.46249  9.19434   1.000 34.89187  ?  104 ARG A NE  1 
ATOM   867  C CZ  . ARG A 1 128 ? 12.52705  16.56744  10.51263  1.000 38.04804  ?  104 ARG A CZ  1 
ATOM   868  N NH1 . ARG A 1 128 ? 11.45601  17.12887  11.04673  1.000 40.53669  ?  104 ARG A NH1 1 
ATOM   869  N NH2 . ARG A 1 128 ? 13.49938  16.10578  11.29296  1.000 52.06264  ?  104 ARG A NH2 1 
ATOM   870  N N   . LYS A 1 129 ? 6.96105   15.94914  7.25595   1.000 20.99558  ?  105 LYS A N   1 
ATOM   871  C CA  . LYS A 1 129 ? 5.94451   15.82742  8.29590   1.000 20.79504  ?  105 LYS A CA  1 
ATOM   872  C C   . LYS A 1 129 ? 5.18988   14.50093  8.15908   1.000 21.80614  ?  105 LYS A C   1 
ATOM   873  O O   . LYS A 1 129 ? 4.94764   13.81410  9.15971   1.000 23.38198  ?  105 LYS A O   1 
ATOM   874  C CB  . LYS A 1 129 ? 4.97815   17.00940  8.20779   1.000 23.92214  ?  105 LYS A CB  1 
ATOM   875  C CG  . LYS A 1 129 ? 3.84718   17.00048  9.22016   1.000 24.76541  ?  105 LYS A CG  1 
ATOM   876  C CD  . LYS A 1 129 ? 2.87030   18.14845  8.95489   1.000 28.08498  ?  105 LYS A CD  1 
ATOM   877  C CE  . LYS A 1 129 ? 1.70264   18.13379  9.91967   1.000 38.67550  ?  105 LYS A CE  1 
ATOM   878  N NZ  . LYS A 1 129 ? 0.87932   19.36661  9.75418   1.000 37.39791  ?  105 LYS A NZ  1 
ATOM   879  N N   . GLY A 1 130 ? 4.82987   14.12119  6.92570   1.000 20.39971  ?  106 GLY A N   1 
ATOM   880  C CA  . GLY A 1 130 ? 4.14056   12.84208  6.72562   1.000 20.40438  ?  106 GLY A CA  1 
ATOM   881  C C   . GLY A 1 130 ? 5.00790   11.65371  7.09581   1.000 24.16444  ?  106 GLY A C   1 
ATOM   882  O O   . GLY A 1 130 ? 4.54486   10.69995  7.74631   1.000 21.73435  ?  106 GLY A O   1 
ATOM   883  N N   . LEU A 1 131 ? 6.28994   11.70097  6.71562   1.000 20.48810  ?  107 LEU A N   1 
ATOM   884  C CA  . LEU A 1 131 ? 7.19967   10.60424  7.02202   1.000 20.32986  ?  107 LEU A CA  1 
ATOM   885  C C   . LEU A 1 131 ? 7.35279   10.43312  8.52919   1.000 22.67659  ?  107 LEU A C   1 
ATOM   886  O O   . LEU A 1 131 ? 7.30786   9.30894   9.05910   1.000 23.44008  ?  107 LEU A O   1 
ATOM   887  C CB  . LEU A 1 131 ? 8.54504   10.86842  6.34693   1.000 23.87839  ?  107 LEU A CB  1 
ATOM   888  C CG  . LEU A 1 131 ? 9.53445   9.70922   6.32465   1.000 28.97524  ?  107 LEU A CG  1 
ATOM   889  C CD1 . LEU A 1 131 ? 8.97354   8.53905   5.52777   1.000 33.54052  ?  107 LEU A CD1 1 
ATOM   890  C CD2 . LEU A 1 131 ? 10.87452  10.17761  5.75826   1.000 35.11266  ?  107 LEU A CD2 1 
ATOM   891  N N   . LYS A 1 132 ? 7.56301   11.54359  9.24245   1.000 23.27691  ?  108 LYS A N   1 
ATOM   892  C CA  . LYS A 1 132 ? 7.64850   11.46825  10.69452  1.000 22.76798  ?  108 LYS A CA  1 
ATOM   893  C C   . LYS A 1 132 ? 6.35671   10.94009  11.29951  1.000 25.70610  ?  108 LYS A C   1 
ATOM   894  O O   . LYS A 1 132 ? 6.39104   10.19115  12.28329  1.000 27.24547  ?  108 LYS A O   1 
ATOM   895  C CB  . LYS A 1 132 ? 7.99707   12.84512  11.28522  1.000 28.03739  ?  108 LYS A CB  1 
ATOM   896  C CG  . LYS A 1 132 ? 9.38803   13.35488  10.91346  1.000 36.67923  ?  108 LYS A CG  1 
ATOM   897  C CD  . LYS A 1 132 ? 10.49048  12.39546  11.34551  1.000 34.38040  ?  108 LYS A CD  1 
ATOM   898  C CE  . LYS A 1 132 ? 11.58490  13.11689  12.12261  1.000 52.50989  ?  108 LYS A CE  1 
ATOM   899  N NZ  . LYS A 1 132 ? 11.78467  12.52215  13.47791  1.000 61.09640  ?  108 LYS A NZ  1 
ATOM   900  N N   . ALA A 1 133 ? 5.20639   11.29901  10.71324  1.000 24.12205  ?  109 ALA A N   1 
ATOM   901  C CA  . ALA A 1 133 ? 3.92929   10.83857  11.25377  1.000 22.88084  ?  109 ALA A CA  1 
ATOM   902  C C   . ALA A 1 133 ? 3.74417   9.33546   11.08843  1.000 24.49469  ?  109 ALA A C   1 
ATOM   903  O O   . ALA A 1 133 ? 3.06620   8.70976   11.91643  1.000 25.71489  ?  109 ALA A O   1 
ATOM   904  C CB  . ALA A 1 133 ? 2.76871   11.54885  10.56330  1.000 24.66913  ?  109 ALA A CB  1 
ATOM   905  N N   . VAL A 1 134 ? 4.30825   8.75591   10.02542  1.000 21.05305  ?  110 VAL A N   1 
ATOM   906  C CA  . VAL A 1 134 ? 4.06860   7.34311   9.70189   1.000 21.59447  ?  110 VAL A CA  1 
ATOM   907  C C   . VAL A 1 134 ? 5.20749   6.38838   10.10322  1.000 25.38031  ?  110 VAL A C   1 
ATOM   908  O O   . VAL A 1 134 ? 5.01791   5.15999   10.02251  1.000 24.03089  ?  110 VAL A O   1 
ATOM   909  C CB  . VAL A 1 134 ? 3.70066   7.18781   8.20423   1.000 20.88471  ?  110 VAL A CB  1 
ATOM   910  C CG1 . VAL A 1 134 ? 4.92941   7.16417   7.34111   1.000 22.63943  ?  110 VAL A CG1 1 
ATOM   911  C CG2 . VAL A 1 134 ? 2.82587   5.91555   7.94969   1.000 23.54636  ?  110 VAL A CG2 1 
ATOM   912  N N   A GLU A 1 135 ? 6.37736   6.89885   10.51073  0.440 23.79406  ?  111 GLU A N   1 
ATOM   913  N N   B GLU A 1 135 ? 6.37491   6.90152   10.51283  0.560 23.74190  ?  111 GLU A N   1 
ATOM   914  C CA  A GLU A 1 135 ? 7.53257   6.01182   10.68593  0.440 25.73339  ?  111 GLU A CA  1 
ATOM   915  C CA  B GLU A 1 135 ? 7.53755   6.02619   10.69253  0.560 25.67867  ?  111 GLU A CA  1 
ATOM   916  C C   A GLU A 1 135 ? 7.29340   4.92522   11.74092  0.440 24.63516  ?  111 GLU A C   1 
ATOM   917  C C   B GLU A 1 135 ? 7.30253   4.93299   11.74311  0.560 24.58087  ?  111 GLU A C   1 
ATOM   918  O O   A GLU A 1 135 ? 7.65267   3.75280   11.52899  0.440 25.11916  ?  111 GLU A O   1 
ATOM   919  O O   B GLU A 1 135 ? 7.67095   3.76277   11.52839  0.560 25.06341  ?  111 GLU A O   1 
ATOM   920  C CB  A GLU A 1 135 ? 8.80559   6.81838   10.97262  0.440 30.09580  ?  111 GLU A CB  1 
ATOM   921  C CB  B GLU A 1 135 ? 8.78803   6.86014   10.99824  0.560 30.07870  ?  111 GLU A CB  1 
ATOM   922  C CG  A GLU A 1 135 ? 8.75771   7.68894   12.21706  0.440 30.73324  ?  111 GLU A CG  1 
ATOM   923  C CG  B GLU A 1 135 ? 9.62188   7.19089   9.75941   0.560 30.96855  ?  111 GLU A CG  1 
ATOM   924  C CD  A GLU A 1 135 ? 10.11531  8.29456   12.56580  0.440 30.90516  ?  111 GLU A CD  1 
ATOM   925  C CD  B GLU A 1 135 ? 10.80809  8.10227   10.05676  0.560 34.90817  ?  111 GLU A CD  1 
ATOM   926  O OE1 A GLU A 1 135 ? 11.05301  7.53196   12.87713  0.440 39.21682  ?  111 GLU A OE1 1 
ATOM   927  O OE1 B GLU A 1 135 ? 10.86679  8.66215   11.16921  0.560 30.31263  ?  111 GLU A OE1 1 
ATOM   928  O OE2 A GLU A 1 135 ? 10.24155  9.53372   12.52602  0.440 34.83138  -1 111 GLU A OE2 1 
ATOM   929  O OE2 B GLU A 1 135 ? 11.67647  8.25910   9.17119   0.560 38.49820  -1 111 GLU A OE2 1 
ATOM   930  N N   . HIS A 1 136 ? 6.69826   5.28464   12.88353  1.000 24.19087  ?  112 HIS A N   1 
ATOM   931  C CA  . HIS A 1 136 ? 6.45688   4.27007   13.91507  1.000 26.29403  ?  112 HIS A CA  1 
ATOM   932  C C   . HIS A 1 136 ? 5.47150   3.21583   13.42506  1.000 22.82423  ?  112 HIS A C   1 
ATOM   933  O O   . HIS A 1 136 ? 5.67701   2.00691   13.62716  1.000 22.76470  ?  112 HIS A O   1 
ATOM   934  C CB  . HIS A 1 136 ? 5.95249   4.89842   15.21360  1.000 28.02552  ?  112 HIS A CB  1 
ATOM   935  C CG  . HIS A 1 136 ? 5.78745   3.90287   16.32272  1.000 30.96676  ?  112 HIS A CG  1 
ATOM   936  N ND1 . HIS A 1 136 ? 4.58681   3.68898   16.96575  1.000 41.94670  ?  112 HIS A ND1 1 
ATOM   937  C CD2 . HIS A 1 136 ? 6.66463   3.02331   16.86335  1.000 34.34057  ?  112 HIS A CD2 1 
ATOM   938  C CE1 . HIS A 1 136 ? 4.73919   2.74062   17.87461  1.000 36.43868  ?  112 HIS A CE1 1 
ATOM   939  N NE2 . HIS A 1 136 ? 5.99009   2.31895   17.83022  1.000 36.66541  ?  112 HIS A NE2 1 
ATOM   940  N N   . LEU A 1 137 ? 4.40638   3.65601   12.77418  1.000 22.01404  ?  113 LEU A N   1 
ATOM   941  C CA  . LEU A 1 137 ? 3.44281   2.70350   12.23674  1.000 20.84397  ?  113 LEU A CA  1 
ATOM   942  C C   . LEU A 1 137 ? 4.10261   1.76912   11.23227  1.000 21.37357  ?  113 LEU A C   1 
ATOM   943  O O   . LEU A 1 137 ? 3.77177   0.57944   11.17350  1.000 19.99550  ?  113 LEU A O   1 
ATOM   944  C CB  . LEU A 1 137 ? 2.29275   3.47912   11.59721  1.000 23.53900  ?  113 LEU A CB  1 
ATOM   945  C CG  . LEU A 1 137 ? 1.01067   2.72137   11.27151  1.000 25.39286  ?  113 LEU A CG  1 
ATOM   946  C CD1 . LEU A 1 137 ? 0.47547   2.02396   12.51984  1.000 23.35821  ?  113 LEU A CD1 1 
ATOM   947  C CD2 . LEU A 1 137 ? -0.02722  3.70093   10.70032  1.000 22.44294  ?  113 LEU A CD2 1 
ATOM   948  N N   . MET A 1 138 ? 5.05252   2.27158   10.44004  1.000 20.61081  ?  114 MET A N   1 
ATOM   949  C CA  . MET A 1 138 ? 5.75723   1.39354   9.50706   1.000 20.69883  ?  114 MET A CA  1 
ATOM   950  C C   . MET A 1 138 ? 6.56269   0.32441   10.23912  1.000 20.33831  ?  114 MET A C   1 
ATOM   951  O O   . MET A 1 138 ? 6.63021   -0.83275  9.79377   1.000 22.22421  ?  114 MET A O   1 
ATOM   952  C CB  . MET A 1 138 ? 6.64392   2.18826   8.54881   1.000 25.10199  ?  114 MET A CB  1 
ATOM   953  C CG  . MET A 1 138 ? 5.84743   2.90888   7.47748   1.000 25.50702  ?  114 MET A CG  1 
ATOM   954  S SD  . MET A 1 138 ? 6.88620   3.95822   6.43805   1.000 33.30804  ?  114 MET A SD  1 
ATOM   955  C CE  . MET A 1 138 ? 8.10845   2.76010   5.97899   1.000 35.55218  ?  114 MET A CE  1 
ATOM   956  N N   A GLU A 1 139 ? 7.19759   0.69989   11.35750  0.470 21.78467  ?  115 GLU A N   1 
ATOM   957  N N   B GLU A 1 139 ? 7.19577   0.68412   11.36250  0.530 21.75572  ?  115 GLU A N   1 
ATOM   958  C CA  A GLU A 1 139 ? 7.89497   -0.30329  12.16689  0.470 22.91131  ?  115 GLU A CA  1 
ATOM   959  C CA  B GLU A 1 139 ? 7.89893   -0.36172  12.11233  0.530 22.81035  ?  115 GLU A CA  1 
ATOM   960  C C   A GLU A 1 139 ? 6.93088   -1.38082  12.66105  0.470 23.76678  ?  115 GLU A C   1 
ATOM   961  C C   B GLU A 1 139 ? 6.92410   -1.40542  12.65894  0.530 23.77830  ?  115 GLU A C   1 
ATOM   962  O O   A GLU A 1 139 ? 7.23559   -2.58594  12.60960  0.470 22.15357  ?  115 GLU A O   1 
ATOM   963  O O   B GLU A 1 139 ? 7.21584   -2.61386  12.64765  0.530 22.10506  ?  115 GLU A O   1 
ATOM   964  C CB  A GLU A 1 139 ? 8.60346   0.37818   13.34051  0.470 26.41980  ?  115 GLU A CB  1 
ATOM   965  C CB  B GLU A 1 139 ? 8.76184   0.22560   13.22722  0.530 26.63113  ?  115 GLU A CB  1 
ATOM   966  C CG  A GLU A 1 139 ? 9.78101   1.24470   12.90270  0.470 24.97770  ?  115 GLU A CG  1 
ATOM   967  C CG  B GLU A 1 139 ? 9.60537   -0.82889  13.93926  0.530 29.39082  ?  115 GLU A CG  1 
ATOM   968  C CD  A GLU A 1 139 ? 10.28660  2.18300   13.98721  0.470 36.67079  ?  115 GLU A CD  1 
ATOM   969  C CD  B GLU A 1 139 ? 10.28061  -1.79281  12.96800  0.530 35.28573  ?  115 GLU A CD  1 
ATOM   970  O OE1 A GLU A 1 139 ? 11.31515  2.85368   13.75147  0.470 37.18752  ?  115 GLU A OE1 1 
ATOM   971  O OE1 B GLU A 1 139 ? 11.01680  -1.31803  12.07318  0.530 34.24414  ?  115 GLU A OE1 1 
ATOM   972  O OE2 A GLU A 1 139 ? 9.66151   2.25918   15.06682  0.470 39.98422  -1 115 GLU A OE2 1 
ATOM   973  O OE2 B GLU A 1 139 ? 10.06691  -3.02415  13.09137  0.530 36.18799  -1 115 GLU A OE2 1 
ATOM   974  N N   . LEU A 1 140 ? 5.75782   -0.95971  13.13520  1.000 20.24396  ?  116 LEU A N   1 
ATOM   975  C CA  . LEU A 1 140 ? 4.74891   -1.91753  13.59514  1.000 18.98677  ?  116 LEU A CA  1 
ATOM   976  C C   . LEU A 1 140 ? 4.27911   -2.80289  12.44527  1.000 20.58777  ?  116 LEU A C   1 
ATOM   977  O O   . LEU A 1 140 ? 4.03834   -4.00502  12.62994  1.000 20.74652  ?  116 LEU A O   1 
ATOM   978  C CB  . LEU A 1 140 ? 3.56452   -1.18557  14.22325  1.000 20.23446  ?  116 LEU A CB  1 
ATOM   979  C CG  . LEU A 1 140 ? 3.88511   -0.40092  15.50691  1.000 22.00820  ?  116 LEU A CG  1 
ATOM   980  C CD1 . LEU A 1 140 ? 2.69567   0.39935   16.00761  1.000 23.22753  ?  116 LEU A CD1 1 
ATOM   981  C CD2 . LEU A 1 140 ? 4.40621   -1.35430  16.57759  1.000 26.38316  ?  116 LEU A CD2 1 
ATOM   982  N N   . ALA A 1 141 ? 4.14417   -2.22639  11.24742  1.000 18.10592  ?  117 ALA A N   1 
ATOM   983  C CA  . ALA A 1 141 ? 3.73957   -3.00583  10.07579  1.000 17.57351  ?  117 ALA A CA  1 
ATOM   984  C C   . ALA A 1 141 ? 4.77933   -4.06433  9.73795   1.000 19.62666  ?  117 ALA A C   1 
ATOM   985  O O   . ALA A 1 141 ? 4.42793   -5.19884  9.38725   1.000 18.99202  ?  117 ALA A O   1 
ATOM   986  C CB  . ALA A 1 141 ? 3.53076   -2.07140  8.87999   1.000 19.60977  ?  117 ALA A CB  1 
ATOM   987  N N   A ARG A 1 142 ? 6.07113   -3.70935  9.83123   0.550 19.02495  ?  118 ARG A N   1 
ATOM   988  N N   B ARG A 1 142 ? 6.07073   -3.71374  9.82941   0.450 19.07553  ?  118 ARG A N   1 
ATOM   989  C CA  A ARG A 1 142 ? 7.13092   -4.67884  9.56250   0.550 21.11023  ?  118 ARG A CA  1 
ATOM   990  C CA  B ARG A 1 142 ? 7.11645   -4.69394  9.54248   0.450 21.02544  ?  118 ARG A CA  1 
ATOM   991  C C   A ARG A 1 142 ? 7.09285   -5.81377  10.57396  0.550 20.23500  ?  118 ARG A C   1 
ATOM   992  C C   B ARG A 1 142 ? 7.11039   -5.81654  10.57468  0.450 20.24743  ?  118 ARG A C   1 
ATOM   993  O O   A ARG A 1 142 ? 7.26648   -6.98867  10.21373  0.550 20.36275  ?  118 ARG A O   1 
ATOM   994  O O   B ARG A 1 142 ? 7.30089   -6.99129  10.22414  0.450 20.41027  ?  118 ARG A O   1 
ATOM   995  C CB  A ARG A 1 142 ? 8.49971   -3.99402  9.64105   0.550 24.39441  ?  118 ARG A CB  1 
ATOM   996  C CB  B ARG A 1 142 ? 8.49149   -4.01383  9.49224   0.450 24.50684  ?  118 ARG A CB  1 
ATOM   997  C CG  A ARG A 1 142 ? 8.77315   -2.97321  8.56479   0.550 24.60570  ?  118 ARG A CG  1 
ATOM   998  C CG  B ARG A 1 142 ? 8.79234   -3.28680  8.18667   0.450 24.90023  ?  118 ARG A CG  1 
ATOM   999  C CD  A ARG A 1 142 ? 10.20004  -2.44404  8.69453   0.550 32.62959  ?  118 ARG A CD  1 
ATOM   1000 C CD  B ARG A 1 142 ? 10.24155  -2.78259  8.14924   0.450 35.13012  ?  118 ARG A CD  1 
ATOM   1001 N NE  A ARG A 1 142 ? 10.44430  -1.30152  7.81958   0.550 36.62339  ?  118 ARG A NE  1 
ATOM   1002 N NE  B ARG A 1 142 ? 10.33076  -1.32327  8.18653   0.450 36.92223  ?  118 ARG A NE  1 
ATOM   1003 C CZ  A ARG A 1 142 ? 10.44577  -0.03497  8.22705   0.550 29.54742  ?  118 ARG A CZ  1 
ATOM   1004 C CZ  B ARG A 1 142 ? 10.59538  -0.55935  7.12975   0.450 38.18406  ?  118 ARG A CZ  1 
ATOM   1005 N NH1 A ARG A 1 142 ? 10.67682  0.93899   7.35670   0.550 42.51926  ?  118 ARG A NH1 1 
ATOM   1006 N NH1 B ARG A 1 142 ? 10.65508  0.75895   7.26076   0.450 42.06436  ?  118 ARG A NH1 1 
ATOM   1007 N NH2 A ARG A 1 142 ? 10.22501  0.25851   9.50278   0.550 33.00764  ?  118 ARG A NH2 1 
ATOM   1008 N NH2 B ARG A 1 142 ? 10.80409  -1.11128  5.94221   0.450 37.39072  ?  118 ARG A NH2 1 
ATOM   1009 N N   . GLU A 1 143 ? 6.86219   -5.47959  11.84552  1.000 21.14245  ?  119 GLU A N   1 
ATOM   1010 C CA  . GLU A 1 143 ? 6.76923   -6.52265  12.87075  1.000 22.49671  ?  119 GLU A CA  1 
ATOM   1011 C C   . GLU A 1 143 ? 5.58128   -7.45526  12.62075  1.000 22.23919  ?  119 GLU A C   1 
ATOM   1012 O O   . GLU A 1 143 ? 5.70742   -8.68878  12.73044  1.000 23.25755  ?  119 GLU A O   1 
ATOM   1013 C CB  . GLU A 1 143 ? 6.68851   -5.89353  14.25704  1.000 26.28312  ?  119 GLU A CB  1 
ATOM   1014 C CG  . GLU A 1 143 ? 6.45732   -6.89126  15.38898  1.000 39.74462  ?  119 GLU A CG  1 
ATOM   1015 C CD  . GLU A 1 143 ? 7.48942   -8.02013  15.43338  1.000 51.70350  ?  119 GLU A CD  1 
ATOM   1016 O OE1 . GLU A 1 143 ? 8.63778   -7.82312  14.97506  1.000 48.66155  ?  119 GLU A OE1 1 
ATOM   1017 O OE2 . GLU A 1 143 ? 7.14607   -9.11188  15.94230  1.000 59.88491  -1 119 GLU A OE2 1 
ATOM   1018 N N   . HIS A 1 144 ? 4.42104   -6.88804  12.26603  1.000 20.64109  ?  120 HIS A N   1 
ATOM   1019 C CA  . HIS A 1 144 ? 3.25417   -7.71594  11.97087  1.000 20.37290  ?  120 HIS A CA  1 
ATOM   1020 C C   . HIS A 1 144 ? 3.52391   -8.62980  10.78068  1.000 20.76422  ?  120 HIS A C   1 
ATOM   1021 O O   . HIS A 1 144 ? 3.18739   -9.82528  10.80883  1.000 20.71671  ?  120 HIS A O   1 
ATOM   1022 C CB  . HIS A 1 144 ? 2.05200   -6.81157  11.68580  1.000 18.70071  ?  120 HIS A CB  1 
ATOM   1023 C CG  . HIS A 1 144 ? 0.84179   -7.54795  11.20064  1.000 20.76593  ?  120 HIS A CG  1 
ATOM   1024 N ND1 . HIS A 1 144 ? 0.27279   -7.29842  9.97192   1.000 20.89366  ?  120 HIS A ND1 1 
ATOM   1025 C CD2 . HIS A 1 144 ? 0.09077   -8.52178  11.77523  1.000 23.19713  ?  120 HIS A CD2 1 
ATOM   1026 C CE1 . HIS A 1 144 ? -0.77568  -8.09164  9.80367   1.000 21.55881  ?  120 HIS A CE1 1 
ATOM   1027 N NE2 . HIS A 1 144 ? -0.90659  -8.84504  10.88369  1.000 21.96157  ?  120 HIS A NE2 1 
ATOM   1028 N N   . GLU A 1 145 ? 4.13841   -8.09351  9.72344   1.000 19.20570  ?  121 GLU A N   1 
ATOM   1029 C CA  . GLU A 1 145 ? 4.48086   -8.90979  8.57046   1.000 18.76448  ?  121 GLU A CA  1 
ATOM   1030 C C   . GLU A 1 145 ? 5.43251   -10.04033 8.95570   1.000 20.25435  ?  121 GLU A C   1 
ATOM   1031 O O   . GLU A 1 145 ? 5.28469   -11.17746 8.47759   1.000 20.57755  ?  121 GLU A O   1 
ATOM   1032 C CB  . GLU A 1 145 ? 5.11125   -8.01738  7.50744   1.000 20.86097  ?  121 GLU A CB  1 
ATOM   1033 C CG  . GLU A 1 145 ? 5.56665   -8.77514  6.28899   1.000 22.88471  ?  121 GLU A CG  1 
ATOM   1034 C CD  . GLU A 1 145 ? 6.38467   -7.92254  5.35411   1.000 27.00014  ?  121 GLU A CD  1 
ATOM   1035 O OE1 . GLU A 1 145 ? 7.10449   -7.00215  5.82736   1.000 32.09690  ?  121 GLU A OE1 1 
ATOM   1036 O OE2 . GLU A 1 145 ? 6.32468   -8.16854  4.14563   1.000 25.45844  -1 121 GLU A OE2 1 
ATOM   1037 N N   A ARG A 1 146 ? 6.41817   -9.74260  9.80988   0.530 20.90837  ?  122 ARG A N   1 
ATOM   1038 N N   B ARG A 1 146 ? 6.41970   -9.74038  9.80898   0.470 20.94054  ?  122 ARG A N   1 
ATOM   1039 C CA  A ARG A 1 146 ? 7.33712   -10.78324 10.25981  0.530 24.63954  ?  122 ARG A CA  1 
ATOM   1040 C CA  B ARG A 1 146 ? 7.34219   -10.77562 10.26470  0.470 24.67821  ?  122 ARG A CA  1 
ATOM   1041 C C   A ARG A 1 146 ? 6.58060   -11.90119 10.95451  0.530 22.95763  ?  122 ARG A C   1 
ATOM   1042 C C   B ARG A 1 146 ? 6.58807   -11.89771 10.95983  0.470 22.97410  ?  122 ARG A C   1 
ATOM   1043 O O   A ARG A 1 146 ? 6.85023   -13.08520 10.71262  0.530 25.63339  ?  122 ARG A O   1 
ATOM   1044 O O   B ARG A 1 146 ? 6.86261   -13.08098 10.71913  0.470 25.63568  ?  122 ARG A O   1 
ATOM   1045 C CB  A ARG A 1 146 ? 8.38838   -10.17799 11.19340  0.530 24.94585  ?  122 ARG A CB  1 
ATOM   1046 C CB  B ARG A 1 146 ? 8.39136   -10.15591 11.19512  0.470 24.93618  ?  122 ARG A CB  1 
ATOM   1047 C CG  A ARG A 1 146 ? 9.60705   -11.05450 11.40006  0.530 31.87117  ?  122 ARG A CG  1 
ATOM   1048 C CG  B ARG A 1 146 ? 9.78184   -10.76066 11.06767  0.470 34.62723  ?  122 ARG A CG  1 
ATOM   1049 C CD  A ARG A 1 146 ? 10.38097  -10.63947 12.64719  0.530 26.78459  ?  122 ARG A CD  1 
ATOM   1050 C CD  B ARG A 1 146 ? 10.89267  -9.69887  11.10520  0.470 32.89621  ?  122 ARG A CD  1 
ATOM   1051 N NE  A ARG A 1 146 ? 9.55399   -10.74911 13.84367  0.530 27.85016  ?  122 ARG A NE  1 
ATOM   1052 N NE  B ARG A 1 146 ? 10.57799  -8.56049  11.96626  0.470 35.01576  ?  122 ARG A NE  1 
ATOM   1053 C CZ  A ARG A 1 146 ? 9.19911   -11.90015 14.40803  0.530 37.82978  ?  122 ARG A CZ  1 
ATOM   1054 C CZ  B ARG A 1 146 ? 10.72716  -7.28532  11.60878  0.470 31.44959  ?  122 ARG A CZ  1 
ATOM   1055 N NH1 A ARG A 1 146 ? 9.60589   -13.05384 13.89246  0.530 41.31053  ?  122 ARG A NH1 1 
ATOM   1056 N NH1 B ARG A 1 146 ? 10.41348  -6.31392  12.45404  0.470 24.49856  ?  122 ARG A NH1 1 
ATOM   1057 N NH2 A ARG A 1 146 ? 8.43744   -11.89765 15.49258  0.530 33.97869  ?  122 ARG A NH2 1 
ATOM   1058 N NH2 B ARG A 1 146 ? 11.18550  -6.98237  10.40219  0.470 37.54666  ?  122 ARG A NH2 1 
ATOM   1059 N N   . ARG A 1 147 ? 5.62454   -11.54675 11.81506  1.000 22.15706  ?  123 ARG A N   1 
ATOM   1060 C CA  . ARG A 1 147 ? 4.81259   -12.56511 12.48237  1.000 23.66968  ?  123 ARG A CA  1 
ATOM   1061 C C   . ARG A 1 147 ? 4.00265   -13.40227 11.48891  1.000 26.35803  ?  123 ARG A C   1 
ATOM   1062 O O   . ARG A 1 147 ? 3.91202   -14.63456 11.63262  1.000 25.17911  ?  123 ARG A O   1 
ATOM   1063 C CB  . ARG A 1 147 ? 3.89788   -11.93121 13.52686  1.000 29.04874  ?  123 ARG A CB  1 
ATOM   1064 C CG  . ARG A 1 147 ? 4.62466   -11.52236 14.80461  1.000 38.48296  ?  123 ARG A CG  1 
ATOM   1065 C CD  . ARG A 1 147 ? 3.63382   -11.03447 15.83996  1.000 47.75174  ?  123 ARG A CD  1 
ATOM   1066 N NE  . ARG A 1 147 ? 3.01966   -9.77780  15.42501  1.000 63.52172  ?  123 ARG A NE  1 
ATOM   1067 C CZ  . ARG A 1 147 ? 3.29980   -8.59715  15.96583  1.000 61.83000  ?  123 ARG A CZ  1 
ATOM   1068 N NH1 . ARG A 1 147 ? 4.17721   -8.51622  16.95882  1.000 59.93413  ?  123 ARG A NH1 1 
ATOM   1069 N NH2 . ARG A 1 147 ? 2.69496   -7.50096  15.52127  1.000 47.98983  ?  123 ARG A NH2 1 
ATOM   1070 N N   . VAL A 1 148 ? 3.38862   -12.75574 10.48550  1.000 21.30653  ?  124 VAL A N   1 
ATOM   1071 C CA  . VAL A 1 148 ? 2.59328   -13.47506 9.48919   1.000 19.54135  ?  124 VAL A CA  1 
ATOM   1072 C C   . VAL A 1 148 ? 3.45417   -14.48116 8.72982   1.000 21.65290  ?  124 VAL A C   1 
ATOM   1073 O O   . VAL A 1 148 ? 3.01490   -15.60022 8.43006   1.000 21.03627  ?  124 VAL A O   1 
ATOM   1074 C CB  . VAL A 1 148 ? 1.90533   -12.47452 8.53163   1.000 19.24130  ?  124 VAL A CB  1 
ATOM   1075 C CG1 . VAL A 1 148 ? 1.25199   -13.20162 7.33589   1.000 21.04252  ?  124 VAL A CG1 1 
ATOM   1076 C CG2 . VAL A 1 148 ? 0.88947   -11.62206 9.28529   1.000 20.61571  ?  124 VAL A CG2 1 
ATOM   1077 N N   . LEU A 1 149 ? 4.69630   -14.10787 8.41497   1.000 20.83078  ?  125 LEU A N   1 
ATOM   1078 C CA  . LEU A 1 149 ? 5.55068   -14.94016 7.57715   1.000 21.87817  ?  125 LEU A CA  1 
ATOM   1079 C C   . LEU A 1 149 ? 6.37730   -15.95855 8.35551   1.000 21.35920  ?  125 LEU A C   1 
ATOM   1080 O O   . LEU A 1 149 ? 6.82716   -16.94160 7.75433   1.000 22.78248  ?  125 LEU A O   1 
ATOM   1081 C CB  . LEU A 1 149 ? 6.46814   -14.06070 6.72520   1.000 22.53993  ?  125 LEU A CB  1 
ATOM   1082 C CG  . LEU A 1 149 ? 5.72766   -13.33010 5.59972   1.000 21.74393  ?  125 LEU A CG  1 
ATOM   1083 C CD1 . LEU A 1 149 ? 6.62565   -12.27005 4.98137   1.000 26.27469  ?  125 LEU A CD1 1 
ATOM   1084 C CD2 . LEU A 1 149 ? 5.22609   -14.30043 4.53795   1.000 23.28175  ?  125 LEU A CD2 1 
ATOM   1085 N N   . GLU A 1 150 ? 6.54618   -15.76854 9.66258   1.000 21.32855  ?  126 GLU A N   1 
ATOM   1086 C CA  . GLU A 1 150 ? 7.41491   -16.65811 10.43725  1.000 25.48797  ?  126 GLU A CA  1 
ATOM   1087 C C   . GLU A 1 150 ? 7.08473   -18.13732 10.29474  1.000 26.62209  ?  126 GLU A C   1 
ATOM   1088 O O   . GLU A 1 150 ? 8.02171   -18.93867 10.11911  1.000 26.16041  ?  126 GLU A O   1 
ATOM   1089 C CB  . GLU A 1 150 ? 7.41347   -16.21189 11.90355  1.000 25.37361  ?  126 GLU A CB  1 
ATOM   1090 C CG  . GLU A 1 150 ? 8.47580   -16.88340 12.77258  1.000 33.96459  ?  126 GLU A CG  1 
ATOM   1091 C CD  . GLU A 1 150 ? 8.44058   -16.38114 14.20797  1.000 75.20110  ?  126 GLU A CD  1 
ATOM   1092 O OE1 . GLU A 1 150 ? 7.36102   -15.93663 14.65724  1.000 76.68521  ?  126 GLU A OE1 1 
ATOM   1093 O OE2 . GLU A 1 150 ? 9.49090   -16.42326 14.88508  1.000 70.59087  -1 126 GLU A OE2 1 
ATOM   1094 N N   . PRO A 1 151 ? 5.82437   -18.57345 10.37173  1.000 22.07613  ?  127 PRO A N   1 
ATOM   1095 C CA  . PRO A 1 151 ? 5.54952   -20.02238 10.27546  1.000 25.23393  ?  127 PRO A CA  1 
ATOM   1096 C C   . PRO A 1 151 ? 5.91752   -20.62337 8.93846   1.000 28.57450  ?  127 PRO A C   1 
ATOM   1097 O O   . PRO A 1 151 ? 6.09871   -21.84699 8.84210   1.000 26.44159  ?  127 PRO A O   1 
ATOM   1098 C CB  . PRO A 1 151 ? 4.03646   -20.12701 10.51283  1.000 29.23176  ?  127 PRO A CB  1 
ATOM   1099 C CG  . PRO A 1 151 ? 3.61939   -18.81525 11.06613  1.000 29.92540  ?  127 PRO A CG  1 
ATOM   1100 C CD  . PRO A 1 151 ? 4.59555   -17.79541 10.60777  1.000 24.12986  ?  127 PRO A CD  1 
ATOM   1101 N N   . PHE A 1 152 ? 6.02123   -19.81387 7.89205   1.000 23.21983  ?  128 PHE A N   1 
ATOM   1102 C CA  . PHE A 1 152 ? 6.32590   -20.32992 6.56562   1.000 23.10905  ?  128 PHE A CA  1 
ATOM   1103 C C   . PHE A 1 152 ? 7.81477   -20.50704 6.31584   1.000 24.99201  ?  128 PHE A C   1 
ATOM   1104 O O   . PHE A 1 152 ? 8.18775   -21.26811 5.41572   1.000 29.12903  ?  128 PHE A O   1 
ATOM   1105 C CB  . PHE A 1 152 ? 5.65421   -19.43935 5.51258   1.000 23.13005  ?  128 PHE A CB  1 
ATOM   1106 C CG  . PHE A 1 152 ? 4.16501   -19.50415 5.59725   1.000 23.22827  ?  128 PHE A CG  1 
ATOM   1107 C CD1 . PHE A 1 152 ? 3.48004   -20.55234 5.00283   1.000 23.10676  ?  128 PHE A CD1 1 
ATOM   1108 C CD2 . PHE A 1 152 ? 3.46125   -18.57912 6.35544   1.000 21.51028  ?  128 PHE A CD2 1 
ATOM   1109 C CE1 . PHE A 1 152 ? 2.11093   -20.65804 5.12529   1.000 23.91017  ?  128 PHE A CE1 1 
ATOM   1110 C CE2 . PHE A 1 152 ? 2.08392   -18.67553 6.47829   1.000 22.30705  ?  128 PHE A CE2 1 
ATOM   1111 C CZ  . PHE A 1 152 ? 1.40230   -19.70903 5.85747   1.000 21.81577  ?  128 PHE A CZ  1 
ATOM   1112 N N   . GLY A 1 153 ? 8.65608   -19.83430 7.08140   1.000 27.78978  ?  129 GLY A N   1 
ATOM   1113 C CA  . GLY A 1 153 ? 10.08156  -19.89817 6.85496   1.000 30.57258  ?  129 GLY A CA  1 
ATOM   1114 C C   . GLY A 1 153 ? 10.52310  -19.00787 5.70698   1.000 35.97142  ?  129 GLY A C   1 
ATOM   1115 O O   . GLY A 1 153 ? 9.72982   -18.55294 4.88074   1.000 29.23190  ?  129 GLY A O   1 
ATOM   1116 N N   . LEU A 1 154 ? 11.83384  -18.76943 5.65859   1.000 32.33836  ?  130 LEU A N   1 
ATOM   1117 C CA  . LEU A 1 154 ? 12.37281  -17.76737 4.74725   1.000 30.61389  ?  130 LEU A CA  1 
ATOM   1118 C C   . LEU A 1 154 ? 12.20417  -18.17646 3.28917   1.000 31.19306  ?  130 LEU A C   1 
ATOM   1119 O O   . LEU A 1 154 ? 11.86038  -17.33988 2.44435   1.000 31.67974  ?  130 LEU A O   1 
ATOM   1120 C CB  . LEU A 1 154 ? 13.84061  -17.48375 5.08982   1.000 38.62407  ?  130 LEU A CB  1 
ATOM   1121 C CG  . LEU A 1 154 ? 14.51743  -16.25494 4.46866   1.000 42.10966  ?  130 LEU A CG  1 
ATOM   1122 C CD1 . LEU A 1 154 ? 13.70892  -14.98632 4.70054   1.000 45.68354  ?  130 LEU A CD1 1 
ATOM   1123 C CD2 . LEU A 1 154 ? 15.93076  -16.09211 5.01910   1.000 49.38541  ?  130 LEU A CD2 1 
ATOM   1124 N N   . ARG A 1 155 ? 12.43437  -19.45016 2.96325   1.000 29.31519  ?  131 ARG A N   1 
ATOM   1125 C CA  . ARG A 1 155 ? 12.31575  -19.86319 1.57017   1.000 29.75739  ?  131 ARG A CA  1 
ATOM   1126 C C   . ARG A 1 155 ? 10.89203  -19.66982 1.05682   1.000 25.88527  ?  131 ARG A C   1 
ATOM   1127 O O   . ARG A 1 155 ? 10.68408  -19.09302 -0.01840  1.000 28.23115  ?  131 ARG A O   1 
ATOM   1128 C CB  . ARG A 1 155 ? 12.76318  -21.31374 1.37499   1.000 35.35027  ?  131 ARG A CB  1 
ATOM   1129 C CG  . ARG A 1 155 ? 12.69381  -21.74069 -0.09125  1.000 43.30854  ?  131 ARG A CG  1 
ATOM   1130 C CD  . ARG A 1 155 ? 12.85046  -23.24642 -0.29976  1.000 48.97894  ?  131 ARG A CD  1 
ATOM   1131 N NE  . ARG A 1 155 ? 11.82873  -24.02656 0.39469   1.000 59.38431  ?  131 ARG A NE  1 
ATOM   1132 C CZ  . ARG A 1 155 ? 10.60405  -24.25834 -0.07210  1.000 64.37360  ?  131 ARG A CZ  1 
ATOM   1133 N NH1 . ARG A 1 155 ? 10.22425  -23.76191 -1.24328  1.000 58.99817  ?  131 ARG A NH1 1 
ATOM   1134 N NH2 . ARG A 1 155 ? 9.75281   -24.98592 0.63931   1.000 64.86021  ?  131 ARG A NH2 1 
ATOM   1135 N N   . ARG A 1 156 ? 9.90377   -20.18643 1.79200   1.000 27.54501  ?  132 ARG A N   1 
ATOM   1136 C CA  . ARG A 1 156 ? 8.52638   -20.08085 1.31614   1.000 25.09345  ?  132 ARG A CA  1 
ATOM   1137 C C   . ARG A 1 156 ? 8.04636   -18.63209 1.31616   1.000 27.73163  ?  132 ARG A C   1 
ATOM   1138 O O   . ARG A 1 156 ? 7.26783   -18.23336 0.42925   1.000 24.45519  ?  132 ARG A O   1 
ATOM   1139 C CB  . ARG A 1 156 ? 7.60703   -20.96308 2.15375   1.000 24.92727  ?  132 ARG A CB  1 
ATOM   1140 C CG  . ARG A 1 156 ? 7.77690   -22.46674 1.91118   1.000 29.93023  ?  132 ARG A CG  1 
ATOM   1141 C CD  . ARG A 1 156 ? 6.77465   -23.26289 2.71906   1.000 31.72082  ?  132 ARG A CD  1 
ATOM   1142 N NE  . ARG A 1 156 ? 5.44620   -23.21452 2.11419   1.000 30.73574  ?  132 ARG A NE  1 
ATOM   1143 C CZ  . ARG A 1 156 ? 4.32607   -23.52133 2.75785   1.000 32.41472  ?  132 ARG A CZ  1 
ATOM   1144 N NH1 . ARG A 1 156 ? 4.36723   -23.89944 4.03481   1.000 31.14195  ?  132 ARG A NH1 1 
ATOM   1145 N NH2 . ARG A 1 156 ? 3.15964   -23.44230 2.12731   1.000 30.65841  ?  132 ARG A NH2 1 
ATOM   1146 N N   . ALA A 1 157 ? 8.52032   -17.82060 2.26276   1.000 23.24852  ?  133 ALA A N   1 
ATOM   1147 C CA  . ALA A 1 157 ? 8.13210   -16.41272 2.27347   1.000 22.83408  ?  133 ALA A CA  1 
ATOM   1148 C C   . ALA A 1 157 ? 8.69381   -15.66781 1.07267   1.000 27.66246  ?  133 ALA A C   1 
ATOM   1149 O O   . ALA A 1 157 ? 7.98432   -14.87482 0.42659   1.000 24.68657  ?  133 ALA A O   1 
ATOM   1150 C CB  . ALA A 1 157 ? 8.59920   -15.76324 3.57552   1.000 23.84790  ?  133 ALA A CB  1 
ATOM   1151 N N   . GLU A 1 158 ? 9.96764   -15.90228 0.75129   1.000 26.42484  ?  134 GLU A N   1 
ATOM   1152 C CA  . GLU A 1 158 ? 10.55357  -15.23958 -0.40574  1.000 26.85543  ?  134 GLU A CA  1 
ATOM   1153 C C   . GLU A 1 158 ? 9.93809   -15.73388 -1.70886  1.000 23.31470  ?  134 GLU A C   1 
ATOM   1154 O O   . GLU A 1 158 ? 9.74643   -14.94372 -2.63809  1.000 25.62869  ?  134 GLU A O   1 
ATOM   1155 C CB  . GLU A 1 158 ? 12.07936  -15.37574 -0.39370  1.000 32.23340  ?  134 GLU A CB  1 
ATOM   1156 C CG  . GLU A 1 158 ? 12.72921  -14.56115 0.72143   1.000 46.97153  ?  134 GLU A CG  1 
ATOM   1157 C CD  . GLU A 1 158 ? 12.27741  -13.09890 0.72104   1.000 62.83510  ?  134 GLU A CD  1 
ATOM   1158 O OE1 . GLU A 1 158 ? 12.32223  -12.45351 -0.35211  1.000 55.95676  ?  134 GLU A OE1 1 
ATOM   1159 O OE2 . GLU A 1 158 ? 11.87327  -12.59657 1.79581   1.000 57.84741  -1 134 GLU A OE2 1 
ATOM   1160 N N   A GLU A 1 159 ? 9.61893   -17.03052 -1.80012  0.570 23.43972  ?  135 GLU A N   1 
ATOM   1161 N N   B GLU A 1 159 ? 9.61515   -17.02757 -1.79591  0.430 23.51112  ?  135 GLU A N   1 
ATOM   1162 C CA  A GLU A 1 159 ? 8.94064   -17.53484 -2.99250  0.570 24.50946  ?  135 GLU A CA  1 
ATOM   1163 C CA  B GLU A 1 159 ? 8.94758   -17.53154 -2.99201  0.430 24.55527  ?  135 GLU A CA  1 
ATOM   1164 C C   A GLU A 1 159 ? 7.58298   -16.86536 -3.17055  0.570 24.05519  ?  135 GLU A C   1 
ATOM   1165 C C   B GLU A 1 159 ? 7.58115   -16.87781 -3.17224  0.430 24.08074  ?  135 GLU A C   1 
ATOM   1166 O O   A GLU A 1 159 ? 7.20843   -16.47570 -4.28733  0.570 23.47913  ?  135 GLU A O   1 
ATOM   1167 O O   B GLU A 1 159 ? 7.20277   -16.49999 -4.29138  0.430 23.52758  ?  135 GLU A O   1 
ATOM   1168 C CB  A GLU A 1 159 ? 8.77816   -19.05558 -2.90876  0.570 25.32142  ?  135 GLU A CB  1 
ATOM   1169 C CB  B GLU A 1 159 ? 8.82301   -19.05476 -2.92309  0.430 25.45484  ?  135 GLU A CB  1 
ATOM   1170 C CG  A GLU A 1 159 ? 7.61167   -19.62035 -3.72616  0.570 27.16522  ?  135 GLU A CG  1 
ATOM   1171 C CG  B GLU A 1 159 ? 10.15779  -19.78573 -3.05697  0.430 28.52285  ?  135 GLU A CG  1 
ATOM   1172 C CD  A GLU A 1 159 ? 7.95292   -19.85033 -5.18721  0.570 40.23858  ?  135 GLU A CD  1 
ATOM   1173 C CD  B GLU A 1 159 ? 10.00007  -21.29035 -3.16515  0.430 44.94009  ?  135 GLU A CD  1 
ATOM   1174 O OE1 A GLU A 1 159 ? 7.50118   -20.87490 -5.74315  0.570 36.69161  ?  135 GLU A OE1 1 
ATOM   1175 O OE1 B GLU A 1 159 ? 8.85012   -21.76400 -3.28250  0.430 39.32074  ?  135 GLU A OE1 1 
ATOM   1176 O OE2 A GLU A 1 159 ? 8.66350   -19.01126 -5.78084  0.570 43.04501  -1 135 GLU A OE2 1 
ATOM   1177 O OE2 B GLU A 1 159 ? 11.02972  -21.99996 -3.13033  0.430 41.97161  -1 135 GLU A OE2 1 
ATOM   1178 N N   . LEU A 1 160 ? 6.83344   -16.72239 -2.07764  1.000 22.09993  ?  136 LEU A N   1 
ATOM   1179 C CA  . LEU A 1 160 ? 5.53200   -16.06349 -2.16417  1.000 21.47934  ?  136 LEU A CA  1 
ATOM   1180 C C   . LEU A 1 160 ? 5.68289   -14.62203 -2.64145  1.000 20.42854  ?  136 LEU A C   1 
ATOM   1181 O O   . LEU A 1 160 ? 4.97820   -14.18502 -3.55702  1.000 19.94462  ?  136 LEU A O   1 
ATOM   1182 C CB  . LEU A 1 160 ? 4.84259   -16.12851 -0.79991  1.000 19.07549  ?  136 LEU A CB  1 
ATOM   1183 C CG  . LEU A 1 160 ? 3.53117   -15.31508 -0.69523  1.000 19.21075  ?  136 LEU A CG  1 
ATOM   1184 C CD1 . LEU A 1 160 ? 2.46298   -15.91066 -1.60007  1.000 20.55220  ?  136 LEU A CD1 1 
ATOM   1185 C CD2 . LEU A 1 160 ? 3.03640   -15.27080 0.74080   1.000 21.73219  ?  136 LEU A CD2 1 
ATOM   1186 N N   . LYS A 1 161 ? 6.61832   -13.87241 -2.04929  1.000 20.00124  ?  137 LYS A N   1 
ATOM   1187 C CA  . LYS A 1 161 ? 6.78803   -12.47779 -2.44539  1.000 18.95534  ?  137 LYS A CA  1 
ATOM   1188 C C   . LYS A 1 161 ? 7.24141   -12.35405 -3.89426  1.000 21.81111  ?  137 LYS A C   1 
ATOM   1189 O O   . LYS A 1 161 ? 6.80183   -11.45169 -4.61048  1.000 21.54994  ?  137 LYS A O   1 
ATOM   1190 C CB  . LYS A 1 161 ? 7.75466   -11.75537 -1.51060  1.000 22.60346  ?  137 LYS A CB  1 
ATOM   1191 C CG  . LYS A 1 161 ? 7.18730   -11.47954 -0.15086  1.000 23.73401  ?  137 LYS A CG  1 
ATOM   1192 C CD  . LYS A 1 161 ? 8.17655   -10.66509 0.66304   1.000 26.46107  ?  137 LYS A CD  1 
ATOM   1193 C CE  . LYS A 1 161 ? 7.57043   -10.25867 1.98786   1.000 27.64882  ?  137 LYS A CE  1 
ATOM   1194 N NZ  . LYS A 1 161 ? 8.45285   -9.29294  2.70021   1.000 25.57532  ?  137 LYS A NZ  1 
ATOM   1195 N N   A GLN A 1 162 ? 8.12653   -13.25235 -4.34535  0.510 21.36818  ?  138 GLN A N   1 
ATOM   1196 N N   B GLN A 1 162 ? 8.12814   -13.25357 -4.34195  0.490 21.37996  ?  138 GLN A N   1 
ATOM   1197 C CA  A GLN A 1 162 ? 8.57499   -13.20350 -5.73110  0.510 21.96197  ?  138 GLN A CA  1 
ATOM   1198 C CA  B GLN A 1 162 ? 8.58427   -13.21997 -5.72582  0.490 22.00174  ?  138 GLN A CA  1 
ATOM   1199 C C   A GLN A 1 162 ? 7.43557   -13.50767 -6.69181  0.510 19.23282  ?  138 GLN A C   1 
ATOM   1200 C C   B GLN A 1 162 ? 7.44196   -13.51080 -6.68867  0.490 19.23983  ?  138 GLN A C   1 
ATOM   1201 O O   A GLN A 1 162 ? 7.28421   -12.82892 -7.71512  0.510 21.57025  ?  138 GLN A O   1 
ATOM   1202 O O   B GLN A 1 162 ? 7.29168   -12.82245 -7.70656  0.490 21.57415  ?  138 GLN A O   1 
ATOM   1203 C CB  A GLN A 1 162 ? 9.73059   -14.18343 -5.94210  0.510 27.02246  ?  138 GLN A CB  1 
ATOM   1204 C CB  B GLN A 1 162 ? 9.72219   -14.22839 -5.91837  0.490 26.98822  ?  138 GLN A CB  1 
ATOM   1205 C CG  A GLN A 1 162 ? 10.26522  -14.20359 -7.36442  0.510 23.19778  ?  138 GLN A CG  1 
ATOM   1206 C CG  B GLN A 1 162 ? 11.09326  -13.71821 -5.49248  0.490 34.40248  ?  138 GLN A CG  1 
ATOM   1207 C CD  A GLN A 1 162 ? 11.36938  -15.22646 -7.55359  0.510 39.85589  ?  138 GLN A CD  1 
ATOM   1208 C CD  B GLN A 1 162 ? 12.08070  -14.84389 -5.22472  0.490 38.47172  ?  138 GLN A CD  1 
ATOM   1209 O OE1 A GLN A 1 162 ? 11.42372  -16.23669 -6.84969  0.510 34.07035  ?  138 GLN A OE1 1 
ATOM   1210 O OE1 B GLN A 1 162 ? 11.81551  -16.00604 -5.53556  0.490 39.67448  ?  138 GLN A OE1 1 
ATOM   1211 N NE2 A GLN A 1 162 ? 12.26539  -14.96199 -8.50068  0.510 45.70526  ?  138 GLN A NE2 1 
ATOM   1212 N NE2 B GLN A 1 162 ? 13.22265  -14.50284 -4.63315  0.490 36.44803  ?  138 GLN A NE2 1 
ATOM   1213 N N   . THR A 1 163 ? 6.63223   -14.53441 -6.39370  1.000 20.42447  ?  139 THR A N   1 
ATOM   1214 C CA  . THR A 1 163 ? 5.50065   -14.84824 -7.26320  1.000 19.14722  ?  139 THR A CA  1 
ATOM   1215 C C   . THR A 1 163 ? 4.51416   -13.68514 -7.33704  1.000 17.28385  ?  139 THR A C   1 
ATOM   1216 O O   . THR A 1 163 ? 4.05144   -13.32819 -8.42777  1.000 18.29719  ?  139 THR A O   1 
ATOM   1217 C CB  . THR A 1 163 ? 4.81773   -16.12911 -6.79738  1.000 20.22963  ?  139 THR A CB  1 
ATOM   1218 O OG1 . THR A 1 163 ? 5.76494   -17.22298 -6.89473  1.000 21.14747  ?  139 THR A OG1 1 
ATOM   1219 C CG2 . THR A 1 163 ? 3.62851   -16.42510 -7.65222  1.000 21.60740  ?  139 THR A CG2 1 
ATOM   1220 N N   . LEU A 1 164 ? 4.20230   -13.07387 -6.18484  1.000 17.73084  ?  140 LEU A N   1 
ATOM   1221 C CA  . LEU A 1 164 ? 3.27032   -11.94383 -6.18709  1.000 16.18134  ?  140 LEU A CA  1 
ATOM   1222 C C   . LEU A 1 164 ? 3.81751   -10.76691 -6.98578  1.000 17.24542  ?  140 LEU A C   1 
ATOM   1223 O O   . LEU A 1 164 ? 3.09210   -10.15497 -7.77748  1.000 17.37411  ?  140 LEU A O   1 
ATOM   1224 C CB  . LEU A 1 164 ? 2.95146   -11.52356 -4.75211  1.000 16.91148  ?  140 LEU A CB  1 
ATOM   1225 C CG  . LEU A 1 164 ? 2.15780   -12.56702 -3.94523  1.000 16.15006  ?  140 LEU A CG  1 
ATOM   1226 C CD1 . LEU A 1 164 ? 2.06488   -12.10161 -2.48402  1.000 18.24255  ?  140 LEU A CD1 1 
ATOM   1227 C CD2 . LEU A 1 164 ? 0.75418   -12.80728 -4.50491  1.000 18.65205  ?  140 LEU A CD2 1 
ATOM   1228 N N   . ARG A 1 165 ? 5.10091   -10.43865 -6.79740  1.000 18.09899  ?  141 ARG A N   1 
ATOM   1229 C CA  . ARG A 1 165 ? 5.70345   -9.36006  -7.57799  1.000 17.81518  ?  141 ARG A CA  1 
ATOM   1230 C C   . ARG A 1 165 ? 5.65117   -9.65090  -9.07516  1.000 17.97059  ?  141 ARG A C   1 
ATOM   1231 O O   . ARG A 1 165 ? 5.32739   -8.76798  -9.88377  1.000 19.33791  ?  141 ARG A O   1 
ATOM   1232 C CB  . ARG A 1 165 ? 7.14485   -9.13614  -7.10879  1.000 20.84649  ?  141 ARG A CB  1 
ATOM   1233 C CG  . ARG A 1 165 ? 7.98437   -8.21165  -7.98661  1.000 28.06786  ?  141 ARG A CG  1 
ATOM   1234 C CD  . ARG A 1 165 ? 7.31024   -6.87839  -8.26502  1.000 29.24275  ?  141 ARG A CD  1 
ATOM   1235 N NE  . ARG A 1 165 ? 7.05773   -6.12681  -7.03943  1.000 26.78734  ?  141 ARG A NE  1 
ATOM   1236 C CZ  . ARG A 1 165 ? 6.17343   -5.13653  -6.95472  1.000 27.61967  ?  141 ARG A CZ  1 
ATOM   1237 N NH1 . ARG A 1 165 ? 5.45364   -4.79266  -8.01251  1.000 26.50546  ?  141 ARG A NH1 1 
ATOM   1238 N NH2 . ARG A 1 165 ? 6.00810   -4.49688  -5.80901  1.000 26.40927  ?  141 ARG A NH2 1 
ATOM   1239 N N   A GLN A 1 166 ? 5.94726   -10.89550 -9.46993  0.350 18.89355  ?  142 GLN A N   1 
ATOM   1240 N N   B GLN A 1 166 ? 5.94974   -10.88786 -9.47417  0.650 18.89943  ?  142 GLN A N   1 
ATOM   1241 C CA  A GLN A 1 166 ? 5.88652   -11.25070 -10.88642 0.350 21.03437  ?  142 GLN A CA  1 
ATOM   1242 C CA  B GLN A 1 166 ? 5.91866   -11.19479 -10.90050 0.650 21.04871  ?  142 GLN A CA  1 
ATOM   1243 C C   A GLN A 1 166 ? 4.47267   -11.10322 -11.43370 0.350 18.96571  ?  142 GLN A C   1 
ATOM   1244 C C   B GLN A 1 166 ? 4.49841   -11.12021 -11.45014 0.650 18.84112  ?  142 GLN A C   1 
ATOM   1245 O O   A GLN A 1 166 ? 4.27190   -10.58977 -12.54346 0.350 19.82562  ?  142 GLN A O   1 
ATOM   1246 O O   B GLN A 1 166 ? 4.27461   -10.65704 -12.57745 0.650 19.70546  ?  142 GLN A O   1 
ATOM   1247 C CB  A GLN A 1 166 ? 6.38766   -12.68052 -11.09227 0.350 21.73567  ?  142 GLN A CB  1 
ATOM   1248 C CB  B GLN A 1 166 ? 6.55211   -12.56055 -11.14998 0.650 22.09024  ?  142 GLN A CB  1 
ATOM   1249 C CG  A GLN A 1 166 ? 7.88709   -12.84260 -10.89934 0.350 22.86485  ?  142 GLN A CG  1 
ATOM   1250 C CG  B GLN A 1 166 ? 8.06666   -12.55448 -10.91581 0.650 20.97256  ?  142 GLN A CG  1 
ATOM   1251 C CD  A GLN A 1 166 ? 8.36389   -14.24932 -11.20490 0.350 20.43233  ?  142 GLN A CD  1 
ATOM   1252 C CD  B GLN A 1 166 ? 8.65049   -13.95529 -10.76760 0.650 23.11131  ?  142 GLN A CD  1 
ATOM   1253 O OE1 A GLN A 1 166 ? 8.33746   -15.13058 -10.34148 0.350 20.21815  ?  142 GLN A OE1 1 
ATOM   1254 O OE1 B GLN A 1 166 ? 7.98759   -14.95675 -11.05319 0.650 25.91586  ?  142 GLN A OE1 1 
ATOM   1255 N NE2 A GLN A 1 166 ? 8.79968   -14.47002 -12.44107 0.350 23.46180  ?  142 GLN A NE2 1 
ATOM   1256 N NE2 B GLN A 1 166 ? 9.90492   -14.02654 -10.32216 0.650 28.43531  ?  142 GLN A NE2 1 
ATOM   1257 N N   A MET A 1 167 ? 3.47493   -11.55289 -10.66593 0.350 18.46654  ?  143 MET A N   1 
ATOM   1258 N N   B MET A 1 167 ? 3.51309   -11.53988 -10.65137 0.650 18.39649  ?  143 MET A N   1 
ATOM   1259 C CA  A MET A 1 167 ? 2.09058   -11.42282 -11.11260 0.350 20.28178  ?  143 MET A CA  1 
ATOM   1260 C CA  B MET A 1 167 ? 2.12464   -11.42632 -11.09349 0.650 20.33316  ?  143 MET A CA  1 
ATOM   1261 C C   A MET A 1 167 ? 1.69363   -9.95799  -11.26585 0.350 16.56361  ?  143 MET A C   1 
ATOM   1262 C C   B MET A 1 167 ? 1.71281   -9.96395  -11.26517 0.650 16.43029  ?  143 MET A C   1 
ATOM   1263 O O   A MET A 1 167 ? 1.05133   -9.57866  -12.25446 0.350 18.14801  ?  143 MET A O   1 
ATOM   1264 O O   B MET A 1 167 ? 1.07022   -9.59505  -12.25341 0.650 18.07166  ?  143 MET A O   1 
ATOM   1265 C CB  A MET A 1 167 ? 1.15756   -12.13345 -10.13091 0.350 22.09784  ?  143 MET A CB  1 
ATOM   1266 C CB  B MET A 1 167 ? 1.21249   -12.12186 -10.08450 0.650 22.09018  ?  143 MET A CB  1 
ATOM   1267 C CG  A MET A 1 167 ? 1.46219   -13.60466 -9.96595  0.350 20.76102  ?  143 MET A CG  1 
ATOM   1268 C CG  B MET A 1 167 ? 1.12687   -13.60532 -10.28411 0.650 23.65879  ?  143 MET A CG  1 
ATOM   1269 S SD  A MET A 1 167 ? 0.24352   -14.49580 -8.99358  0.350 16.63617  ?  143 MET A SD  1 
ATOM   1270 S SD  B MET A 1 167 ? -0.31581  -14.33245 -9.48412  0.650 42.20543  ?  143 MET A SD  1 
ATOM   1271 C CE  A MET A 1 167 ? -0.25079  -13.25429 -7.82913  0.350 33.21546  ?  143 MET A CE  1 
ATOM   1272 C CE  B MET A 1 167 ? 0.02231   -16.04533 -9.84509  0.650 26.65917  ?  143 MET A CE  1 
ATOM   1273 N N   . ILE A 1 168 ? 2.07242   -9.11725  -10.29757 1.000 17.30315  ?  144 ILE A N   1 
ATOM   1274 C CA  . ILE A 1 168 ? 1.75847   -7.69753  -10.41385 1.000 17.66076  ?  144 ILE A CA  1 
ATOM   1275 C C   . ILE A 1 168 ? 2.36250   -7.13292  -11.69332 1.000 19.20300  ?  144 ILE A C   1 
ATOM   1276 O O   . ILE A 1 168 ? 1.68066   -6.47330  -12.49178 1.000 19.43961  ?  144 ILE A O   1 
ATOM   1277 C CB  . ILE A 1 168 ? 2.24265   -6.93274  -9.17074  1.000 17.81894  ?  144 ILE A CB  1 
ATOM   1278 C CG1 . ILE A 1 168 ? 1.42216   -7.33758  -7.92698  1.000 18.03188  ?  144 ILE A CG1 1 
ATOM   1279 C CG2 . ILE A 1 168 ? 2.17645   -5.42532  -9.40855  1.000 18.49265  ?  144 ILE A CG2 1 
ATOM   1280 C CD1 . ILE A 1 168 ? 2.12426   -7.03563  -6.62064  1.000 18.36423  ?  144 ILE A CD1 1 
ATOM   1281 N N   . ASP A 1 169 ? 3.64916   -7.42476  -11.92750 1.000 20.09595  ?  145 ASP A N   1 
ATOM   1282 C CA  . ASP A 1 169 ? 4.31582   -6.81137  -13.07388 1.000 23.16956  ?  145 ASP A CA  1 
ATOM   1283 C C   . ASP A 1 169 ? 3.76340   -7.33511  -14.39466 1.000 21.68399  ?  145 ASP A C   1 
ATOM   1284 O O   . ASP A 1 169 ? 3.75848   -6.60392  -15.39012 1.000 24.99080  ?  145 ASP A O   1 
ATOM   1285 C CB  . ASP A 1 169 ? 5.83219   -6.99985  -12.97642 1.000 24.84697  ?  145 ASP A CB  1 
ATOM   1286 C CG  . ASP A 1 169 ? 6.46980   -6.16439  -11.85980 1.000 33.00594  ?  145 ASP A CG  1 
ATOM   1287 O OD1 . ASP A 1 169 ? 5.77187   -5.39013  -11.15226 1.000 30.20824  ?  145 ASP A OD1 1 
ATOM   1288 O OD2 . ASP A 1 169 ? 7.69563   -6.29363  -11.67552 1.000 37.10933  -1 145 ASP A OD2 1 
ATOM   1289 N N   . LEU A 1 170 ? 3.23662   -8.55850  -14.41789 1.000 19.49823  ?  146 LEU A N   1 
ATOM   1290 C CA  . LEU A 1 170 ? 2.59177   -9.05996  -15.62521 1.000 21.61939  ?  146 LEU A CA  1 
ATOM   1291 C C   . LEU A 1 170 ? 1.18193   -8.52278  -15.84621 1.000 24.21865  ?  146 LEU A C   1 
ATOM   1292 O O   . LEU A 1 170 ? 0.71066   -8.52892  -16.99212 1.000 29.44709  ?  146 LEU A O   1 
ATOM   1293 C CB  . LEU A 1 170 ? 2.49024   -10.58370 -15.58607 1.000 23.95202  ?  146 LEU A CB  1 
ATOM   1294 C CG  . LEU A 1 170 ? 3.80256   -11.31605 -15.83693 1.000 23.94950  ?  146 LEU A CG  1 
ATOM   1295 C CD1 . LEU A 1 170 ? 3.58376   -12.80383 -15.63444 1.000 25.36441  ?  146 LEU A CD1 1 
ATOM   1296 C CD2 . LEU A 1 170 ? 4.33476   -11.00111 -17.25564 1.000 27.32796  ?  146 LEU A CD2 1 
ATOM   1297 N N   . HIS A 1 171 ? 0.47597   -8.08397  -14.79210 1.000 20.19184  ?  147 HIS A N   1 
ATOM   1298 C CA  . HIS A 1 171 ? -0.91575  -7.69187  -14.95302 1.000 22.47941  ?  147 HIS A CA  1 
ATOM   1299 C C   . HIS A 1 171 ? -1.18362  -6.20169  -14.78749 1.000 22.41812  ?  147 HIS A C   1 
ATOM   1300 O O   . HIS A 1 171 ? -2.30719  -5.76568  -15.05887 1.000 25.22295  ?  147 HIS A O   1 
ATOM   1301 C CB  . HIS A 1 171 ? -1.80660  -8.52714  -14.01877 1.000 21.29709  ?  147 HIS A CB  1 
ATOM   1302 C CG  . HIS A 1 171 ? -1.91659  -9.95090  -14.45908 1.000 21.08206  ?  147 HIS A CG  1 
ATOM   1303 N ND1 . HIS A 1 171 ? -1.05876  -10.94437 -14.03046 1.000 24.94003  ?  147 HIS A ND1 1 
ATOM   1304 C CD2 . HIS A 1 171 ? -2.74473  -10.52829 -15.35756 1.000 18.57710  ?  147 HIS A CD2 1 
ATOM   1305 C CE1 . HIS A 1 171 ? -1.37969  -12.08045 -14.63403 1.000 18.59707  ?  147 HIS A CE1 1 
ATOM   1306 N NE2 . HIS A 1 171 ? -2.39392  -11.85012 -15.44596 1.000 25.93080  ?  147 HIS A NE2 1 
ATOM   1307 N N   . VAL A 1 172 ? -0.18774  -5.40858  -14.41250 1.000 20.76483  ?  148 VAL A N   1 
ATOM   1308 C CA  . VAL A 1 172 ? -0.40378  -3.97673  -14.25800 1.000 21.42292  ?  148 VAL A CA  1 
ATOM   1309 C C   . VAL A 1 172 ? -0.59739  -3.32881  -15.62838 1.000 29.49766  ?  148 VAL A C   1 
ATOM   1310 O O   . VAL A 1 172 ? -0.00608  -3.74645  -16.63292 1.000 32.78736  ?  148 VAL A O   1 
ATOM   1311 C CB  . VAL A 1 172 ? 0.75282   -3.35185  -13.45622 1.000 24.32588  ?  148 VAL A CB  1 
ATOM   1312 C CG1 . VAL A 1 172 ? 2.05926   -3.33143  -14.26801 1.000 29.71878  ?  148 VAL A CG1 1 
ATOM   1313 C CG2 . VAL A 1 172 ? 0.36344   -1.98569  -12.93800 1.000 28.40991  ?  148 VAL A CG2 1 
ATOM   1314 N N   . HIS A 1 173 ? -1.45063  -2.30788  -15.67521 0.990 33.54044  ?  149 HIS A N   1 
ATOM   1315 C CA  . HIS A 1 173 ? -1.77663  -1.64592  -16.93814 1.000 49.87984  ?  149 HIS A CA  1 
ATOM   1316 C C   . HIS A 1 173 ? -1.29935  -0.19623  -16.96137 1.000 58.89244  ?  149 HIS A C   1 
ATOM   1317 O O   . HIS A 1 173 ? -0.43230  0.19530   -16.17994 0.990 49.04371  ?  149 HIS A O   1 
ATOM   1318 C CB  . HIS A 1 173 ? -3.28342  -1.70979  -17.20678 1.000 58.94665  ?  149 HIS A CB  1 
ATOM   1319 C CG  . HIS A 1 173 ? -3.70547  -2.90643  -18.00331 1.000 77.72995  ?  149 HIS A CG  1 
ATOM   1320 N ND1 . HIS A 1 173 ? -4.46485  -3.92622  -17.46964 0.990 76.31666  ?  149 HIS A ND1 1 
ATOM   1321 C CD2 . HIS A 1 173 ? -3.47182  -3.24752  -19.29321 1.000 77.24528  ?  149 HIS A CD2 1 
ATOM   1322 C CE1 . HIS A 1 173 ? -4.68226  -4.84258  -18.39669 1.000 73.66401  ?  149 HIS A CE1 1 
ATOM   1323 N NE2 . HIS A 1 173 ? -4.09023  -4.45498  -19.51228 1.000 88.24488  ?  149 HIS A NE2 1 
HETATM 1324 N N1  A 3IB B 2 .   ? -1.83898  -1.31940  -1.14976  0.580 16.35464  ?  201 3IB A N1  1 
HETATM 1325 N N1  B 3IB B 2 .   ? -1.69415  -1.37110  -0.68894  0.420 15.85866  ?  201 3IB A N1  1 
HETATM 1326 C C2  A 3IB B 2 .   ? -2.59857  -2.34270  -0.77872  0.580 19.25087  ?  201 3IB A C2  1 
HETATM 1327 C C2  B 3IB B 2 .   ? -2.56164  -2.22012  -0.15399  0.420 13.87829  ?  201 3IB A C2  1 
HETATM 1328 C C3  A 3IB B 2 .   ? -2.36064  -2.60835  0.56442   0.580 16.47424  ?  201 3IB A C3  1 
HETATM 1329 C C3  B 3IB B 2 .   ? -2.27902  -2.34869  1.19575   0.420 16.70406  ?  201 3IB A C3  1 
HETATM 1330 C C4  A 3IB B 2 .   ? -0.78510  -1.43466  2.23753   0.580 18.24320  ?  201 3IB A C4  1 
HETATM 1331 C C4  B 3IB B 2 .   ? -0.44250  -1.21135  2.60250   0.420 18.30114  ?  201 3IB A C4  1 
HETATM 1332 C C5  A 3IB B 2 .   ? 0.14742   -0.41099  2.33617   0.580 17.91489  ?  201 3IB A C5  1 
HETATM 1333 C C5  B 3IB B 2 .   ? 0.61884   -0.31667  2.53174   0.420 17.75288  ?  201 3IB A C5  1 
HETATM 1334 C C6  A 3IB B 2 .   ? 0.43931   0.38793   1.22276   0.580 17.73071  ?  201 3IB A C6  1 
HETATM 1335 C C6  B 3IB B 2 .   ? 0.95233   0.28344   1.31419   0.420 19.70470  ?  201 3IB A C6  1 
HETATM 1336 C C7  A 3IB B 2 .   ? -0.16886  0.14490   -0.00036  0.580 17.20726  ?  201 3IB A C7  1 
HETATM 1337 C C7  B 3IB B 2 .   ? 0.22655   -0.01631  0.16753   0.420 15.56443  ?  201 3IB A C7  1 
HETATM 1338 C C8  A 3IB B 2 .   ? -1.11066  -0.88838  -0.10371  0.580 17.01471  ?  201 3IB A C8  1 
HETATM 1339 C C8  B 3IB B 2 .   ? -0.84582  -0.91713  0.24651   0.420 16.40441  ?  201 3IB A C8  1 
HETATM 1340 C C9  A 3IB B 2 .   ? -1.40659  -1.67686  1.00099   0.580 15.57964  ?  201 3IB A C9  1 
HETATM 1341 C C9  B 3IB B 2 .   ? -1.18014  -1.51204  1.44835   0.420 15.56754  ?  201 3IB A C9  1 
HETATM 1342 C C10 A 3IB B 2 .   ? -2.96872  -3.70969  1.43525   0.580 17.26305  ?  201 3IB A C10 1 
HETATM 1343 C C10 B 3IB B 2 .   ? -3.02714  -3.23860  2.19000   0.420 22.57968  ?  201 3IB A C10 1 
HETATM 1344 C C11 A 3IB B 2 .   ? -4.31928  -3.38226  2.02304   0.580 21.04721  ?  201 3IB A C11 1 
HETATM 1345 C C11 B 3IB B 2 .   ? -4.44534  -2.73867  2.47491   0.420 29.03474  ?  201 3IB A C11 1 
HETATM 1346 C C12 A 3IB B 2 .   ? -4.19923  -2.57297  3.30778   0.580 22.08395  ?  201 3IB A C12 1 
HETATM 1347 C C12 B 3IB B 2 .   ? -5.45372  -3.06093  1.36862   0.420 26.63362  ?  201 3IB A C12 1 
HETATM 1348 C C13 A 3IB B 2 .   ? -5.61069  -2.37032  3.83761   0.580 19.93700  ?  201 3IB A C13 1 
HETATM 1349 C C13 B 3IB B 2 .   ? -6.73035  -2.22567  1.47995   0.420 32.78711  ?  201 3IB A C13 1 
HETATM 1350 O O1  A 3IB B 2 .   ? -6.46214  -1.83568  3.08870   0.580 22.58375  ?  201 3IB A O1  1 
HETATM 1351 O O1  B 3IB B 2 .   ? -7.53448  -2.14731  0.50970   0.420 31.15428  ?  201 3IB A O1  1 
HETATM 1352 O O2  A 3IB B 2 .   ? -5.91577  -2.72607  4.99371   0.580 21.94262  ?  201 3IB A O2  1 
HETATM 1353 O O2  B 3IB B 2 .   ? -6.98571  -1.60733  2.54717   0.420 31.19197  ?  201 3IB A O2  1 
HETATM 1354 S S   . SO4 C 3 .   ? 9.40737   18.93460  2.51571   0.430 16.30603  ?  202 SO4 A S   1 
HETATM 1355 O O1  . SO4 C 3 .   ? 10.86184  19.09861  2.52026   0.430 19.18472  ?  202 SO4 A O1  1 
HETATM 1356 O O2  . SO4 C 3 .   ? 9.10813   17.50726  2.49746   0.430 18.46010  ?  202 SO4 A O2  1 
HETATM 1357 O O3  . SO4 C 3 .   ? 8.78358   19.56940  3.67169   0.430 15.47346  -1 202 SO4 A O3  1 
HETATM 1358 O O4  . SO4 C 3 .   ? 8.84223   19.54204  1.32316   0.430 19.12674  ?  202 SO4 A O4  1 
HETATM 1359 S S   . SO4 D 3 .   ? -11.30263 3.42646   8.00728   0.900 29.94603  ?  203 SO4 A S   1 
HETATM 1360 O O1  . SO4 D 3 .   ? -11.88666 2.08544   7.98295   0.900 36.89597  ?  203 SO4 A O1  1 
HETATM 1361 O O2  . SO4 D 3 .   ? -10.18704 3.47745   8.94807   0.900 36.84922  ?  203 SO4 A O2  1 
HETATM 1362 O O3  . SO4 D 3 .   ? -12.30166 4.42219   8.39224   0.900 43.10683  ?  203 SO4 A O3  1 
HETATM 1363 O O4  . SO4 D 3 .   ? -10.72502 3.74755   6.69524   0.900 33.23171  ?  203 SO4 A O4  1 
HETATM 1364 O O   . HOH E 4 .   ? -9.90860  4.35686   4.83117   1.000 32.07469  ?  301 HOH A O   1 
HETATM 1365 O O   . HOH E 4 .   ? 11.41482  -12.66663 -2.46218  1.000 42.39174  ?  302 HOH A O   1 
HETATM 1366 O O   . HOH E 4 .   ? -11.56141 -24.56319 -8.56127  1.000 38.03972  ?  303 HOH A O   1 
HETATM 1367 O O   . HOH E 4 .   ? -8.98573  -2.23670  3.72118   1.000 40.67015  ?  304 HOH A O   1 
HETATM 1368 O O   . HOH E 4 .   ? 9.18552   21.57574  0.06933   1.000 22.72134  ?  305 HOH A O   1 
HETATM 1369 O O   . HOH E 4 .   ? 11.98024  -15.92805 -10.80033 1.000 33.54178  ?  306 HOH A O   1 
HETATM 1370 O O   . HOH E 4 .   ? -14.77931 4.70282   8.77445   1.000 31.34947  ?  307 HOH A O   1 
HETATM 1371 O O   . HOH E 4 .   ? 8.59657   -5.51127  4.44183   1.000 41.02764  ?  308 HOH A O   1 
HETATM 1372 O O   . HOH E 4 .   ? -3.28239  -7.56795  2.07941   1.000 22.08733  ?  309 HOH A O   1 
HETATM 1373 O O   . HOH E 4 .   ? 3.13569   -5.02593  15.17491  1.000 37.26938  ?  310 HOH A O   1 
HETATM 1374 O O   . HOH E 4 .   ? -8.51859  -10.50705 10.07045  1.000 27.09751  ?  311 HOH A O   1 
HETATM 1375 O O   . HOH E 4 .   ? -4.67974  -6.54567  -15.84128 1.000 30.30247  ?  312 HOH A O   1 
HETATM 1376 O O   . HOH E 4 .   ? 14.96375  15.63046  13.41104  1.000 56.07266  ?  313 HOH A O   1 
HETATM 1377 O O   . HOH E 4 .   ? -12.61008 9.20818   3.54388   1.000 57.77221  ?  314 HOH A O   1 
HETATM 1378 O O   . HOH E 4 .   ? -11.63800 18.42240  -2.76866  1.000 32.61993  ?  315 HOH A O   1 
HETATM 1379 O O   . HOH E 4 .   ? -10.08559 7.64183   4.70420   1.000 37.97265  ?  316 HOH A O   1 
HETATM 1380 O O   . HOH E 4 .   ? -10.51957 -16.43715 -13.11927 1.000 21.08469  ?  317 HOH A O   1 
HETATM 1381 O O   . HOH E 4 .   ? 11.56645  -12.10539 -9.61131  1.000 40.59023  ?  318 HOH A O   1 
HETATM 1382 O O   . HOH E 4 .   ? 0.26146   14.33853  10.25463  1.000 51.48882  ?  319 HOH A O   1 
HETATM 1383 O O   . HOH E 4 .   ? -13.47733 4.47835   -3.68756  1.000 39.13320  ?  320 HOH A O   1 
HETATM 1384 O O   . HOH E 4 .   ? 9.55158   13.41539  -0.44272  1.000 40.93961  ?  321 HOH A O   1 
HETATM 1385 O O   . HOH E 4 .   ? 6.33593   -23.62366 10.79012  1.000 30.84547  ?  322 HOH A O   1 
HETATM 1386 O O   . HOH E 4 .   ? -7.43200  -6.97131  -0.68771  1.000 33.57158  ?  323 HOH A O   1 
HETATM 1387 O O   . HOH E 4 .   ? 0.65698   -16.59863 9.12880   1.000 24.48795  ?  324 HOH A O   1 
HETATM 1388 O O   . HOH E 4 .   ? -3.84989  -3.03165  6.70623   1.000 25.39680  ?  325 HOH A O   1 
HETATM 1389 O O   . HOH E 4 .   ? 1.26761   21.52466  -1.08994  1.000 39.13435  ?  326 HOH A O   1 
HETATM 1390 O O   . HOH E 4 .   ? 4.72239   -2.95548  -11.58850 1.000 43.36134  ?  327 HOH A O   1 
HETATM 1391 O O   . HOH E 4 .   ? -4.80741  13.27462  6.47258   1.000 40.02993  ?  328 HOH A O   1 
HETATM 1392 O O   . HOH E 4 .   ? 0.34297   21.36129  -4.79406  1.000 45.01867  ?  329 HOH A O   1 
HETATM 1393 O O   . HOH E 4 .   ? 3.22051   -1.49872  -9.76240  1.000 37.62510  ?  330 HOH A O   1 
HETATM 1394 O O   . HOH E 4 .   ? 3.42872   6.38032   13.24916  1.000 26.24284  ?  331 HOH A O   1 
HETATM 1395 O O   . HOH E 4 .   ? 5.92611   7.98540   13.80031  1.000 34.55998  ?  332 HOH A O   1 
HETATM 1396 O O   . HOH E 4 .   ? 1.69248   10.00494  13.87052  1.000 37.80702  ?  333 HOH A O   1 
HETATM 1397 O O   . HOH E 4 .   ? -11.76757 -20.39096 2.45191   1.000 24.70330  ?  334 HOH A O   1 
HETATM 1398 O O   . HOH E 4 .   ? 4.79512   14.63553  11.75103  1.000 33.83288  ?  335 HOH A O   1 
HETATM 1399 O O   . HOH E 4 .   ? -1.03412  -12.27708 12.80691  1.000 40.02713  ?  336 HOH A O   1 
HETATM 1400 O O   . HOH E 4 .   ? -5.73584  20.49359  -0.82440  1.000 42.26547  ?  337 HOH A O   1 
HETATM 1401 O O   . HOH E 4 .   ? 2.40586   -16.18525 13.30456  1.000 38.34123  ?  338 HOH A O   1 
HETATM 1402 O O   . HOH E 4 .   ? 8.68771   20.76836  -2.60105  1.000 30.56057  ?  339 HOH A O   1 
HETATM 1403 O O   . HOH E 4 .   ? 9.96404   3.24141   10.12255  1.000 33.40893  ?  340 HOH A O   1 
HETATM 1404 O O   . HOH E 4 .   ? -8.79577  -5.56740  4.87132   1.000 31.75099  ?  341 HOH A O   1 
HETATM 1405 O O   . HOH E 4 .   ? 7.14732   2.81049   0.13039   1.000 28.53619  ?  342 HOH A O   1 
HETATM 1406 O O   . HOH E 4 .   ? -7.24966  -24.65457 -0.93748  1.000 34.16528  ?  343 HOH A O   1 
HETATM 1407 O O   . HOH E 4 .   ? -7.60998  18.69549  -6.38001  1.000 53.02990  ?  344 HOH A O   1 
HETATM 1408 O O   . HOH E 4 .   ? 4.63551   19.80291  5.54818   1.000 27.38193  ?  345 HOH A O   1 
HETATM 1409 O O   . HOH E 4 .   ? -13.72005 -11.89978 6.48224   1.000 32.24242  ?  346 HOH A O   1 
HETATM 1410 O O   . HOH E 4 .   ? 10.51409  -21.85252 4.03483   1.000 32.81167  ?  347 HOH A O   1 
HETATM 1411 O O   . HOH E 4 .   ? 2.23004   19.94636  1.45353   1.000 34.95832  ?  348 HOH A O   1 
HETATM 1412 O O   . HOH E 4 .   ? -7.50746  -4.58597  -0.81168  1.000 39.71549  ?  349 HOH A O   1 
HETATM 1413 O O   . HOH E 4 .   ? 14.50971  -15.44980 -10.05656 1.000 42.91964  ?  350 HOH A O   1 
HETATM 1414 O O   . HOH E 4 .   ? 9.47095   11.59146  -10.23519 1.000 42.21517  ?  351 HOH A O   1 
HETATM 1415 O O   . HOH E 4 .   ? -11.80805 -13.48928 3.83577   1.000 20.49661  ?  352 HOH A O   1 
HETATM 1416 O O   . HOH E 4 .   ? -4.92614  5.56797   20.56571  1.000 47.48187  ?  353 HOH A O   1 
HETATM 1417 O O   . HOH E 4 .   ? 4.93667   -19.71583 -5.97278  1.000 26.42058  ?  354 HOH A O   1 
HETATM 1418 O O   . HOH E 4 .   ? -3.62423  24.03416  5.02279   1.000 46.23531  ?  355 HOH A O   1 
HETATM 1419 O O   . HOH E 4 .   ? -14.59631 7.25553   -6.40301  1.000 37.63132  ?  356 HOH A O   1 
HETATM 1420 O O   . HOH E 4 .   ? -4.20105  3.72367   -11.92458 1.000 36.68954  ?  357 HOH A O   1 
HETATM 1421 O O   . HOH E 4 .   ? -6.75083  10.92707  10.23209  1.000 34.40832  ?  358 HOH A O   1 
HETATM 1422 O O   . HOH E 4 .   ? 7.36308   10.35640  -1.63911  1.000 22.74537  ?  359 HOH A O   1 
HETATM 1423 O O   . HOH E 4 .   ? 8.87484   -7.49161  7.95708   1.000 34.44466  ?  360 HOH A O   1 
HETATM 1424 O O   . HOH E 4 .   ? -9.09246  -5.39797  2.52398   1.000 51.37999  ?  361 HOH A O   1 
HETATM 1425 O O   . HOH E 4 .   ? 5.02680   -17.49542 14.47551  0.50  39.88662  ?  362 HOH A O   1 
HETATM 1426 O O   . HOH E 4 .   ? 10.43913  9.54085   2.01340   1.000 35.04176  ?  363 HOH A O   1 
HETATM 1427 O O   . HOH E 4 .   ? -11.80548 -20.53637 -0.76457  1.000 22.46849  ?  364 HOH A O   1 
HETATM 1428 O O   . HOH E 4 .   ? 0.40123   8.48659   15.55635  1.000 38.92659  ?  365 HOH A O   1 
HETATM 1429 O O   . HOH E 4 .   ? -13.62411 -21.99953 0.78551   1.000 31.96786  ?  366 HOH A O   1 
HETATM 1430 O O   . HOH E 4 .   ? -17.94688 -26.77824 -7.36832  1.000 48.73574  ?  367 HOH A O   1 
HETATM 1431 O O   . HOH E 4 .   ? -9.49887  -8.74026  -0.51797  1.000 21.03701  ?  368 HOH A O   1 
HETATM 1432 O O   . HOH E 4 .   ? -9.08827  4.45028   -10.93421 1.000 40.34279  ?  369 HOH A O   1 
HETATM 1433 O O   . HOH E 4 .   ? -13.21429 -13.94009 -9.81492  1.000 19.84593  ?  370 HOH A O   1 
HETATM 1434 O O   . HOH E 4 .   ? 7.31300   22.02272  3.87485   1.000 44.45516  ?  371 HOH A O   1 
HETATM 1435 O O   . HOH E 4 .   ? 3.79575   22.04309  -5.57354  1.000 51.42595  ?  372 HOH A O   1 
HETATM 1436 O O   . HOH E 4 .   ? -14.71563 1.67676   7.64862   1.000 42.63673  ?  373 HOH A O   1 
HETATM 1437 O O   . HOH E 4 .   ? 12.08427  16.49307  2.64849   0.50  40.88056  ?  374 HOH A O   1 
HETATM 1438 O O   . HOH E 4 .   ? -8.32681  0.97236   16.68781  1.000 37.60455  ?  375 HOH A O   1 
HETATM 1439 O O   . HOH E 4 .   ? 11.61316  5.85868   -5.76441  1.000 50.85067  ?  376 HOH A O   1 
HETATM 1440 O O   . HOH E 4 .   ? 2.28280   -7.97896  -19.38391 1.000 36.42809  ?  377 HOH A O   1 
HETATM 1441 O O   . HOH E 4 .   ? -2.96163  -1.17055  -13.41442 1.000 40.71587  ?  378 HOH A O   1 
HETATM 1442 O O   . HOH E 4 .   ? -10.32573 7.45732   1.37659   1.000 37.18949  ?  379 HOH A O   1 
HETATM 1443 O O   . HOH E 4 .   ? 8.77833   -12.14998 -14.27911 1.000 30.59359  ?  380 HOH A O   1 
HETATM 1444 O O   . HOH E 4 .   ? 9.37339   -13.85090 9.35024   1.000 35.92907  ?  381 HOH A O   1 
HETATM 1445 O O   . HOH E 4 .   ? -1.51320  9.80078   -13.46978 1.000 36.39514  ?  382 HOH A O   1 
HETATM 1446 O O   . HOH E 4 .   ? -11.32124 2.86054   -3.98935  1.000 31.84359  ?  383 HOH A O   1 
HETATM 1447 O O   . HOH E 4 .   ? -11.16141 -10.35793 9.17734   1.000 34.78925  ?  384 HOH A O   1 
HETATM 1448 O O   . HOH E 4 .   ? 13.39423  -20.24409 7.72867   1.000 39.89391  ?  385 HOH A O   1 
HETATM 1449 O O   . HOH E 4 .   ? -9.85203  1.76952   3.00701   1.000 36.80834  ?  386 HOH A O   1 
HETATM 1450 O O   . HOH E 4 .   ? -11.28626 4.98840   0.73355   1.000 49.32427  ?  387 HOH A O   1 
HETATM 1451 O O   . HOH E 4 .   ? -1.67704  12.35307  -13.05919 1.000 47.70101  ?  388 HOH A O   1 
HETATM 1452 O O   . HOH E 4 .   ? -13.50120 3.11250   -11.91885 1.000 45.16087  ?  389 HOH A O   1 
HETATM 1453 O O   . HOH E 4 .   ? 13.59649  -21.59087 4.78555   1.000 43.81995  ?  390 HOH A O   1 
HETATM 1454 O O   . HOH E 4 .   ? 7.07289   8.46421   -11.90008 1.000 57.27952  ?  391 HOH A O   1 
HETATM 1455 O O   . HOH E 4 .   ? 0.85303   1.56433   -11.90369 1.000 37.97402  ?  392 HOH A O   1 
HETATM 1456 O O   . HOH E 4 .   ? 8.86187   -9.05290  -12.34552 1.000 45.27785  ?  393 HOH A O   1 
HETATM 1457 O O   . HOH E 4 .   ? -6.59193  1.23479   -8.59054  1.000 39.11786  ?  394 HOH A O   1 
HETATM 1458 O O   . HOH E 4 .   ? 9.78548   -16.08946 7.42583   1.000 38.07797  ?  395 HOH A O   1 
HETATM 1459 O O   . HOH E 4 .   ? -1.38678  1.27182   -13.43197 1.000 45.97113  ?  396 HOH A O   1 
HETATM 1460 O O   . HOH E 4 .   ? -14.34469 -28.82125 1.38715   1.000 60.25896  ?  397 HOH A O   1 
HETATM 1461 O O   . HOH E 4 .   ? -14.71973 8.89933   -3.00216  1.000 53.90577  ?  398 HOH A O   1 
HETATM 1462 O O   . HOH E 4 .   ? -14.74836 10.23502  -5.51866  1.000 51.67120  ?  399 HOH A O   1 
HETATM 1463 O O   . HOH E 4 .   ? -11.21780 -7.04714  0.66697   1.000 45.11900  ?  400 HOH A O   1 
HETATM 1464 O O   . HOH E 4 .   ? 5.10583   20.89686  0.67152   1.000 45.61413  ?  401 HOH A O   1 
HETATM 1465 O O   . HOH E 4 .   ? -8.62274  -8.60839  11.96953  1.000 35.81112  ?  402 HOH A O   1 
HETATM 1466 O O   . HOH E 4 .   ? 1.01536   -4.43594  15.77713  1.000 52.70323  ?  403 HOH A O   1 
HETATM 1467 O O   . HOH E 4 .   ? -4.09464  22.53223  0.56645   1.000 49.09168  ?  404 HOH A O   1 
HETATM 1468 O O   . HOH E 4 .   ? 4.09535   -18.90036 -3.26711  0.50  25.53912  ?  405 HOH A O   1 
HETATM 1469 O O   . HOH E 4 .   ? -11.02093 3.16797   -1.33363  1.000 57.66545  ?  406 HOH A O   1 
HETATM 1470 O O   . HOH E 4 .   ? -12.60915 -7.73153  9.64155   1.000 52.13319  ?  407 HOH A O   1 
HETATM 1471 O O   . HOH E 4 .   ? 12.69123  8.67526   3.24840   1.000 49.75770  ?  408 HOH A O   1 
HETATM 1472 O O   . HOH E 4 .   ? 9.18073   -10.01423 7.05974   1.000 42.42117  ?  409 HOH A O   1 
HETATM 1473 O O   . HOH E 4 .   ? 3.61709   1.43054   -13.00379 1.000 56.07353  ?  410 HOH A O   1 
HETATM 1474 O O   . HOH E 4 .   ? 2.50469   6.76844   15.77327  1.000 42.80124  ?  411 HOH A O   1 
HETATM 1475 O O   . HOH E 4 .   ? 8.67641   11.60174  -13.18947 1.000 60.89511  ?  412 HOH A O   1 
HETATM 1476 O O   . HOH E 4 .   ? 10.97730  5.12888   4.65086   1.000 57.97220  ?  413 HOH A O   1 
HETATM 1477 O O   . HOH E 4 .   ? 0.35447   -13.84211 -17.59557 1.000 31.69215  ?  414 HOH A O   1 
HETATM 1478 O O   . HOH E 4 .   ? 15.28138  17.19596  14.87334  1.000 47.59881  ?  415 HOH A O   1 
HETATM 1479 O O   . HOH E 4 .   ? 4.42461   20.97806  3.24935   1.000 46.93646  ?  416 HOH A O   1 
HETATM 1480 O O   . HOH E 4 .   ? 2.00342   14.76224  12.14063  1.000 41.88900  ?  417 HOH A O   1 
HETATM 1481 O O   . HOH E 4 .   ? 10.73713  -14.53462 6.26463   1.000 53.00905  ?  418 HOH A O   1 
HETATM 1482 O O   . HOH E 4 .   ? -0.95208  24.73807  7.14956   1.000 60.34241  ?  419 HOH A O   1 
HETATM 1483 O O   . HOH E 4 .   ? 7.13206   16.62421  12.20970  1.000 50.49469  ?  420 HOH A O   1 
HETATM 1484 O O   . HOH E 4 .   ? -13.79685 4.49356   -0.71443  1.000 49.81749  ?  421 HOH A O   1 
HETATM 1485 O O   . HOH E 4 .   ? 14.46564  8.50560   1.16240   1.000 52.21812  ?  422 HOH A O   1 
HETATM 1486 O O   . HOH E 4 .   ? 10.20484  -12.37075 7.56247   1.000 47.35895  ?  423 HOH A O   1 
HETATM 1487 O O   . HOH E 4 .   ? -13.10212 5.43288   -10.76094 1.000 35.74202  ?  424 HOH A O   1 
HETATM 1488 O O   . HOH E 4 .   ? -12.74151 7.23582   -12.90302 1.000 40.80731  ?  425 HOH A O   1 
HETATM 1489 O O   . HOH E 4 .   ? -15.14539 6.47267   -9.05721  0.50  41.08834  ?  426 HOH A O   1 
# 
loop_
_pdbx_poly_seq_scheme.asym_id 
_pdbx_poly_seq_scheme.entity_id 
_pdbx_poly_seq_scheme.seq_id 
_pdbx_poly_seq_scheme.mon_id 
_pdbx_poly_seq_scheme.ndb_seq_num 
_pdbx_poly_seq_scheme.pdb_seq_num 
_pdbx_poly_seq_scheme.auth_seq_num 
_pdbx_poly_seq_scheme.pdb_mon_id 
_pdbx_poly_seq_scheme.auth_mon_id 
_pdbx_poly_seq_scheme.pdb_strand_id 
_pdbx_poly_seq_scheme.pdb_ins_code 
_pdbx_poly_seq_scheme.hetero 
A 1 1   MET 1   -23 ?   ?   ?   A . n 
A 1 2   HIS 2   -22 ?   ?   ?   A . n 
A 1 3   HIS 3   -21 ?   ?   ?   A . n 
A 1 4   HIS 4   -20 ?   ?   ?   A . n 
A 1 5   HIS 5   -19 ?   ?   ?   A . n 
A 1 6   HIS 6   -18 ?   ?   ?   A . n 
A 1 7   HIS 7   -17 ?   ?   ?   A . n 
A 1 8   SER 8   -16 ?   ?   ?   A . n 
A 1 9   SER 9   -15 ?   ?   ?   A . n 
A 1 10  GLY 10  -14 ?   ?   ?   A . n 
A 1 11  VAL 11  -13 ?   ?   ?   A . n 
A 1 12  ASP 12  -12 ?   ?   ?   A . n 
A 1 13  LEU 13  -11 ?   ?   ?   A . n 
A 1 14  GLY 14  -10 ?   ?   ?   A . n 
A 1 15  THR 15  -9  ?   ?   ?   A . n 
A 1 16  GLU 16  -8  ?   ?   ?   A . n 
A 1 17  ASN 17  -7  ?   ?   ?   A . n 
A 1 18  LEU 18  -6  ?   ?   ?   A . n 
A 1 19  TYR 19  -5  ?   ?   ?   A . n 
A 1 20  PHE 20  -4  ?   ?   ?   A . n 
A 1 21  GLN 21  -3  ?   ?   ?   A . n 
A 1 22  SER 22  -2  ?   ?   ?   A . n 
A 1 23  ASN 23  -1  ?   ?   ?   A . n 
A 1 24  ALA 24  0   ?   ?   ?   A . n 
A 1 25  MET 25  1   ?   ?   ?   A . n 
A 1 26  ALA 26  2   ?   ?   ?   A . n 
A 1 27  GLU 27  3   ?   ?   ?   A . n 
A 1 28  GLN 28  4   ?   ?   ?   A . n 
A 1 29  PRO 29  5   ?   ?   ?   A . n 
A 1 30  PRO 30  6   ?   ?   ?   A . n 
A 1 31  GLU 31  7   ?   ?   ?   A . n 
A 1 32  THR 32  8   ?   ?   ?   A . n 
A 1 33  HIS 33  9   ?   ?   ?   A . n 
A 1 34  ARG 34  10  10  ARG ARG A . n 
A 1 35  PHE 35  11  11  PHE PHE A . n 
A 1 36  VAL 36  12  12  VAL VAL A . n 
A 1 37  ASP 37  13  13  ASP ASP A . n 
A 1 38  ASP 38  14  14  ASP ASP A . n 
A 1 39  TYR 39  15  15  TYR TYR A . n 
A 1 40  LEU 40  16  16  LEU LEU A . n 
A 1 41  PRO 41  17  17  PRO PRO A . n 
A 1 42  ALA 42  18  18  ALA ALA A . n 
A 1 43  LEU 43  19  19  LEU LEU A . n 
A 1 44  LEU 44  20  20  LEU LEU A . n 
A 1 45  ALA 45  21  21  ALA ALA A . n 
A 1 46  GLN 46  22  22  GLN GLN A . n 
A 1 47  ALA 47  23  23  ALA ALA A . n 
A 1 48  SER 48  24  24  SER SER A . n 
A 1 49  GLN 49  25  25  GLN GLN A . n 
A 1 50  LEU 50  26  26  LEU LEU A . n 
A 1 51  ILE 51  27  27  ILE ILE A . n 
A 1 52  SER 52  28  28  SER SER A . n 
A 1 53  SER 53  29  29  SER SER A . n 
A 1 54  GLU 54  30  30  GLU GLU A . n 
A 1 55  PHE 55  31  31  PHE PHE A . n 
A 1 56  HIS 56  32  32  HIS HIS A . n 
A 1 57  GLU 57  33  33  GLU GLU A . n 
A 1 58  VAL 58  34  34  VAL VAL A . n 
A 1 59  ALA 59  35  35  ALA ALA A . n 
A 1 60  ARG 60  36  36  ARG ARG A . n 
A 1 61  GLN 61  37  37  GLN GLN A . n 
A 1 62  HIS 62  38  38  HIS HIS A . n 
A 1 63  GLY 63  39  39  GLY GLY A . n 
A 1 64  PHE 64  40  40  PHE PHE A . n 
A 1 65  SER 65  41  41  SER SER A . n 
A 1 66  VAL 66  42  42  VAL VAL A . n 
A 1 67  SER 67  43  43  SER SER A . n 
A 1 68  GLU 68  44  44  GLU GLU A . n 
A 1 69  TRP 69  45  45  TRP TRP A . n 
A 1 70  ARG 70  46  46  ARG ARG A . n 
A 1 71  VAL 71  47  47  VAL VAL A . n 
A 1 72  MET 72  48  48  MET MET A . n 
A 1 73  ALA 73  49  49  ALA ALA A . n 
A 1 74  SER 74  50  50  SER SER A . n 
A 1 75  LEU 75  51  51  LEU LEU A . n 
A 1 76  ALA 76  52  52  ALA ALA A . n 
A 1 77  GLY 77  53  53  GLY GLY A . n 
A 1 78  SER 78  54  54  SER SER A . n 
A 1 79  GLU 79  55  55  GLU GLU A . n 
A 1 80  PRO 80  56  56  PRO PRO A . n 
A 1 81  ILE 81  57  57  ILE ILE A . n 
A 1 82  SER 82  58  58  SER SER A . n 
A 1 83  ILE 83  59  59  ILE ILE A . n 
A 1 84  GLY 84  60  60  GLY GLY A . n 
A 1 85  GLN 85  61  61  GLN GLN A . n 
A 1 86  LEU 86  62  62  LEU LEU A . n 
A 1 87  ALA 87  63  63  ALA ALA A . n 
A 1 88  GLN 88  64  64  GLN GLN A . n 
A 1 89  VAL 89  65  65  VAL VAL A . n 
A 1 90  THR 90  66  66  THR THR A . n 
A 1 91  VAL 91  67  67  VAL VAL A . n 
A 1 92  THR 92  68  68  THR THR A . n 
A 1 93  LYS 93  69  69  LYS LYS A . n 
A 1 94  GLN 94  70  70  GLN GLN A . n 
A 1 95  PRO 95  71  71  PRO PRO A . n 
A 1 96  THR 96  72  72  THR THR A . n 
A 1 97  VAL 97  73  73  VAL VAL A . n 
A 1 98  THR 98  74  74  THR THR A . n 
A 1 99  ARG 99  75  75  ARG ARG A . n 
A 1 100 LEU 100 76  76  LEU LEU A . n 
A 1 101 LEU 101 77  77  LEU LEU A . n 
A 1 102 ASP 102 78  78  ASP ASP A . n 
A 1 103 ARG 103 79  79  ARG ARG A . n 
A 1 104 MET 104 80  80  MET MET A . n 
A 1 105 GLU 105 81  81  GLU GLU A . n 
A 1 106 ALA 106 82  82  ALA ALA A . n 
A 1 107 ARG 107 83  83  ARG ARG A . n 
A 1 108 GLY 108 84  84  GLY GLY A . n 
A 1 109 GLN 109 85  85  GLN GLN A . n 
A 1 110 VAL 110 86  86  VAL VAL A . n 
A 1 111 GLU 111 87  87  GLU GLU A . n 
A 1 112 ARG 112 88  88  ARG ARG A . n 
A 1 113 LEU 113 89  89  LEU LEU A . n 
A 1 114 PRO 114 90  90  PRO PRO A . n 
A 1 115 HIS 115 91  91  HIS HIS A . n 
A 1 116 GLU 116 92  92  GLU GLU A . n 
A 1 117 SER 117 93  93  SER SER A . n 
A 1 118 ASP 118 94  94  ASP ASP A . n 
A 1 119 ARG 119 95  95  ARG ARG A . n 
A 1 120 ARG 120 96  96  ARG ARG A . n 
A 1 121 ILE 121 97  97  ILE ILE A . n 
A 1 122 THR 122 98  98  THR THR A . n 
A 1 123 LEU 123 99  99  LEU LEU A . n 
A 1 124 VAL 124 100 100 VAL VAL A . n 
A 1 125 ARG 125 101 101 ARG ARG A . n 
A 1 126 ILE 126 102 102 ILE ILE A . n 
A 1 127 THR 127 103 103 THR THR A . n 
A 1 128 ARG 128 104 104 ARG ARG A . n 
A 1 129 LYS 129 105 105 LYS LYS A . n 
A 1 130 GLY 130 106 106 GLY GLY A . n 
A 1 131 LEU 131 107 107 LEU LEU A . n 
A 1 132 LYS 132 108 108 LYS LYS A . n 
A 1 133 ALA 133 109 109 ALA ALA A . n 
A 1 134 VAL 134 110 110 VAL VAL A . n 
A 1 135 GLU 135 111 111 GLU GLU A . n 
A 1 136 HIS 136 112 112 HIS HIS A . n 
A 1 137 LEU 137 113 113 LEU LEU A . n 
A 1 138 MET 138 114 114 MET MET A . n 
A 1 139 GLU 139 115 115 GLU GLU A . n 
A 1 140 LEU 140 116 116 LEU LEU A . n 
A 1 141 ALA 141 117 117 ALA ALA A . n 
A 1 142 ARG 142 118 118 ARG ARG A . n 
A 1 143 GLU 143 119 119 GLU GLU A . n 
A 1 144 HIS 144 120 120 HIS HIS A . n 
A 1 145 GLU 145 121 121 GLU GLU A . n 
A 1 146 ARG 146 122 122 ARG ARG A . n 
A 1 147 ARG 147 123 123 ARG ARG A . n 
A 1 148 VAL 148 124 124 VAL VAL A . n 
A 1 149 LEU 149 125 125 LEU LEU A . n 
A 1 150 GLU 150 126 126 GLU GLU A . n 
A 1 151 PRO 151 127 127 PRO PRO A . n 
A 1 152 PHE 152 128 128 PHE PHE A . n 
A 1 153 GLY 153 129 129 GLY GLY A . n 
A 1 154 LEU 154 130 130 LEU LEU A . n 
A 1 155 ARG 155 131 131 ARG ARG A . n 
A 1 156 ARG 156 132 132 ARG ARG A . n 
A 1 157 ALA 157 133 133 ALA ALA A . n 
A 1 158 GLU 158 134 134 GLU GLU A . n 
A 1 159 GLU 159 135 135 GLU GLU A . n 
A 1 160 LEU 160 136 136 LEU LEU A . n 
A 1 161 LYS 161 137 137 LYS LYS A . n 
A 1 162 GLN 162 138 138 GLN GLN A . n 
A 1 163 THR 163 139 139 THR THR A . n 
A 1 164 LEU 164 140 140 LEU LEU A . n 
A 1 165 ARG 165 141 141 ARG ARG A . n 
A 1 166 GLN 166 142 142 GLN GLN A . n 
A 1 167 MET 167 143 143 MET MET A . n 
A 1 168 ILE 168 144 144 ILE ILE A . n 
A 1 169 ASP 169 145 145 ASP ASP A . n 
A 1 170 LEU 170 146 146 LEU LEU A . n 
A 1 171 HIS 171 147 147 HIS HIS A . n 
A 1 172 VAL 172 148 148 VAL VAL A . n 
A 1 173 HIS 173 149 149 HIS HIS A . n 
A 1 174 VAL 174 150 ?   ?   ?   A . n 
A 1 175 PRO 175 151 ?   ?   ?   A . n 
A 1 176 VAL 176 152 ?   ?   ?   A . n 
A 1 177 GLU 177 153 ?   ?   ?   A . n 
A 1 178 GLU 178 154 ?   ?   ?   A . n 
A 1 179 PRO 179 155 ?   ?   ?   A . n 
A 1 180 GLU 180 156 ?   ?   ?   A . n 
A 1 181 GLU 181 157 ?   ?   ?   A . n 
A 1 182 ASP 182 158 ?   ?   ?   A . n 
# 
loop_
_pdbx_nonpoly_scheme.asym_id 
_pdbx_nonpoly_scheme.entity_id 
_pdbx_nonpoly_scheme.mon_id 
_pdbx_nonpoly_scheme.ndb_seq_num 
_pdbx_nonpoly_scheme.pdb_seq_num 
_pdbx_nonpoly_scheme.auth_seq_num 
_pdbx_nonpoly_scheme.pdb_mon_id 
_pdbx_nonpoly_scheme.auth_mon_id 
_pdbx_nonpoly_scheme.pdb_strand_id 
_pdbx_nonpoly_scheme.pdb_ins_code 
B 2 3IB 1   201 1   3IB IBA A . 
C 3 SO4 1   202 1   SO4 SO4 A . 
D 3 SO4 1   203 2   SO4 SO4 A . 
E 4 HOH 1   301 95  HOH HOH A . 
E 4 HOH 2   302 69  HOH HOH A . 
E 4 HOH 3   303 19  HOH HOH A . 
E 4 HOH 4   304 59  HOH HOH A . 
E 4 HOH 5   305 7   HOH HOH A . 
E 4 HOH 6   306 29  HOH HOH A . 
E 4 HOH 7   307 79  HOH HOH A . 
E 4 HOH 8   308 71  HOH HOH A . 
E 4 HOH 9   309 1   HOH HOH A . 
E 4 HOH 10  310 78  HOH HOH A . 
E 4 HOH 11  311 15  HOH HOH A . 
E 4 HOH 12  312 22  HOH HOH A . 
E 4 HOH 13  313 106 HOH HOH A . 
E 4 HOH 14  314 118 HOH HOH A . 
E 4 HOH 15  315 83  HOH HOH A . 
E 4 HOH 16  316 21  HOH HOH A . 
E 4 HOH 17  317 5   HOH HOH A . 
E 4 HOH 18  318 103 HOH HOH A . 
E 4 HOH 19  319 66  HOH HOH A . 
E 4 HOH 20  320 75  HOH HOH A . 
E 4 HOH 21  321 70  HOH HOH A . 
E 4 HOH 22  322 25  HOH HOH A . 
E 4 HOH 23  323 37  HOH HOH A . 
E 4 HOH 24  324 9   HOH HOH A . 
E 4 HOH 25  325 18  HOH HOH A . 
E 4 HOH 26  326 48  HOH HOH A . 
E 4 HOH 27  327 54  HOH HOH A . 
E 4 HOH 28  328 36  HOH HOH A . 
E 4 HOH 29  329 62  HOH HOH A . 
E 4 HOH 30  330 55  HOH HOH A . 
E 4 HOH 31  331 8   HOH HOH A . 
E 4 HOH 32  332 41  HOH HOH A . 
E 4 HOH 33  333 30  HOH HOH A . 
E 4 HOH 34  334 12  HOH HOH A . 
E 4 HOH 35  335 28  HOH HOH A . 
E 4 HOH 36  336 34  HOH HOH A . 
E 4 HOH 37  337 113 HOH HOH A . 
E 4 HOH 38  338 46  HOH HOH A . 
E 4 HOH 39  339 116 HOH HOH A . 
E 4 HOH 40  340 31  HOH HOH A . 
E 4 HOH 41  341 47  HOH HOH A . 
E 4 HOH 42  342 11  HOH HOH A . 
E 4 HOH 43  343 84  HOH HOH A . 
E 4 HOH 44  344 104 HOH HOH A . 
E 4 HOH 45  345 20  HOH HOH A . 
E 4 HOH 46  346 108 HOH HOH A . 
E 4 HOH 47  347 24  HOH HOH A . 
E 4 HOH 48  348 33  HOH HOH A . 
E 4 HOH 49  349 67  HOH HOH A . 
E 4 HOH 50  350 61  HOH HOH A . 
E 4 HOH 51  351 50  HOH HOH A . 
E 4 HOH 52  352 4   HOH HOH A . 
E 4 HOH 53  353 91  HOH HOH A . 
E 4 HOH 54  354 17  HOH HOH A . 
E 4 HOH 55  355 82  HOH HOH A . 
E 4 HOH 56  356 42  HOH HOH A . 
E 4 HOH 57  357 44  HOH HOH A . 
E 4 HOH 58  358 101 HOH HOH A . 
E 4 HOH 59  359 6   HOH HOH A . 
E 4 HOH 60  360 39  HOH HOH A . 
E 4 HOH 61  361 98  HOH HOH A . 
E 4 HOH 62  362 40  HOH HOH A . 
E 4 HOH 63  363 26  HOH HOH A . 
E 4 HOH 64  364 10  HOH HOH A . 
E 4 HOH 65  365 51  HOH HOH A . 
E 4 HOH 66  366 16  HOH HOH A . 
E 4 HOH 67  367 114 HOH HOH A . 
E 4 HOH 68  368 2   HOH HOH A . 
E 4 HOH 69  369 74  HOH HOH A . 
E 4 HOH 70  370 3   HOH HOH A . 
E 4 HOH 71  371 89  HOH HOH A . 
E 4 HOH 72  372 99  HOH HOH A . 
E 4 HOH 73  373 117 HOH HOH A . 
E 4 HOH 74  374 80  HOH HOH A . 
E 4 HOH 75  375 35  HOH HOH A . 
E 4 HOH 76  376 92  HOH HOH A . 
E 4 HOH 77  377 23  HOH HOH A . 
E 4 HOH 78  378 96  HOH HOH A . 
E 4 HOH 79  379 53  HOH HOH A . 
E 4 HOH 80  380 56  HOH HOH A . 
E 4 HOH 81  381 38  HOH HOH A . 
E 4 HOH 82  382 14  HOH HOH A . 
E 4 HOH 83  383 76  HOH HOH A . 
E 4 HOH 84  384 77  HOH HOH A . 
E 4 HOH 85  385 32  HOH HOH A . 
E 4 HOH 86  386 49  HOH HOH A . 
E 4 HOH 87  387 73  HOH HOH A . 
E 4 HOH 88  388 64  HOH HOH A . 
E 4 HOH 89  389 115 HOH HOH A . 
E 4 HOH 90  390 87  HOH HOH A . 
E 4 HOH 91  391 122 HOH HOH A . 
E 4 HOH 92  392 43  HOH HOH A . 
E 4 HOH 93  393 65  HOH HOH A . 
E 4 HOH 94  394 109 HOH HOH A . 
E 4 HOH 95  395 52  HOH HOH A . 
E 4 HOH 96  396 100 HOH HOH A . 
E 4 HOH 97  397 126 HOH HOH A . 
E 4 HOH 98  398 121 HOH HOH A . 
E 4 HOH 99  399 119 HOH HOH A . 
E 4 HOH 100 400 58  HOH HOH A . 
E 4 HOH 101 401 90  HOH HOH A . 
E 4 HOH 102 402 57  HOH HOH A . 
E 4 HOH 103 403 110 HOH HOH A . 
E 4 HOH 104 404 112 HOH HOH A . 
E 4 HOH 105 405 13  HOH HOH A . 
E 4 HOH 106 406 120 HOH HOH A . 
E 4 HOH 107 407 93  HOH HOH A . 
E 4 HOH 108 408 63  HOH HOH A . 
E 4 HOH 109 409 68  HOH HOH A . 
E 4 HOH 110 410 107 HOH HOH A . 
E 4 HOH 111 411 85  HOH HOH A . 
E 4 HOH 112 412 125 HOH HOH A . 
E 4 HOH 113 413 123 HOH HOH A . 
E 4 HOH 114 414 27  HOH HOH A . 
E 4 HOH 115 415 102 HOH HOH A . 
E 4 HOH 116 416 88  HOH HOH A . 
E 4 HOH 117 417 45  HOH HOH A . 
E 4 HOH 118 418 60  HOH HOH A . 
E 4 HOH 119 419 124 HOH HOH A . 
E 4 HOH 120 420 105 HOH HOH A . 
E 4 HOH 121 421 81  HOH HOH A . 
E 4 HOH 122 422 94  HOH HOH A . 
E 4 HOH 123 423 72  HOH HOH A . 
E 4 HOH 124 424 111 HOH HOH A . 
E 4 HOH 125 425 97  HOH HOH A . 
E 4 HOH 126 426 86  HOH HOH A . 
# 
_pdbx_struct_assembly.id                   1 
_pdbx_struct_assembly.details              author_defined_assembly 
_pdbx_struct_assembly.method_details       ? 
_pdbx_struct_assembly.oligomeric_details   dimeric 
_pdbx_struct_assembly.oligomeric_count     2 
# 
loop_
_pdbx_struct_assembly_gen.assembly_id 
_pdbx_struct_assembly_gen.oper_expression 
_pdbx_struct_assembly_gen.asym_id_list 
1 1 A,B,C,D,E 
1 2 A,B,C,D,E 
# 
loop_
_pdbx_struct_oper_list.id 
_pdbx_struct_oper_list.type 
_pdbx_struct_oper_list.name 
_pdbx_struct_oper_list.symmetry_operation 
_pdbx_struct_oper_list.matrix[1][1] 
_pdbx_struct_oper_list.matrix[1][2] 
_pdbx_struct_oper_list.matrix[1][3] 
_pdbx_struct_oper_list.vector[1] 
_pdbx_struct_oper_list.matrix[2][1] 
_pdbx_struct_oper_list.matrix[2][2] 
_pdbx_struct_oper_list.matrix[2][3] 
_pdbx_struct_oper_list.vector[2] 
_pdbx_struct_oper_list.matrix[3][1] 
_pdbx_struct_oper_list.matrix[3][2] 
_pdbx_struct_oper_list.matrix[3][3] 
_pdbx_struct_oper_list.vector[3] 
1 'identity operation'         1_555 x,y,z     1.0000000000 0.0000000000  0.0000000000  0.0000000000   0.0000000000  1.0000000000  0.0000000000 0.0000000000   0.0000000000  0.0000000000 1.0000000000  0.0000000000  
2 'crystal symmetry operation' 2_565 -x,-y+1,z 0.0682115395 -0.9910670872 -0.1146002376 -15.2899313764 -0.9910670872 -0.0805061216 0.1063240000 -16.0158101946 -0.1146002376 0.1063240000 -0.9877054179 -4.0151642262 
# 
loop_
_pdbx_struct_special_symmetry.id 
_pdbx_struct_special_symmetry.PDB_model_num 
_pdbx_struct_special_symmetry.auth_asym_id 
_pdbx_struct_special_symmetry.auth_comp_id 
_pdbx_struct_special_symmetry.auth_seq_id 
_pdbx_struct_special_symmetry.PDB_ins_code 
_pdbx_struct_special_symmetry.label_asym_id 
_pdbx_struct_special_symmetry.label_comp_id 
_pdbx_struct_special_symmetry.label_seq_id 
1 1 A HOH 362 ? E HOH . 
2 1 A HOH 374 ? E HOH . 
3 1 A HOH 405 ? E HOH . 
4 1 A HOH 426 ? E HOH . 
# 
loop_
_pdbx_audit_revision_history.ordinal 
_pdbx_audit_revision_history.data_content_type 
_pdbx_audit_revision_history.major_revision 
_pdbx_audit_revision_history.minor_revision 
_pdbx_audit_revision_history.revision_date 
1 'Structure model' 1 0 2021-12-01 
2 'Structure model' 1 1 2022-11-23 
3 'Structure model' 1 2 2023-10-25 
# 
_pdbx_audit_revision_details.ordinal             1 
_pdbx_audit_revision_details.revision_ordinal    1 
_pdbx_audit_revision_details.data_content_type   'Structure model' 
_pdbx_audit_revision_details.provider            repository 
_pdbx_audit_revision_details.type                'Initial release' 
_pdbx_audit_revision_details.description         ? 
_pdbx_audit_revision_details.details             ? 
# 
loop_
_pdbx_audit_revision_group.ordinal 
_pdbx_audit_revision_group.revision_ordinal 
_pdbx_audit_revision_group.data_content_type 
_pdbx_audit_revision_group.group 
1 2 'Structure model' 'Database references'    
2 3 'Structure model' 'Data collection'        
3 3 'Structure model' 'Refinement description' 
# 
loop_
_pdbx_audit_revision_category.ordinal 
_pdbx_audit_revision_category.revision_ordinal 
_pdbx_audit_revision_category.data_content_type 
_pdbx_audit_revision_category.category 
1 2 'Structure model' citation                      
2 2 'Structure model' citation_author               
3 3 'Structure model' chem_comp_atom                
4 3 'Structure model' chem_comp_bond                
5 3 'Structure model' pdbx_initial_refinement_model 
# 
loop_
_pdbx_audit_revision_item.ordinal 
_pdbx_audit_revision_item.revision_ordinal 
_pdbx_audit_revision_item.data_content_type 
_pdbx_audit_revision_item.item 
1  2 'Structure model' '_citation.country'                 
2  2 'Structure model' '_citation.journal_abbrev'          
3  2 'Structure model' '_citation.journal_id_CSD'          
4  2 'Structure model' '_citation.journal_id_ISSN'         
5  2 'Structure model' '_citation.journal_volume'          
6  2 'Structure model' '_citation.page_first'              
7  2 'Structure model' '_citation.page_last'               
8  2 'Structure model' '_citation.pdbx_database_id_DOI'    
9  2 'Structure model' '_citation.pdbx_database_id_PubMed' 
10 2 'Structure model' '_citation.title'                   
11 2 'Structure model' '_citation.year'                    
# 
loop_
_space_group_symop.id 
_space_group_symop.operation_xyz 
1  x,y,z           
2  x,-y,-z         
3  -x,y,-z         
4  -x,-y,z         
5  x,y+1/2,z+1/2   
6  x,-y+1/2,-z+1/2 
7  -x,y+1/2,-z+1/2 
8  -x,-y+1/2,z+1/2 
9  x+1/2,y,z+1/2   
10 x+1/2,-y,-z+1/2 
11 -x+1/2,y,-z+1/2 
12 -x+1/2,-y,z+1/2 
13 x+1/2,y+1/2,z   
14 x+1/2,-y+1/2,-z 
15 -x+1/2,y+1/2,-z 
16 -x+1/2,-y+1/2,z 
# 
loop_
_software.citation_id 
_software.classification 
_software.compiler_name 
_software.compiler_version 
_software.contact_author 
_software.contact_author_email 
_software.date 
_software.description 
_software.dependencies 
_software.hardware 
_software.language 
_software.location 
_software.mods 
_software.name 
_software.os 
_software.os_version 
_software.type 
_software.version 
_software.pdbx_ordinal 
? refinement       ? ? ? ? ? ? ? ? ? ? ? PHENIX  ? ? ? 1.17.1_3660 1 
? 'data reduction' ? ? ? ? ? ? ? ? ? ? ? XDS     ? ? ? .           2 
? 'data scaling'   ? ? ? ? ? ? ? ? ? ? ? Aimless ? ? ? .           3 
? phasing          ? ? ? ? ? ? ? ? ? ? ? PHENIX  ? ? ? .           4 
# 
_pdbx_entry_details.entry_id                 7KIG 
_pdbx_entry_details.has_ligand_of_interest   N 
_pdbx_entry_details.compound_details         ? 
_pdbx_entry_details.source_details           ? 
_pdbx_entry_details.nonpolymer_details       ? 
_pdbx_entry_details.sequence_details         ? 
# 
loop_
_pdbx_validate_close_contact.id 
_pdbx_validate_close_contact.PDB_model_num 
_pdbx_validate_close_contact.auth_atom_id_1 
_pdbx_validate_close_contact.auth_asym_id_1 
_pdbx_validate_close_contact.auth_comp_id_1 
_pdbx_validate_close_contact.auth_seq_id_1 
_pdbx_validate_close_contact.PDB_ins_code_1 
_pdbx_validate_close_contact.label_alt_id_1 
_pdbx_validate_close_contact.auth_atom_id_2 
_pdbx_validate_close_contact.auth_asym_id_2 
_pdbx_validate_close_contact.auth_comp_id_2 
_pdbx_validate_close_contact.auth_seq_id_2 
_pdbx_validate_close_contact.PDB_ins_code_2 
_pdbx_validate_close_contact.label_alt_id_2 
_pdbx_validate_close_contact.dist 
1 1 O4 A SO4 203 ? ? O A HOH 301 ? ? 2.12 
2 1 O  A HOH 395 ? ? O A HOH 418 ? ? 2.16 
3 1 O  A HOH 313 ? ? O A HOH 415 ? ? 2.17 
# 
loop_
_pdbx_validate_symm_contact.id 
_pdbx_validate_symm_contact.PDB_model_num 
_pdbx_validate_symm_contact.auth_atom_id_1 
_pdbx_validate_symm_contact.auth_asym_id_1 
_pdbx_validate_symm_contact.auth_comp_id_1 
_pdbx_validate_symm_contact.auth_seq_id_1 
_pdbx_validate_symm_contact.PDB_ins_code_1 
_pdbx_validate_symm_contact.label_alt_id_1 
_pdbx_validate_symm_contact.site_symmetry_1 
_pdbx_validate_symm_contact.auth_atom_id_2 
_pdbx_validate_symm_contact.auth_asym_id_2 
_pdbx_validate_symm_contact.auth_comp_id_2 
_pdbx_validate_symm_contact.auth_seq_id_2 
_pdbx_validate_symm_contact.PDB_ins_code_2 
_pdbx_validate_symm_contact.label_alt_id_2 
_pdbx_validate_symm_contact.site_symmetry_2 
_pdbx_validate_symm_contact.dist 
1 1 O A HOH 393 ? ? 1_555 O A HOH 393 ? ? 11_555 1.69 
2 1 O A HOH 373 ? ? 1_555 O A HOH 398 ? ? 3_556  1.79 
3 1 O A HOH 371 ? ? 1_555 O A HOH 416 ? ? 14_555 1.84 
4 1 O A HOH 371 ? ? 1_555 O A HOH 371 ? ? 14_555 2.08 
5 1 O A HOH 371 ? ? 1_555 O A HOH 401 ? ? 14_555 2.16 
# 
loop_
_pdbx_validate_torsion.id 
_pdbx_validate_torsion.PDB_model_num 
_pdbx_validate_torsion.auth_comp_id 
_pdbx_validate_torsion.auth_asym_id 
_pdbx_validate_torsion.auth_seq_id 
_pdbx_validate_torsion.PDB_ins_code 
_pdbx_validate_torsion.label_alt_id 
_pdbx_validate_torsion.phi 
_pdbx_validate_torsion.psi 
1 1 VAL A 67 ? A 38.83  53.74  
2 1 GLU A 92 ? ? -40.52 -71.59 
# 
loop_
_pdbx_unobs_or_zero_occ_residues.id 
_pdbx_unobs_or_zero_occ_residues.PDB_model_num 
_pdbx_unobs_or_zero_occ_residues.polymer_flag 
_pdbx_unobs_or_zero_occ_residues.occupancy_flag 
_pdbx_unobs_or_zero_occ_residues.auth_asym_id 
_pdbx_unobs_or_zero_occ_residues.auth_comp_id 
_pdbx_unobs_or_zero_occ_residues.auth_seq_id 
_pdbx_unobs_or_zero_occ_residues.PDB_ins_code 
_pdbx_unobs_or_zero_occ_residues.label_asym_id 
_pdbx_unobs_or_zero_occ_residues.label_comp_id 
_pdbx_unobs_or_zero_occ_residues.label_seq_id 
1  1 Y 1 A MET -23 ? A MET 1   
2  1 Y 1 A HIS -22 ? A HIS 2   
3  1 Y 1 A HIS -21 ? A HIS 3   
4  1 Y 1 A HIS -20 ? A HIS 4   
5  1 Y 1 A HIS -19 ? A HIS 5   
6  1 Y 1 A HIS -18 ? A HIS 6   
7  1 Y 1 A HIS -17 ? A HIS 7   
8  1 Y 1 A SER -16 ? A SER 8   
9  1 Y 1 A SER -15 ? A SER 9   
10 1 Y 1 A GLY -14 ? A GLY 10  
11 1 Y 1 A VAL -13 ? A VAL 11  
12 1 Y 1 A ASP -12 ? A ASP 12  
13 1 Y 1 A LEU -11 ? A LEU 13  
14 1 Y 1 A GLY -10 ? A GLY 14  
15 1 Y 1 A THR -9  ? A THR 15  
16 1 Y 1 A GLU -8  ? A GLU 16  
17 1 Y 1 A ASN -7  ? A ASN 17  
18 1 Y 1 A LEU -6  ? A LEU 18  
19 1 Y 1 A TYR -5  ? A TYR 19  
20 1 Y 1 A PHE -4  ? A PHE 20  
21 1 Y 1 A GLN -3  ? A GLN 21  
22 1 Y 1 A SER -2  ? A SER 22  
23 1 Y 1 A ASN -1  ? A ASN 23  
24 1 Y 1 A ALA 0   ? A ALA 24  
25 1 Y 1 A MET 1   ? A MET 25  
26 1 Y 1 A ALA 2   ? A ALA 26  
27 1 Y 1 A GLU 3   ? A GLU 27  
28 1 Y 1 A GLN 4   ? A GLN 28  
29 1 Y 1 A PRO 5   ? A PRO 29  
30 1 Y 1 A PRO 6   ? A PRO 30  
31 1 Y 1 A GLU 7   ? A GLU 31  
32 1 Y 1 A THR 8   ? A THR 32  
33 1 Y 1 A HIS 9   ? A HIS 33  
34 1 Y 1 A VAL 150 ? A VAL 174 
35 1 Y 1 A PRO 151 ? A PRO 175 
36 1 Y 1 A VAL 152 ? A VAL 176 
37 1 Y 1 A GLU 153 ? A GLU 177 
38 1 Y 1 A GLU 154 ? A GLU 178 
39 1 Y 1 A PRO 155 ? A PRO 179 
40 1 Y 1 A GLU 156 ? A GLU 180 
41 1 Y 1 A GLU 157 ? A GLU 181 
42 1 Y 1 A ASP 158 ? A ASP 182 
# 
loop_
_chem_comp_atom.comp_id 
_chem_comp_atom.atom_id 
_chem_comp_atom.type_symbol 
_chem_comp_atom.pdbx_aromatic_flag 
_chem_comp_atom.pdbx_stereo_config 
_chem_comp_atom.pdbx_ordinal 
3IB N1   N Y N 1   
3IB C2   C Y N 2   
3IB C3   C Y N 3   
3IB C4   C Y N 4   
3IB C5   C Y N 5   
3IB C6   C Y N 6   
3IB C7   C Y N 7   
3IB C8   C Y N 8   
3IB C9   C Y N 9   
3IB C10  C N N 10  
3IB C11  C N N 11  
3IB C12  C N N 12  
3IB C13  C N N 13  
3IB O1   O N N 14  
3IB O2   O N N 15  
3IB HN1  H N N 16  
3IB H2   H N N 17  
3IB H4   H N N 18  
3IB H5   H N N 19  
3IB H6   H N N 20  
3IB H7   H N N 21  
3IB H101 H N N 22  
3IB H102 H N N 23  
3IB H111 H N N 24  
3IB H112 H N N 25  
3IB H121 H N N 26  
3IB H122 H N N 27  
3IB HO1  H N N 28  
ALA N    N N N 29  
ALA CA   C N S 30  
ALA C    C N N 31  
ALA O    O N N 32  
ALA CB   C N N 33  
ALA OXT  O N N 34  
ALA H    H N N 35  
ALA H2   H N N 36  
ALA HA   H N N 37  
ALA HB1  H N N 38  
ALA HB2  H N N 39  
ALA HB3  H N N 40  
ALA HXT  H N N 41  
ARG N    N N N 42  
ARG CA   C N S 43  
ARG C    C N N 44  
ARG O    O N N 45  
ARG CB   C N N 46  
ARG CG   C N N 47  
ARG CD   C N N 48  
ARG NE   N N N 49  
ARG CZ   C N N 50  
ARG NH1  N N N 51  
ARG NH2  N N N 52  
ARG OXT  O N N 53  
ARG H    H N N 54  
ARG H2   H N N 55  
ARG HA   H N N 56  
ARG HB2  H N N 57  
ARG HB3  H N N 58  
ARG HG2  H N N 59  
ARG HG3  H N N 60  
ARG HD2  H N N 61  
ARG HD3  H N N 62  
ARG HE   H N N 63  
ARG HH11 H N N 64  
ARG HH12 H N N 65  
ARG HH21 H N N 66  
ARG HH22 H N N 67  
ARG HXT  H N N 68  
ASN N    N N N 69  
ASN CA   C N S 70  
ASN C    C N N 71  
ASN O    O N N 72  
ASN CB   C N N 73  
ASN CG   C N N 74  
ASN OD1  O N N 75  
ASN ND2  N N N 76  
ASN OXT  O N N 77  
ASN H    H N N 78  
ASN H2   H N N 79  
ASN HA   H N N 80  
ASN HB2  H N N 81  
ASN HB3  H N N 82  
ASN HD21 H N N 83  
ASN HD22 H N N 84  
ASN HXT  H N N 85  
ASP N    N N N 86  
ASP CA   C N S 87  
ASP C    C N N 88  
ASP O    O N N 89  
ASP CB   C N N 90  
ASP CG   C N N 91  
ASP OD1  O N N 92  
ASP OD2  O N N 93  
ASP OXT  O N N 94  
ASP H    H N N 95  
ASP H2   H N N 96  
ASP HA   H N N 97  
ASP HB2  H N N 98  
ASP HB3  H N N 99  
ASP HD2  H N N 100 
ASP HXT  H N N 101 
GLN N    N N N 102 
GLN CA   C N S 103 
GLN C    C N N 104 
GLN O    O N N 105 
GLN CB   C N N 106 
GLN CG   C N N 107 
GLN CD   C N N 108 
GLN OE1  O N N 109 
GLN NE2  N N N 110 
GLN OXT  O N N 111 
GLN H    H N N 112 
GLN H2   H N N 113 
GLN HA   H N N 114 
GLN HB2  H N N 115 
GLN HB3  H N N 116 
GLN HG2  H N N 117 
GLN HG3  H N N 118 
GLN HE21 H N N 119 
GLN HE22 H N N 120 
GLN HXT  H N N 121 
GLU N    N N N 122 
GLU CA   C N S 123 
GLU C    C N N 124 
GLU O    O N N 125 
GLU CB   C N N 126 
GLU CG   C N N 127 
GLU CD   C N N 128 
GLU OE1  O N N 129 
GLU OE2  O N N 130 
GLU OXT  O N N 131 
GLU H    H N N 132 
GLU H2   H N N 133 
GLU HA   H N N 134 
GLU HB2  H N N 135 
GLU HB3  H N N 136 
GLU HG2  H N N 137 
GLU HG3  H N N 138 
GLU HE2  H N N 139 
GLU HXT  H N N 140 
GLY N    N N N 141 
GLY CA   C N N 142 
GLY C    C N N 143 
GLY O    O N N 144 
GLY OXT  O N N 145 
GLY H    H N N 146 
GLY H2   H N N 147 
GLY HA2  H N N 148 
GLY HA3  H N N 149 
GLY HXT  H N N 150 
HIS N    N N N 151 
HIS CA   C N S 152 
HIS C    C N N 153 
HIS O    O N N 154 
HIS CB   C N N 155 
HIS CG   C Y N 156 
HIS ND1  N Y N 157 
HIS CD2  C Y N 158 
HIS CE1  C Y N 159 
HIS NE2  N Y N 160 
HIS OXT  O N N 161 
HIS H    H N N 162 
HIS H2   H N N 163 
HIS HA   H N N 164 
HIS HB2  H N N 165 
HIS HB3  H N N 166 
HIS HD1  H N N 167 
HIS HD2  H N N 168 
HIS HE1  H N N 169 
HIS HE2  H N N 170 
HIS HXT  H N N 171 
HOH O    O N N 172 
HOH H1   H N N 173 
HOH H2   H N N 174 
ILE N    N N N 175 
ILE CA   C N S 176 
ILE C    C N N 177 
ILE O    O N N 178 
ILE CB   C N S 179 
ILE CG1  C N N 180 
ILE CG2  C N N 181 
ILE CD1  C N N 182 
ILE OXT  O N N 183 
ILE H    H N N 184 
ILE H2   H N N 185 
ILE HA   H N N 186 
ILE HB   H N N 187 
ILE HG12 H N N 188 
ILE HG13 H N N 189 
ILE HG21 H N N 190 
ILE HG22 H N N 191 
ILE HG23 H N N 192 
ILE HD11 H N N 193 
ILE HD12 H N N 194 
ILE HD13 H N N 195 
ILE HXT  H N N 196 
LEU N    N N N 197 
LEU CA   C N S 198 
LEU C    C N N 199 
LEU O    O N N 200 
LEU CB   C N N 201 
LEU CG   C N N 202 
LEU CD1  C N N 203 
LEU CD2  C N N 204 
LEU OXT  O N N 205 
LEU H    H N N 206 
LEU H2   H N N 207 
LEU HA   H N N 208 
LEU HB2  H N N 209 
LEU HB3  H N N 210 
LEU HG   H N N 211 
LEU HD11 H N N 212 
LEU HD12 H N N 213 
LEU HD13 H N N 214 
LEU HD21 H N N 215 
LEU HD22 H N N 216 
LEU HD23 H N N 217 
LEU HXT  H N N 218 
LYS N    N N N 219 
LYS CA   C N S 220 
LYS C    C N N 221 
LYS O    O N N 222 
LYS CB   C N N 223 
LYS CG   C N N 224 
LYS CD   C N N 225 
LYS CE   C N N 226 
LYS NZ   N N N 227 
LYS OXT  O N N 228 
LYS H    H N N 229 
LYS H2   H N N 230 
LYS HA   H N N 231 
LYS HB2  H N N 232 
LYS HB3  H N N 233 
LYS HG2  H N N 234 
LYS HG3  H N N 235 
LYS HD2  H N N 236 
LYS HD3  H N N 237 
LYS HE2  H N N 238 
LYS HE3  H N N 239 
LYS HZ1  H N N 240 
LYS HZ2  H N N 241 
LYS HZ3  H N N 242 
LYS HXT  H N N 243 
MET N    N N N 244 
MET CA   C N S 245 
MET C    C N N 246 
MET O    O N N 247 
MET CB   C N N 248 
MET CG   C N N 249 
MET SD   S N N 250 
MET CE   C N N 251 
MET OXT  O N N 252 
MET H    H N N 253 
MET H2   H N N 254 
MET HA   H N N 255 
MET HB2  H N N 256 
MET HB3  H N N 257 
MET HG2  H N N 258 
MET HG3  H N N 259 
MET HE1  H N N 260 
MET HE2  H N N 261 
MET HE3  H N N 262 
MET HXT  H N N 263 
PHE N    N N N 264 
PHE CA   C N S 265 
PHE C    C N N 266 
PHE O    O N N 267 
PHE CB   C N N 268 
PHE CG   C Y N 269 
PHE CD1  C Y N 270 
PHE CD2  C Y N 271 
PHE CE1  C Y N 272 
PHE CE2  C Y N 273 
PHE CZ   C Y N 274 
PHE OXT  O N N 275 
PHE H    H N N 276 
PHE H2   H N N 277 
PHE HA   H N N 278 
PHE HB2  H N N 279 
PHE HB3  H N N 280 
PHE HD1  H N N 281 
PHE HD2  H N N 282 
PHE HE1  H N N 283 
PHE HE2  H N N 284 
PHE HZ   H N N 285 
PHE HXT  H N N 286 
PRO N    N N N 287 
PRO CA   C N S 288 
PRO C    C N N 289 
PRO O    O N N 290 
PRO CB   C N N 291 
PRO CG   C N N 292 
PRO CD   C N N 293 
PRO OXT  O N N 294 
PRO H    H N N 295 
PRO HA   H N N 296 
PRO HB2  H N N 297 
PRO HB3  H N N 298 
PRO HG2  H N N 299 
PRO HG3  H N N 300 
PRO HD2  H N N 301 
PRO HD3  H N N 302 
PRO HXT  H N N 303 
SER N    N N N 304 
SER CA   C N S 305 
SER C    C N N 306 
SER O    O N N 307 
SER CB   C N N 308 
SER OG   O N N 309 
SER OXT  O N N 310 
SER H    H N N 311 
SER H2   H N N 312 
SER HA   H N N 313 
SER HB2  H N N 314 
SER HB3  H N N 315 
SER HG   H N N 316 
SER HXT  H N N 317 
SO4 S    S N N 318 
SO4 O1   O N N 319 
SO4 O2   O N N 320 
SO4 O3   O N N 321 
SO4 O4   O N N 322 
THR N    N N N 323 
THR CA   C N S 324 
THR C    C N N 325 
THR O    O N N 326 
THR CB   C N R 327 
THR OG1  O N N 328 
THR CG2  C N N 329 
THR OXT  O N N 330 
THR H    H N N 331 
THR H2   H N N 332 
THR HA   H N N 333 
THR HB   H N N 334 
THR HG1  H N N 335 
THR HG21 H N N 336 
THR HG22 H N N 337 
THR HG23 H N N 338 
THR HXT  H N N 339 
TRP N    N N N 340 
TRP CA   C N S 341 
TRP C    C N N 342 
TRP O    O N N 343 
TRP CB   C N N 344 
TRP CG   C Y N 345 
TRP CD1  C Y N 346 
TRP CD2  C Y N 347 
TRP NE1  N Y N 348 
TRP CE2  C Y N 349 
TRP CE3  C Y N 350 
TRP CZ2  C Y N 351 
TRP CZ3  C Y N 352 
TRP CH2  C Y N 353 
TRP OXT  O N N 354 
TRP H    H N N 355 
TRP H2   H N N 356 
TRP HA   H N N 357 
TRP HB2  H N N 358 
TRP HB3  H N N 359 
TRP HD1  H N N 360 
TRP HE1  H N N 361 
TRP HE3  H N N 362 
TRP HZ2  H N N 363 
TRP HZ3  H N N 364 
TRP HH2  H N N 365 
TRP HXT  H N N 366 
TYR N    N N N 367 
TYR CA   C N S 368 
TYR C    C N N 369 
TYR O    O N N 370 
TYR CB   C N N 371 
TYR CG   C Y N 372 
TYR CD1  C Y N 373 
TYR CD2  C Y N 374 
TYR CE1  C Y N 375 
TYR CE2  C Y N 376 
TYR CZ   C Y N 377 
TYR OH   O N N 378 
TYR OXT  O N N 379 
TYR H    H N N 380 
TYR H2   H N N 381 
TYR HA   H N N 382 
TYR HB2  H N N 383 
TYR HB3  H N N 384 
TYR HD1  H N N 385 
TYR HD2  H N N 386 
TYR HE1  H N N 387 
TYR HE2  H N N 388 
TYR HH   H N N 389 
TYR HXT  H N N 390 
VAL N    N N N 391 
VAL CA   C N S 392 
VAL C    C N N 393 
VAL O    O N N 394 
VAL CB   C N N 395 
VAL CG1  C N N 396 
VAL CG2  C N N 397 
VAL OXT  O N N 398 
VAL H    H N N 399 
VAL H2   H N N 400 
VAL HA   H N N 401 
VAL HB   H N N 402 
VAL HG11 H N N 403 
VAL HG12 H N N 404 
VAL HG13 H N N 405 
VAL HG21 H N N 406 
VAL HG22 H N N 407 
VAL HG23 H N N 408 
VAL HXT  H N N 409 
# 
loop_
_chem_comp_bond.comp_id 
_chem_comp_bond.atom_id_1 
_chem_comp_bond.atom_id_2 
_chem_comp_bond.value_order 
_chem_comp_bond.pdbx_aromatic_flag 
_chem_comp_bond.pdbx_stereo_config 
_chem_comp_bond.pdbx_ordinal 
3IB N1  C2   sing Y N 1   
3IB N1  C8   sing Y N 2   
3IB N1  HN1  sing N N 3   
3IB C2  C3   doub Y N 4   
3IB C2  H2   sing N N 5   
3IB C3  C9   sing Y N 6   
3IB C3  C10  sing N N 7   
3IB C4  C5   doub Y N 8   
3IB C4  C9   sing Y N 9   
3IB C4  H4   sing N N 10  
3IB C5  C6   sing Y N 11  
3IB C5  H5   sing N N 12  
3IB C6  C7   doub Y N 13  
3IB C6  H6   sing N N 14  
3IB C7  C8   sing Y N 15  
3IB C7  H7   sing N N 16  
3IB C8  C9   doub Y N 17  
3IB C10 C11  sing N N 18  
3IB C10 H101 sing N N 19  
3IB C10 H102 sing N N 20  
3IB C11 C12  sing N N 21  
3IB C11 H111 sing N N 22  
3IB C11 H112 sing N N 23  
3IB C12 C13  sing N N 24  
3IB C12 H121 sing N N 25  
3IB C12 H122 sing N N 26  
3IB C13 O1   sing N N 27  
3IB C13 O2   doub N N 28  
3IB O1  HO1  sing N N 29  
ALA N   CA   sing N N 30  
ALA N   H    sing N N 31  
ALA N   H2   sing N N 32  
ALA CA  C    sing N N 33  
ALA CA  CB   sing N N 34  
ALA CA  HA   sing N N 35  
ALA C   O    doub N N 36  
ALA C   OXT  sing N N 37  
ALA CB  HB1  sing N N 38  
ALA CB  HB2  sing N N 39  
ALA CB  HB3  sing N N 40  
ALA OXT HXT  sing N N 41  
ARG N   CA   sing N N 42  
ARG N   H    sing N N 43  
ARG N   H2   sing N N 44  
ARG CA  C    sing N N 45  
ARG CA  CB   sing N N 46  
ARG CA  HA   sing N N 47  
ARG C   O    doub N N 48  
ARG C   OXT  sing N N 49  
ARG CB  CG   sing N N 50  
ARG CB  HB2  sing N N 51  
ARG CB  HB3  sing N N 52  
ARG CG  CD   sing N N 53  
ARG CG  HG2  sing N N 54  
ARG CG  HG3  sing N N 55  
ARG CD  NE   sing N N 56  
ARG CD  HD2  sing N N 57  
ARG CD  HD3  sing N N 58  
ARG NE  CZ   sing N N 59  
ARG NE  HE   sing N N 60  
ARG CZ  NH1  sing N N 61  
ARG CZ  NH2  doub N N 62  
ARG NH1 HH11 sing N N 63  
ARG NH1 HH12 sing N N 64  
ARG NH2 HH21 sing N N 65  
ARG NH2 HH22 sing N N 66  
ARG OXT HXT  sing N N 67  
ASN N   CA   sing N N 68  
ASN N   H    sing N N 69  
ASN N   H2   sing N N 70  
ASN CA  C    sing N N 71  
ASN CA  CB   sing N N 72  
ASN CA  HA   sing N N 73  
ASN C   O    doub N N 74  
ASN C   OXT  sing N N 75  
ASN CB  CG   sing N N 76  
ASN CB  HB2  sing N N 77  
ASN CB  HB3  sing N N 78  
ASN CG  OD1  doub N N 79  
ASN CG  ND2  sing N N 80  
ASN ND2 HD21 sing N N 81  
ASN ND2 HD22 sing N N 82  
ASN OXT HXT  sing N N 83  
ASP N   CA   sing N N 84  
ASP N   H    sing N N 85  
ASP N   H2   sing N N 86  
ASP CA  C    sing N N 87  
ASP CA  CB   sing N N 88  
ASP CA  HA   sing N N 89  
ASP C   O    doub N N 90  
ASP C   OXT  sing N N 91  
ASP CB  CG   sing N N 92  
ASP CB  HB2  sing N N 93  
ASP CB  HB3  sing N N 94  
ASP CG  OD1  doub N N 95  
ASP CG  OD2  sing N N 96  
ASP OD2 HD2  sing N N 97  
ASP OXT HXT  sing N N 98  
GLN N   CA   sing N N 99  
GLN N   H    sing N N 100 
GLN N   H2   sing N N 101 
GLN CA  C    sing N N 102 
GLN CA  CB   sing N N 103 
GLN CA  HA   sing N N 104 
GLN C   O    doub N N 105 
GLN C   OXT  sing N N 106 
GLN CB  CG   sing N N 107 
GLN CB  HB2  sing N N 108 
GLN CB  HB3  sing N N 109 
GLN CG  CD   sing N N 110 
GLN CG  HG2  sing N N 111 
GLN CG  HG3  sing N N 112 
GLN CD  OE1  doub N N 113 
GLN CD  NE2  sing N N 114 
GLN NE2 HE21 sing N N 115 
GLN NE2 HE22 sing N N 116 
GLN OXT HXT  sing N N 117 
GLU N   CA   sing N N 118 
GLU N   H    sing N N 119 
GLU N   H2   sing N N 120 
GLU CA  C    sing N N 121 
GLU CA  CB   sing N N 122 
GLU CA  HA   sing N N 123 
GLU C   O    doub N N 124 
GLU C   OXT  sing N N 125 
GLU CB  CG   sing N N 126 
GLU CB  HB2  sing N N 127 
GLU CB  HB3  sing N N 128 
GLU CG  CD   sing N N 129 
GLU CG  HG2  sing N N 130 
GLU CG  HG3  sing N N 131 
GLU CD  OE1  doub N N 132 
GLU CD  OE2  sing N N 133 
GLU OE2 HE2  sing N N 134 
GLU OXT HXT  sing N N 135 
GLY N   CA   sing N N 136 
GLY N   H    sing N N 137 
GLY N   H2   sing N N 138 
GLY CA  C    sing N N 139 
GLY CA  HA2  sing N N 140 
GLY CA  HA3  sing N N 141 
GLY C   O    doub N N 142 
GLY C   OXT  sing N N 143 
GLY OXT HXT  sing N N 144 
HIS N   CA   sing N N 145 
HIS N   H    sing N N 146 
HIS N   H2   sing N N 147 
HIS CA  C    sing N N 148 
HIS CA  CB   sing N N 149 
HIS CA  HA   sing N N 150 
HIS C   O    doub N N 151 
HIS C   OXT  sing N N 152 
HIS CB  CG   sing N N 153 
HIS CB  HB2  sing N N 154 
HIS CB  HB3  sing N N 155 
HIS CG  ND1  sing Y N 156 
HIS CG  CD2  doub Y N 157 
HIS ND1 CE1  doub Y N 158 
HIS ND1 HD1  sing N N 159 
HIS CD2 NE2  sing Y N 160 
HIS CD2 HD2  sing N N 161 
HIS CE1 NE2  sing Y N 162 
HIS CE1 HE1  sing N N 163 
HIS NE2 HE2  sing N N 164 
HIS OXT HXT  sing N N 165 
HOH O   H1   sing N N 166 
HOH O   H2   sing N N 167 
ILE N   CA   sing N N 168 
ILE N   H    sing N N 169 
ILE N   H2   sing N N 170 
ILE CA  C    sing N N 171 
ILE CA  CB   sing N N 172 
ILE CA  HA   sing N N 173 
ILE C   O    doub N N 174 
ILE C   OXT  sing N N 175 
ILE CB  CG1  sing N N 176 
ILE CB  CG2  sing N N 177 
ILE CB  HB   sing N N 178 
ILE CG1 CD1  sing N N 179 
ILE CG1 HG12 sing N N 180 
ILE CG1 HG13 sing N N 181 
ILE CG2 HG21 sing N N 182 
ILE CG2 HG22 sing N N 183 
ILE CG2 HG23 sing N N 184 
ILE CD1 HD11 sing N N 185 
ILE CD1 HD12 sing N N 186 
ILE CD1 HD13 sing N N 187 
ILE OXT HXT  sing N N 188 
LEU N   CA   sing N N 189 
LEU N   H    sing N N 190 
LEU N   H2   sing N N 191 
LEU CA  C    sing N N 192 
LEU CA  CB   sing N N 193 
LEU CA  HA   sing N N 194 
LEU C   O    doub N N 195 
LEU C   OXT  sing N N 196 
LEU CB  CG   sing N N 197 
LEU CB  HB2  sing N N 198 
LEU CB  HB3  sing N N 199 
LEU CG  CD1  sing N N 200 
LEU CG  CD2  sing N N 201 
LEU CG  HG   sing N N 202 
LEU CD1 HD11 sing N N 203 
LEU CD1 HD12 sing N N 204 
LEU CD1 HD13 sing N N 205 
LEU CD2 HD21 sing N N 206 
LEU CD2 HD22 sing N N 207 
LEU CD2 HD23 sing N N 208 
LEU OXT HXT  sing N N 209 
LYS N   CA   sing N N 210 
LYS N   H    sing N N 211 
LYS N   H2   sing N N 212 
LYS CA  C    sing N N 213 
LYS CA  CB   sing N N 214 
LYS CA  HA   sing N N 215 
LYS C   O    doub N N 216 
LYS C   OXT  sing N N 217 
LYS CB  CG   sing N N 218 
LYS CB  HB2  sing N N 219 
LYS CB  HB3  sing N N 220 
LYS CG  CD   sing N N 221 
LYS CG  HG2  sing N N 222 
LYS CG  HG3  sing N N 223 
LYS CD  CE   sing N N 224 
LYS CD  HD2  sing N N 225 
LYS CD  HD3  sing N N 226 
LYS CE  NZ   sing N N 227 
LYS CE  HE2  sing N N 228 
LYS CE  HE3  sing N N 229 
LYS NZ  HZ1  sing N N 230 
LYS NZ  HZ2  sing N N 231 
LYS NZ  HZ3  sing N N 232 
LYS OXT HXT  sing N N 233 
MET N   CA   sing N N 234 
MET N   H    sing N N 235 
MET N   H2   sing N N 236 
MET CA  C    sing N N 237 
MET CA  CB   sing N N 238 
MET CA  HA   sing N N 239 
MET C   O    doub N N 240 
MET C   OXT  sing N N 241 
MET CB  CG   sing N N 242 
MET CB  HB2  sing N N 243 
MET CB  HB3  sing N N 244 
MET CG  SD   sing N N 245 
MET CG  HG2  sing N N 246 
MET CG  HG3  sing N N 247 
MET SD  CE   sing N N 248 
MET CE  HE1  sing N N 249 
MET CE  HE2  sing N N 250 
MET CE  HE3  sing N N 251 
MET OXT HXT  sing N N 252 
PHE N   CA   sing N N 253 
PHE N   H    sing N N 254 
PHE N   H2   sing N N 255 
PHE CA  C    sing N N 256 
PHE CA  CB   sing N N 257 
PHE CA  HA   sing N N 258 
PHE C   O    doub N N 259 
PHE C   OXT  sing N N 260 
PHE CB  CG   sing N N 261 
PHE CB  HB2  sing N N 262 
PHE CB  HB3  sing N N 263 
PHE CG  CD1  doub Y N 264 
PHE CG  CD2  sing Y N 265 
PHE CD1 CE1  sing Y N 266 
PHE CD1 HD1  sing N N 267 
PHE CD2 CE2  doub Y N 268 
PHE CD2 HD2  sing N N 269 
PHE CE1 CZ   doub Y N 270 
PHE CE1 HE1  sing N N 271 
PHE CE2 CZ   sing Y N 272 
PHE CE2 HE2  sing N N 273 
PHE CZ  HZ   sing N N 274 
PHE OXT HXT  sing N N 275 
PRO N   CA   sing N N 276 
PRO N   CD   sing N N 277 
PRO N   H    sing N N 278 
PRO CA  C    sing N N 279 
PRO CA  CB   sing N N 280 
PRO CA  HA   sing N N 281 
PRO C   O    doub N N 282 
PRO C   OXT  sing N N 283 
PRO CB  CG   sing N N 284 
PRO CB  HB2  sing N N 285 
PRO CB  HB3  sing N N 286 
PRO CG  CD   sing N N 287 
PRO CG  HG2  sing N N 288 
PRO CG  HG3  sing N N 289 
PRO CD  HD2  sing N N 290 
PRO CD  HD3  sing N N 291 
PRO OXT HXT  sing N N 292 
SER N   CA   sing N N 293 
SER N   H    sing N N 294 
SER N   H2   sing N N 295 
SER CA  C    sing N N 296 
SER CA  CB   sing N N 297 
SER CA  HA   sing N N 298 
SER C   O    doub N N 299 
SER C   OXT  sing N N 300 
SER CB  OG   sing N N 301 
SER CB  HB2  sing N N 302 
SER CB  HB3  sing N N 303 
SER OG  HG   sing N N 304 
SER OXT HXT  sing N N 305 
SO4 S   O1   doub N N 306 
SO4 S   O2   doub N N 307 
SO4 S   O3   sing N N 308 
SO4 S   O4   sing N N 309 
THR N   CA   sing N N 310 
THR N   H    sing N N 311 
THR N   H2   sing N N 312 
THR CA  C    sing N N 313 
THR CA  CB   sing N N 314 
THR CA  HA   sing N N 315 
THR C   O    doub N N 316 
THR C   OXT  sing N N 317 
THR CB  OG1  sing N N 318 
THR CB  CG2  sing N N 319 
THR CB  HB   sing N N 320 
THR OG1 HG1  sing N N 321 
THR CG2 HG21 sing N N 322 
THR CG2 HG22 sing N N 323 
THR CG2 HG23 sing N N 324 
THR OXT HXT  sing N N 325 
TRP N   CA   sing N N 326 
TRP N   H    sing N N 327 
TRP N   H2   sing N N 328 
TRP CA  C    sing N N 329 
TRP CA  CB   sing N N 330 
TRP CA  HA   sing N N 331 
TRP C   O    doub N N 332 
TRP C   OXT  sing N N 333 
TRP CB  CG   sing N N 334 
TRP CB  HB2  sing N N 335 
TRP CB  HB3  sing N N 336 
TRP CG  CD1  doub Y N 337 
TRP CG  CD2  sing Y N 338 
TRP CD1 NE1  sing Y N 339 
TRP CD1 HD1  sing N N 340 
TRP CD2 CE2  doub Y N 341 
TRP CD2 CE3  sing Y N 342 
TRP NE1 CE2  sing Y N 343 
TRP NE1 HE1  sing N N 344 
TRP CE2 CZ2  sing Y N 345 
TRP CE3 CZ3  doub Y N 346 
TRP CE3 HE3  sing N N 347 
TRP CZ2 CH2  doub Y N 348 
TRP CZ2 HZ2  sing N N 349 
TRP CZ3 CH2  sing Y N 350 
TRP CZ3 HZ3  sing N N 351 
TRP CH2 HH2  sing N N 352 
TRP OXT HXT  sing N N 353 
TYR N   CA   sing N N 354 
TYR N   H    sing N N 355 
TYR N   H2   sing N N 356 
TYR CA  C    sing N N 357 
TYR CA  CB   sing N N 358 
TYR CA  HA   sing N N 359 
TYR C   O    doub N N 360 
TYR C   OXT  sing N N 361 
TYR CB  CG   sing N N 362 
TYR CB  HB2  sing N N 363 
TYR CB  HB3  sing N N 364 
TYR CG  CD1  doub Y N 365 
TYR CG  CD2  sing Y N 366 
TYR CD1 CE1  sing Y N 367 
TYR CD1 HD1  sing N N 368 
TYR CD2 CE2  doub Y N 369 
TYR CD2 HD2  sing N N 370 
TYR CE1 CZ   doub Y N 371 
TYR CE1 HE1  sing N N 372 
TYR CE2 CZ   sing Y N 373 
TYR CE2 HE2  sing N N 374 
TYR CZ  OH   sing N N 375 
TYR OH  HH   sing N N 376 
TYR OXT HXT  sing N N 377 
VAL N   CA   sing N N 378 
VAL N   H    sing N N 379 
VAL N   H2   sing N N 380 
VAL CA  C    sing N N 381 
VAL CA  CB   sing N N 382 
VAL CA  HA   sing N N 383 
VAL C   O    doub N N 384 
VAL C   OXT  sing N N 385 
VAL CB  CG1  sing N N 386 
VAL CB  CG2  sing N N 387 
VAL CB  HB   sing N N 388 
VAL CG1 HG11 sing N N 389 
VAL CG1 HG12 sing N N 390 
VAL CG1 HG13 sing N N 391 
VAL CG2 HG21 sing N N 392 
VAL CG2 HG22 sing N N 393 
VAL CG2 HG23 sing N N 394 
VAL OXT HXT  sing N N 395 
# 
_pdbx_audit_support.funding_organization   'National Science Foundation (NSF, United States)' 
_pdbx_audit_support.country                'United States' 
_pdbx_audit_support.grant_number           IOS-1917270 
_pdbx_audit_support.ordinal                1 
# 
loop_
_pdbx_entity_nonpoly.entity_id 
_pdbx_entity_nonpoly.name 
_pdbx_entity_nonpoly.comp_id 
2 '3-INDOLEBUTYRIC ACID' 3IB 
3 'SULFATE ION'          SO4 
4 water                  HOH 
# 
_pdbx_initial_refinement_model.id               1 
_pdbx_initial_refinement_model.entity_id_list   ? 
_pdbx_initial_refinement_model.type             'experimental model' 
_pdbx_initial_refinement_model.source_name      PDB 
_pdbx_initial_refinement_model.accession_code   7KFO 
_pdbx_initial_refinement_model.details          ? 
# 
_pdbx_struct_assembly_auth_evidence.id                     1 
_pdbx_struct_assembly_auth_evidence.assembly_id            1 
_pdbx_struct_assembly_auth_evidence.experimental_support   'gel filtration' 
_pdbx_struct_assembly_auth_evidence.details                ? 
# 
_space_group.name_H-M_alt     'F 2 2 2' 
_space_group.name_Hall        'F 2 2' 
_space_group.IT_number        22 
_space_group.crystal_system   orthorhombic 
_space_group.id               1 
# 
